data_7OIU
#
_entry.id   7OIU
#
_cell.length_a   1.00
_cell.length_b   1.00
_cell.length_c   1.00
_cell.angle_alpha   90.00
_cell.angle_beta   90.00
_cell.angle_gamma   90.00
#
_symmetry.space_group_name_H-M   'P 1'
#
loop_
_entity.id
_entity.type
_entity.pdbx_description
1 polymer 'TrwM protein'
2 polymer 'TrwK protein'
3 polymer 'TrwG protein'
#
loop_
_entity_poly.entity_id
_entity_poly.type
_entity_poly.pdbx_seq_one_letter_code
_entity_poly.pdbx_strand_id
1 'polypeptide(L)'
;MKPPQQQHEAFPLFKGATRLPTIWGVPMIPLMAMVMGVAVIALTVSIWWWALVPPLWFIMAQITKNDDKAFRIWWLWIDT
KFRNRNKGFWGASSYSPANYRKRR
;
C
2 'polypeptide(L)'
;MGAIESRKLLASETPVGQFIPYSHHVTDTIISTKNAEYLSVWKIDGRSHQSASEADVFQWIRELNNTLRGISSANLSLWT
HIVRRRVYEYPDAEFDNVFCRQLDEKYRESFTGYNLMVNDLYLTVVYRPVSDKVLSFFAKRERETPDQKKHRQESCIKAL
EDINRTLGQSFKRYGAELLSVYEKGGHAFSAPLEFLARLVNGEHIPMPICRDRFSDYMAVNRPMFSKWGEVGELRSLTGL
RRFGMLEIREYDDATEPGQLNVLLESDYEFVLTHSFSVLSRPAAKEYLQRHQKNLIDARDVATDQIEEIDEALNQLISGH
FVMGEHHCTLTVYGETVQQVRDNLAHASAAMLDVAVLPKPVDLALEAGYWAQLPANWQWRPRPAPITSLNFLSFSPFHNF
MSGKPTGNPWGPAVTILKTVSGTPLYFNFHASKEEEDATDKRLLGNTMLIGQSSSGKTVLLGFLLAQAQKFKPTIVAFDK
DRGMEISIRAMGGRYLPLKTGEPSGFNPFQLPPTHANLIFLKQFVKKLAAAGGEVTHRDEEEIDQAITAMMSDSIDKSLR
RLSLLLQFLPNPRSDDMDARPTVHARLVKWCEGGDYGWLFDNPTDALDLSTHQIYGFDITEFLDNPEARTPVMMYLLYRT
ESMIDGRRFMYVFDEFWKPLQDEYFEDLAKNKQKTIRKQNGIFVFATQEPSDALESNIAKTLIQQCATYIFLANPKADYE
DYTQGFKLTDSEFELVRGLGEFSRRFLIKQGDQSALAEMNLGKFRTIVDGETVERDFDDELLVLSGTPDNAEIAESIIAE
VGDDPAVWLPIFLDRVKAERSDV
;
A,B
3 'polypeptide(L)'
;MSKKQPKPVKAEQLKSYYEESRGLERDLIGEFVKSRKTAWRVATASGLFGLLGMVCGIVGFSQPAPAPLVLRVDNATGAV
DVVTTLREHESSYGEVVDTYWLNQYVLNREAYDYNTIQMNYDTTALLSAPAVQQDYYKLFDGSNARDRVLGNKARITVRV
RSIQPNGRGQATVRFTTQQHNSNGTVEAPQHQIATIGYTYIGAPMRSSDRLLNPLGFQVTSYRADPEILNN
;
D,E,F
#
# COMPACT_ATOMS: atom_id res chain seq x y z
N MET A 1 -12.77 3.32 39.72
CA MET A 1 -12.37 4.66 39.31
C MET A 1 -10.86 4.77 39.18
N LYS A 2 -10.14 4.18 40.14
CA LYS A 2 -8.69 4.24 40.15
C LYS A 2 -8.14 3.11 41.00
N PRO A 3 -7.07 2.46 40.55
CA PRO A 3 -6.40 1.47 41.40
C PRO A 3 -5.71 2.15 42.58
N PRO A 4 -5.53 3.46 42.51
CA PRO A 4 -4.92 4.17 43.65
C PRO A 4 -5.78 4.03 44.90
N GLN A 5 -5.12 3.97 46.04
CA GLN A 5 -5.80 3.81 47.31
C GLN A 5 -5.04 4.53 48.41
N GLN A 6 -5.78 5.00 49.40
CA GLN A 6 -5.20 5.71 50.55
C GLN A 6 -4.67 4.69 51.54
N GLN A 7 -3.38 4.40 51.46
CA GLN A 7 -2.75 3.43 52.34
C GLN A 7 -1.43 4.00 52.86
N HIS A 8 -1.09 3.64 54.09
CA HIS A 8 0.19 4.01 54.67
C HIS A 8 1.31 3.05 54.30
N GLU A 9 0.99 1.93 53.65
CA GLU A 9 2.00 0.99 53.17
C GLU A 9 2.70 1.63 51.97
N ALA A 10 3.63 2.53 52.28
CA ALA A 10 4.17 3.44 51.29
C ALA A 10 5.65 3.23 51.11
N PHE A 11 6.13 3.57 49.91
CA PHE A 11 7.56 3.59 49.60
C PHE A 11 7.99 5.04 49.52
N PRO A 12 8.40 5.65 50.63
CA PRO A 12 8.67 7.08 50.63
C PRO A 12 9.73 7.46 49.60
N LEU A 13 9.55 8.65 48.99
CA LEU A 13 10.54 9.13 48.04
C LEU A 13 11.68 9.85 48.75
N PHE A 14 11.43 10.33 49.97
CA PHE A 14 12.31 11.11 50.82
C PHE A 14 12.46 12.55 50.33
N LYS A 15 11.88 12.91 49.19
CA LYS A 15 11.98 14.25 48.61
C LYS A 15 13.44 14.67 48.44
N GLY A 16 14.27 13.74 47.98
CA GLY A 16 15.61 14.09 47.56
C GLY A 16 15.65 14.71 46.18
N ALA A 17 14.50 14.82 45.51
CA ALA A 17 14.44 15.45 44.20
C ALA A 17 14.47 16.97 44.32
N THR A 18 14.35 17.49 45.54
CA THR A 18 14.57 18.92 45.75
C THR A 18 16.04 19.24 45.96
N ARG A 19 16.79 18.30 46.53
CA ARG A 19 18.19 18.53 46.86
C ARG A 19 19.08 18.04 45.71
N LEU A 20 18.83 18.60 44.54
CA LEU A 20 19.63 18.35 43.36
C LEU A 20 20.96 19.06 43.48
N PRO A 21 21.97 18.67 42.68
CA PRO A 21 23.34 19.15 42.93
C PRO A 21 23.41 20.68 42.94
N THR A 22 24.16 21.20 43.90
CA THR A 22 24.40 22.62 44.04
C THR A 22 25.66 22.83 44.85
N ILE A 23 26.29 23.98 44.70
CA ILE A 23 27.53 24.30 45.40
C ILE A 23 27.38 25.51 46.31
N TRP A 24 26.90 26.62 45.78
CA TRP A 24 26.67 27.84 46.55
C TRP A 24 25.26 28.32 46.33
N GLY A 25 24.30 27.39 46.33
CA GLY A 25 22.92 27.70 46.05
C GLY A 25 22.53 27.59 44.60
N VAL A 26 23.48 27.34 43.70
CA VAL A 26 23.18 27.23 42.28
C VAL A 26 23.87 26.00 41.70
N PRO A 27 23.32 25.41 40.65
CA PRO A 27 24.07 24.37 39.92
C PRO A 27 25.32 24.97 39.30
N MET A 28 26.36 24.16 39.20
CA MET A 28 27.66 24.69 38.78
C MET A 28 27.65 25.12 37.33
N ILE A 29 26.93 24.40 36.47
CA ILE A 29 26.95 24.71 35.04
C ILE A 29 26.40 26.10 34.75
N PRO A 30 25.21 26.48 35.22
CA PRO A 30 24.79 27.88 35.02
C PRO A 30 25.72 28.86 35.69
N LEU A 31 26.29 28.49 36.85
CA LEU A 31 27.25 29.36 37.51
C LEU A 31 28.54 29.44 36.71
N MET A 32 28.89 28.37 35.99
CA MET A 32 30.00 28.46 35.05
C MET A 32 29.71 29.49 33.98
N ALA A 33 28.48 29.54 33.49
CA ALA A 33 28.10 30.57 32.53
C ALA A 33 28.18 31.96 33.15
N MET A 34 27.79 32.08 34.42
CA MET A 34 27.90 33.37 35.10
C MET A 34 29.35 33.80 35.19
N VAL A 35 30.25 32.87 35.50
CA VAL A 35 31.67 33.18 35.58
C VAL A 35 32.19 33.59 34.20
N MET A 36 31.72 32.91 33.15
CA MET A 36 32.12 33.29 31.80
C MET A 36 31.67 34.70 31.46
N GLY A 37 30.43 35.05 31.83
CA GLY A 37 29.96 36.41 31.61
C GLY A 37 30.76 37.43 32.41
N VAL A 38 31.12 37.09 33.64
CA VAL A 38 31.92 37.99 34.47
C VAL A 38 33.29 38.22 33.82
N ALA A 39 33.88 37.16 33.27
CA ALA A 39 35.14 37.31 32.54
C ALA A 39 34.94 38.16 31.29
N VAL A 40 33.79 38.00 30.62
CA VAL A 40 33.51 38.82 29.43
C VAL A 40 33.46 40.29 29.80
N ILE A 41 32.86 40.61 30.95
CA ILE A 41 32.85 41.97 31.44
C ILE A 41 34.27 42.41 31.82
N ALA A 42 35.05 41.49 32.39
CA ALA A 42 36.43 41.79 32.75
C ALA A 42 37.27 42.10 31.51
N LEU A 43 36.85 41.60 30.35
CA LEU A 43 37.47 42.03 29.11
C LEU A 43 37.23 43.52 28.87
N THR A 44 36.02 43.99 29.16
CA THR A 44 35.71 45.40 28.97
C THR A 44 36.28 46.26 30.09
N VAL A 45 36.02 45.88 31.34
CA VAL A 45 36.47 46.66 32.49
C VAL A 45 36.60 45.75 33.69
N SER A 46 37.58 46.04 34.54
CA SER A 46 37.82 45.20 35.71
C SER A 46 37.16 45.77 36.96
N ILE A 47 36.78 47.06 36.93
CA ILE A 47 36.25 47.70 38.12
C ILE A 47 34.92 47.10 38.54
N TRP A 48 34.02 46.89 37.58
CA TRP A 48 32.70 46.36 37.87
C TRP A 48 32.52 44.93 37.38
N TRP A 49 33.57 44.29 36.86
CA TRP A 49 33.45 42.91 36.41
C TRP A 49 33.14 41.98 37.57
N TRP A 50 33.94 42.04 38.63
CA TRP A 50 33.64 41.23 39.81
C TRP A 50 32.38 41.74 40.50
N ALA A 51 32.09 43.03 40.37
CA ALA A 51 30.93 43.60 41.06
C ALA A 51 29.64 43.08 40.46
N LEU A 52 29.61 42.82 39.16
CA LEU A 52 28.38 42.37 38.52
C LEU A 52 28.03 40.94 38.93
N VAL A 53 29.00 40.21 39.47
CA VAL A 53 28.76 38.79 39.77
C VAL A 53 27.71 38.58 40.86
N PRO A 54 27.78 39.23 42.01
CA PRO A 54 26.79 38.94 43.08
C PRO A 54 25.36 39.19 42.67
N PRO A 55 25.05 40.25 41.92
CA PRO A 55 23.64 40.41 41.51
C PRO A 55 23.12 39.24 40.69
N LEU A 56 23.82 38.91 39.60
CA LEU A 56 23.38 37.81 38.76
C LEU A 56 23.35 36.50 39.53
N TRP A 57 24.36 36.28 40.37
CA TRP A 57 24.40 35.03 41.14
C TRP A 57 23.22 34.93 42.09
N PHE A 58 22.85 36.04 42.73
CA PHE A 58 21.72 36.02 43.64
C PHE A 58 20.42 35.76 42.88
N ILE A 59 20.30 36.35 41.69
CA ILE A 59 19.15 36.06 40.86
C ILE A 59 19.09 34.57 40.55
N MET A 60 20.23 33.97 40.19
CA MET A 60 20.26 32.55 39.91
C MET A 60 19.80 31.75 41.11
N ALA A 61 20.32 32.09 42.30
CA ALA A 61 19.99 31.32 43.49
C ALA A 61 18.50 31.41 43.78
N GLN A 62 17.93 32.62 43.71
CA GLN A 62 16.53 32.78 44.09
C GLN A 62 15.62 32.14 43.05
N ILE A 63 16.01 32.16 41.77
CA ILE A 63 15.21 31.45 40.78
C ILE A 63 15.28 29.95 41.01
N THR A 64 16.48 29.43 41.28
CA THR A 64 16.63 27.98 41.44
C THR A 64 15.87 27.47 42.66
N LYS A 65 15.89 28.22 43.75
CA LYS A 65 15.16 27.78 44.94
C LYS A 65 13.66 27.73 44.67
N ASN A 66 13.17 28.58 43.77
CA ASN A 66 11.76 28.53 43.41
C ASN A 66 11.44 27.29 42.57
N ASP A 67 12.02 27.22 41.37
CA ASP A 67 11.84 26.07 40.48
C ASP A 67 13.23 25.59 40.09
N ASP A 68 13.63 24.44 40.62
CA ASP A 68 14.98 23.96 40.41
C ASP A 68 15.20 23.58 38.95
N LYS A 69 16.46 23.58 38.55
CA LYS A 69 16.92 23.18 37.21
C LYS A 69 16.07 23.74 36.09
N ALA A 70 15.55 24.96 36.25
CA ALA A 70 14.86 25.61 35.14
C ALA A 70 15.85 25.99 34.06
N PHE A 71 17.13 26.08 34.41
CA PHE A 71 18.13 26.49 33.43
C PHE A 71 18.31 25.44 32.35
N ARG A 72 18.10 24.17 32.68
CA ARG A 72 18.09 23.14 31.64
C ARG A 72 16.97 23.41 30.64
N ILE A 73 15.80 23.81 31.14
CA ILE A 73 14.70 24.17 30.24
C ILE A 73 15.08 25.36 29.37
N TRP A 74 15.73 26.36 29.97
CA TRP A 74 16.14 27.52 29.19
C TRP A 74 17.10 27.11 28.09
N TRP A 75 18.07 26.25 28.41
CA TRP A 75 19.03 25.81 27.41
C TRP A 75 18.36 25.02 26.31
N LEU A 76 17.42 24.14 26.67
CA LEU A 76 16.72 23.38 25.64
C LEU A 76 15.96 24.31 24.70
N TRP A 77 15.29 25.31 25.26
CA TRP A 77 14.59 26.26 24.41
C TRP A 77 15.54 26.95 23.46
N ILE A 78 16.63 27.50 24.00
CA ILE A 78 17.61 28.21 23.17
C ILE A 78 18.15 27.30 22.08
N ASP A 79 18.45 26.05 22.43
CA ASP A 79 19.07 25.14 21.48
C ASP A 79 18.13 24.75 20.36
N THR A 80 16.87 24.46 20.68
CA THR A 80 15.95 23.85 19.73
C THR A 80 15.00 24.87 19.11
N LYS A 81 14.18 25.56 19.91
CA LYS A 81 13.16 26.40 19.31
C LYS A 81 13.76 27.70 18.79
N PHE A 82 14.76 28.23 19.49
CA PHE A 82 15.33 29.50 19.08
C PHE A 82 16.17 29.34 17.81
N ARG A 83 17.02 28.31 17.77
CA ARG A 83 17.99 28.20 16.68
C ARG A 83 17.32 27.89 15.36
N ASN A 84 16.09 27.38 15.38
CA ASN A 84 15.43 27.01 14.15
C ASN A 84 15.08 28.23 13.32
N ARG A 85 15.35 28.13 12.01
CA ARG A 85 15.10 29.21 11.07
C ARG A 85 13.79 28.96 10.32
N ASN A 86 13.36 29.97 9.56
CA ASN A 86 12.11 29.92 8.81
C ASN A 86 10.92 29.69 9.71
N LYS A 87 11.01 30.15 10.96
CA LYS A 87 9.87 30.02 11.87
C LYS A 87 8.69 30.83 11.38
N GLY A 88 8.95 32.04 10.87
CA GLY A 88 7.87 32.87 10.38
C GLY A 88 7.20 32.32 9.13
N PHE A 89 8.00 31.77 8.22
CA PHE A 89 7.45 31.30 6.95
C PHE A 89 6.42 30.20 7.15
N TRP A 90 6.73 29.23 8.00
CA TRP A 90 5.80 28.13 8.25
C TRP A 90 4.74 28.47 9.29
N GLY A 91 4.84 29.63 9.93
CA GLY A 91 3.98 29.94 11.06
C GLY A 91 4.35 29.23 12.33
N ALA A 92 5.32 28.33 12.29
CA ALA A 92 5.79 27.59 13.46
C ALA A 92 7.06 26.86 13.08
N SER A 93 7.79 26.40 14.08
CA SER A 93 9.00 25.64 13.84
C SER A 93 8.65 24.35 13.11
N SER A 94 9.38 24.06 12.04
CA SER A 94 9.11 22.90 11.21
C SER A 94 10.40 22.14 10.92
N TYR A 95 10.28 20.84 10.73
CA TYR A 95 11.40 19.97 10.46
C TYR A 95 11.04 19.06 9.28
N SER A 96 11.71 19.25 8.16
CA SER A 96 11.35 18.52 6.96
C SER A 96 11.63 17.04 7.15
N PRO A 97 10.63 16.18 6.95
CA PRO A 97 10.89 14.73 7.04
C PRO A 97 11.92 14.25 6.04
N ALA A 98 11.96 14.85 4.85
CA ALA A 98 12.90 14.44 3.83
C ALA A 98 14.25 15.09 4.07
N ASN A 99 15.29 14.43 3.58
CA ASN A 99 16.66 14.91 3.73
C ASN A 99 16.92 16.04 2.73
N TYR A 100 18.12 16.62 2.82
CA TYR A 100 18.53 17.65 1.89
C TYR A 100 18.42 17.16 0.46
N ARG A 101 17.77 17.96 -0.39
CA ARG A 101 17.57 17.56 -1.77
C ARG A 101 18.90 17.38 -2.49
N LYS A 102 19.82 18.33 -2.30
CA LYS A 102 21.13 18.21 -2.93
C LYS A 102 22.00 17.21 -2.17
N ARG A 103 22.28 17.50 -0.90
CA ARG A 103 23.08 16.62 -0.05
C ARG A 103 24.42 16.28 -0.69
N ARG A 104 25.00 17.27 -1.38
CA ARG A 104 26.26 17.07 -2.08
C ARG A 104 27.33 18.00 -1.52
N GLY B 2 9.32 30.98 -5.39
CA GLY B 2 9.87 30.73 -6.70
C GLY B 2 10.66 29.43 -6.78
N ALA B 3 10.88 28.97 -8.00
CA ALA B 3 11.58 27.69 -8.19
C ALA B 3 12.98 27.75 -7.60
N ILE B 4 13.73 28.82 -7.88
CA ILE B 4 15.00 29.02 -7.21
C ILE B 4 14.77 29.34 -5.74
N GLU B 5 13.71 30.09 -5.45
CA GLU B 5 13.39 30.42 -4.07
C GLU B 5 13.06 29.18 -3.26
N SER B 6 12.29 28.25 -3.84
CA SER B 6 12.01 27.00 -3.16
C SER B 6 13.29 26.22 -2.88
N ARG B 7 14.21 26.20 -3.85
CA ARG B 7 15.46 25.49 -3.66
C ARG B 7 16.28 26.10 -2.53
N LYS B 8 16.40 27.42 -2.52
CA LYS B 8 17.19 28.05 -1.46
C LYS B 8 16.51 27.93 -0.11
N LEU B 9 15.17 27.83 -0.09
CA LEU B 9 14.47 27.64 1.17
C LEU B 9 14.69 26.23 1.72
N LEU B 10 14.53 25.21 0.87
CA LEU B 10 14.72 23.85 1.33
C LEU B 10 16.17 23.60 1.72
N ALA B 11 17.11 24.26 1.03
CA ALA B 11 18.50 24.18 1.44
C ALA B 11 18.70 24.75 2.84
N SER B 12 17.89 25.74 3.21
CA SER B 12 17.95 26.27 4.56
C SER B 12 17.26 25.34 5.55
N GLU B 13 16.31 24.55 5.07
CA GLU B 13 15.47 23.78 5.97
C GLU B 13 16.26 22.67 6.65
N THR B 14 15.94 22.44 7.94
CA THR B 14 16.61 21.44 8.76
C THR B 14 15.86 20.12 8.72
N PRO B 15 16.50 19.02 8.35
CA PRO B 15 15.80 17.74 8.34
C PRO B 15 15.48 17.28 9.75
N VAL B 16 14.49 16.39 9.84
CA VAL B 16 14.10 15.82 11.12
C VAL B 16 15.01 14.66 11.53
N GLY B 17 15.85 14.19 10.61
CA GLY B 17 16.69 13.04 10.92
C GLY B 17 17.69 13.30 12.04
N GLN B 18 17.89 14.57 12.40
CA GLN B 18 18.81 14.87 13.50
C GLN B 18 18.28 14.36 14.82
N PHE B 19 16.97 14.42 15.02
CA PHE B 19 16.37 14.06 16.30
C PHE B 19 15.93 12.62 16.38
N ILE B 20 16.18 11.80 15.36
CA ILE B 20 15.77 10.41 15.38
C ILE B 20 17.01 9.53 15.37
N PRO B 21 17.55 9.19 16.52
CA PRO B 21 18.81 8.41 16.57
C PRO B 21 18.58 6.91 16.46
N TYR B 22 18.44 6.42 15.23
CA TYR B 22 18.26 4.99 15.00
C TYR B 22 18.96 4.58 13.71
N SER B 23 19.30 3.30 13.63
CA SER B 23 20.01 2.74 12.51
C SER B 23 19.62 1.28 12.35
N HIS B 24 20.47 0.55 11.62
CA HIS B 24 20.16 -0.80 11.19
C HIS B 24 19.75 -1.69 12.37
N HIS B 25 18.86 -2.65 12.11
CA HIS B 25 18.75 -3.79 13.00
C HIS B 25 20.06 -4.58 13.01
N VAL B 26 20.78 -4.50 14.12
CA VAL B 26 21.95 -5.35 14.30
C VAL B 26 21.52 -6.79 14.60
N THR B 27 20.42 -6.97 15.30
CA THR B 27 19.86 -8.27 15.58
C THR B 27 18.37 -8.23 15.28
N ASP B 28 17.78 -9.41 15.08
CA ASP B 28 16.37 -9.47 14.71
C ASP B 28 15.49 -8.77 15.73
N THR B 29 15.88 -8.79 17.00
CA THR B 29 15.07 -8.20 18.05
C THR B 29 15.67 -6.92 18.62
N ILE B 30 16.81 -6.47 18.11
CA ILE B 30 17.57 -5.39 18.71
C ILE B 30 17.94 -4.37 17.65
N ILE B 31 17.70 -3.10 17.93
CA ILE B 31 17.94 -2.00 17.01
C ILE B 31 19.22 -1.28 17.44
N SER B 32 19.97 -0.78 16.47
CA SER B 32 21.17 -0.01 16.78
C SER B 32 20.80 1.43 17.06
N THR B 33 21.82 2.28 17.11
CA THR B 33 21.65 3.71 17.35
C THR B 33 22.88 4.44 16.84
N LYS B 34 22.71 5.70 16.46
CA LYS B 34 23.82 6.51 16.00
C LYS B 34 24.92 6.60 17.04
N ASN B 35 24.58 6.46 18.31
CA ASN B 35 25.56 6.48 19.39
C ASN B 35 25.75 5.11 20.03
N ALA B 36 25.48 4.04 19.28
CA ALA B 36 25.73 2.67 19.73
C ALA B 36 24.97 2.33 21.00
N GLU B 37 23.74 2.82 21.14
CA GLU B 37 22.89 2.49 22.26
C GLU B 37 21.82 1.52 21.79
N TYR B 38 22.07 0.24 21.98
CA TYR B 38 21.24 -0.80 21.38
C TYR B 38 19.92 -0.92 22.12
N LEU B 39 18.87 -1.20 21.36
CA LEU B 39 17.50 -1.03 21.83
C LEU B 39 16.70 -2.27 21.52
N SER B 40 15.73 -2.57 22.38
CA SER B 40 14.78 -3.65 22.15
C SER B 40 13.45 -3.26 22.76
N VAL B 41 12.36 -3.52 22.05
CA VAL B 41 11.02 -3.12 22.46
C VAL B 41 10.26 -4.37 22.90
N TRP B 42 9.63 -4.30 24.06
CA TRP B 42 8.77 -5.36 24.55
C TRP B 42 7.32 -4.92 24.47
N LYS B 43 6.49 -5.69 23.79
CA LYS B 43 5.06 -5.46 23.78
C LYS B 43 4.44 -6.29 24.89
N ILE B 44 3.89 -5.63 25.89
CA ILE B 44 3.41 -6.28 27.10
C ILE B 44 1.90 -6.20 27.14
N ASP B 45 1.26 -7.35 27.36
CA ASP B 45 -0.16 -7.40 27.66
C ASP B 45 -0.30 -7.34 29.18
N GLY B 46 -0.68 -6.17 29.69
CA GLY B 46 -0.56 -5.93 31.11
C GLY B 46 -1.46 -6.83 31.94
N ARG B 47 -1.10 -6.93 33.22
CA ARG B 47 -1.90 -7.69 34.18
C ARG B 47 -3.20 -6.96 34.48
N SER B 48 -4.25 -7.73 34.71
CA SER B 48 -5.54 -7.16 35.09
C SER B 48 -5.48 -6.69 36.53
N HIS B 49 -5.89 -5.44 36.75
CA HIS B 49 -5.86 -4.84 38.08
C HIS B 49 -7.25 -4.61 38.66
N GLN B 50 -8.29 -4.66 37.84
CA GLN B 50 -9.63 -4.33 38.31
C GLN B 50 -10.13 -5.37 39.31
N SER B 51 -9.44 -6.51 39.42
CA SER B 51 -9.82 -7.51 40.41
C SER B 51 -9.80 -6.94 41.82
N ALA B 52 -9.03 -5.86 42.01
CA ALA B 52 -9.07 -5.06 43.24
C ALA B 52 -8.60 -5.86 44.46
N SER B 53 -7.61 -6.72 44.26
CA SER B 53 -6.97 -7.42 45.36
C SER B 53 -5.84 -6.54 45.90
N GLU B 54 -6.14 -5.77 46.95
CA GLU B 54 -5.27 -4.67 47.34
C GLU B 54 -3.88 -5.14 47.73
N ALA B 55 -3.80 -6.18 48.57
CA ALA B 55 -2.49 -6.67 49.00
C ALA B 55 -1.73 -7.28 47.84
N ASP B 56 -2.43 -7.89 46.90
CA ASP B 56 -1.75 -8.55 45.78
C ASP B 56 -1.09 -7.53 44.86
N VAL B 57 -1.63 -6.31 44.80
CA VAL B 57 -0.98 -5.27 44.00
C VAL B 57 0.40 -4.96 44.57
N PHE B 58 0.48 -4.77 45.88
CA PHE B 58 1.76 -4.53 46.53
C PHE B 58 2.69 -5.72 46.36
N GLN B 59 2.15 -6.93 46.46
CA GLN B 59 2.97 -8.11 46.26
C GLN B 59 3.53 -8.14 44.83
N TRP B 60 2.72 -7.78 43.85
CA TRP B 60 3.19 -7.73 42.48
C TRP B 60 4.32 -6.72 42.33
N ILE B 61 4.17 -5.55 42.96
CA ILE B 61 5.22 -4.54 42.89
C ILE B 61 6.50 -5.06 43.51
N ARG B 62 6.40 -5.69 44.67
CA ARG B 62 7.59 -6.24 45.32
C ARG B 62 8.27 -7.27 44.43
N GLU B 63 7.49 -8.14 43.80
CA GLU B 63 8.07 -9.15 42.94
C GLU B 63 8.74 -8.53 41.73
N LEU B 64 8.12 -7.52 41.13
CA LEU B 64 8.74 -6.86 39.99
C LEU B 64 10.06 -6.22 40.39
N ASN B 65 10.10 -5.55 41.54
CA ASN B 65 11.35 -4.98 41.99
C ASN B 65 12.40 -6.05 42.23
N ASN B 66 12.01 -7.16 42.85
CA ASN B 66 12.97 -8.21 43.16
C ASN B 66 13.55 -8.81 41.90
N THR B 67 12.71 -9.06 40.90
CA THR B 67 13.21 -9.63 39.66
C THR B 67 14.03 -8.62 38.86
N LEU B 68 13.68 -7.34 38.97
CA LEU B 68 14.41 -6.31 38.24
C LEU B 68 15.77 -6.06 38.86
N ARG B 69 15.93 -6.37 40.15
CA ARG B 69 17.19 -6.08 40.84
C ARG B 69 18.40 -6.62 40.09
N GLY B 70 18.34 -7.89 39.67
CA GLY B 70 19.48 -8.47 39.00
C GLY B 70 19.83 -7.73 37.71
N ILE B 71 18.82 -7.27 37.00
CA ILE B 71 19.06 -6.54 35.75
C ILE B 71 19.51 -5.12 36.04
N SER B 72 19.14 -4.58 37.20
CA SER B 72 19.45 -3.20 37.52
C SER B 72 20.96 -2.98 37.59
N SER B 73 21.48 -2.25 36.61
CA SER B 73 22.88 -1.84 36.60
C SER B 73 22.99 -0.57 35.78
N ALA B 74 24.03 0.22 36.08
CA ALA B 74 24.07 1.61 35.62
C ALA B 74 24.06 1.71 34.10
N ASN B 75 24.38 0.64 33.39
CA ASN B 75 24.41 0.65 31.93
C ASN B 75 23.04 0.43 31.30
N LEU B 76 21.97 0.64 32.04
CA LEU B 76 20.63 0.23 31.65
C LEU B 76 19.68 1.42 31.67
N SER B 77 18.55 1.29 30.99
CA SER B 77 17.46 2.24 31.11
C SER B 77 16.16 1.57 30.71
N LEU B 78 15.04 2.18 31.10
CA LEU B 78 13.72 1.71 30.75
C LEU B 78 12.87 2.88 30.29
N TRP B 79 12.15 2.69 29.19
CA TRP B 79 11.18 3.66 28.73
C TRP B 79 9.86 2.95 28.55
N THR B 80 8.84 3.40 29.27
CA THR B 80 7.52 2.79 29.24
C THR B 80 6.57 3.73 28.52
N HIS B 81 5.78 3.18 27.59
CA HIS B 81 4.86 3.97 26.79
C HIS B 81 3.49 3.31 26.80
N ILE B 82 2.56 3.91 27.52
CA ILE B 82 1.18 3.43 27.51
C ILE B 82 0.43 4.14 26.41
N VAL B 83 0.55 3.65 25.18
CA VAL B 83 -0.13 4.28 24.06
C VAL B 83 -1.58 3.84 24.05
N ARG B 84 -2.48 4.81 24.05
CA ARG B 84 -3.92 4.57 24.04
C ARG B 84 -4.48 5.13 22.74
N ARG B 85 -5.12 4.29 21.95
CA ARG B 85 -5.44 4.64 20.58
C ARG B 85 -6.88 4.32 20.26
N ARG B 86 -7.46 5.11 19.36
CA ARG B 86 -8.67 4.71 18.69
C ARG B 86 -8.38 3.51 17.81
N VAL B 87 -9.35 2.62 17.67
CA VAL B 87 -9.17 1.40 16.90
C VAL B 87 -9.96 1.50 15.61
N TYR B 88 -9.29 1.24 14.49
CA TYR B 88 -9.94 1.10 13.20
C TYR B 88 -9.76 -0.29 12.61
N GLU B 89 -8.92 -1.12 13.22
CA GLU B 89 -8.57 -2.41 12.61
C GLU B 89 -9.76 -3.36 12.60
N TYR B 90 -10.63 -3.28 13.59
CA TYR B 90 -11.77 -4.17 13.66
C TYR B 90 -12.77 -3.82 12.57
N PRO B 91 -13.03 -4.71 11.62
CA PRO B 91 -13.92 -4.38 10.50
C PRO B 91 -15.35 -4.79 10.76
N ASP B 92 -16.28 -4.03 10.18
CA ASP B 92 -17.68 -4.39 10.24
C ASP B 92 -17.90 -5.75 9.60
N ALA B 93 -18.67 -6.59 10.27
CA ALA B 93 -18.88 -7.96 9.78
C ALA B 93 -19.77 -7.94 8.54
N GLU B 94 -19.66 -9.02 7.77
CA GLU B 94 -20.45 -9.20 6.56
C GLU B 94 -21.31 -10.45 6.72
N PHE B 95 -22.60 -10.32 6.47
CA PHE B 95 -23.56 -11.34 6.85
C PHE B 95 -24.50 -11.67 5.69
N ASP B 96 -25.08 -12.88 5.78
CA ASP B 96 -26.04 -13.37 4.81
C ASP B 96 -27.43 -13.59 5.41
N ASN B 97 -27.50 -14.26 6.55
CA ASN B 97 -28.79 -14.58 7.16
C ASN B 97 -29.43 -13.32 7.74
N VAL B 98 -30.77 -13.25 7.64
CA VAL B 98 -31.47 -12.03 8.02
C VAL B 98 -31.40 -11.79 9.52
N PHE B 99 -31.67 -12.82 10.32
CA PHE B 99 -31.74 -12.65 11.76
C PHE B 99 -30.39 -12.21 12.32
N CYS B 100 -29.32 -12.92 11.95
CA CYS B 100 -28.00 -12.57 12.44
C CYS B 100 -27.57 -11.19 11.97
N ARG B 101 -27.86 -10.85 10.71
CA ARG B 101 -27.48 -9.54 10.18
C ARG B 101 -28.19 -8.42 10.93
N GLN B 102 -29.48 -8.60 11.21
CA GLN B 102 -30.20 -7.58 11.96
C GLN B 102 -29.68 -7.47 13.39
N LEU B 103 -29.34 -8.60 14.00
CA LEU B 103 -28.75 -8.53 15.34
C LEU B 103 -27.42 -7.79 15.32
N ASP B 104 -26.61 -8.03 14.28
CA ASP B 104 -25.36 -7.29 14.13
C ASP B 104 -25.62 -5.80 13.95
N GLU B 105 -26.61 -5.44 13.13
CA GLU B 105 -26.92 -4.03 12.90
C GLU B 105 -27.35 -3.35 14.19
N LYS B 106 -28.26 -3.98 14.94
CA LYS B 106 -28.71 -3.40 16.19
C LYS B 106 -27.56 -3.24 17.17
N TYR B 107 -26.72 -4.28 17.30
CA TYR B 107 -25.64 -4.20 18.28
C TYR B 107 -24.62 -3.14 17.90
N ARG B 108 -24.31 -3.01 16.61
CA ARG B 108 -23.41 -1.93 16.18
C ARG B 108 -24.01 -0.57 16.48
N GLU B 109 -25.32 -0.41 16.24
CA GLU B 109 -25.99 0.84 16.59
C GLU B 109 -25.96 1.08 18.10
N SER B 110 -25.79 0.01 18.88
CA SER B 110 -25.83 0.15 20.34
C SER B 110 -24.58 0.82 20.88
N PHE B 111 -23.56 1.02 20.06
CA PHE B 111 -22.31 1.58 20.58
C PHE B 111 -22.09 3.03 20.16
N THR B 112 -23.12 3.68 19.62
CA THR B 112 -23.03 5.12 19.40
C THR B 112 -22.92 5.83 20.75
N GLY B 113 -21.75 6.41 21.01
CA GLY B 113 -21.49 7.09 22.26
C GLY B 113 -20.62 6.34 23.25
N TYR B 114 -20.19 5.13 22.93
CA TYR B 114 -19.30 4.36 23.79
C TYR B 114 -17.90 4.41 23.21
N ASN B 115 -16.91 4.60 24.07
CA ASN B 115 -15.53 4.72 23.61
C ASN B 115 -14.98 3.35 23.22
N LEU B 116 -14.39 3.28 22.02
CA LEU B 116 -13.80 2.06 21.51
C LEU B 116 -12.27 2.05 21.66
N MET B 117 -11.71 3.05 22.31
CA MET B 117 -10.27 3.13 22.45
C MET B 117 -9.76 2.05 23.40
N VAL B 118 -8.67 1.40 23.01
CA VAL B 118 -8.01 0.41 23.84
C VAL B 118 -6.57 0.81 24.02
N ASN B 119 -6.05 0.60 25.22
CA ASN B 119 -4.68 0.98 25.55
C ASN B 119 -3.81 -0.26 25.63
N ASP B 120 -2.69 -0.23 24.91
CA ASP B 120 -1.69 -1.28 24.95
C ASP B 120 -0.36 -0.71 25.41
N LEU B 121 0.39 -1.51 26.16
CA LEU B 121 1.58 -1.04 26.86
C LEU B 121 2.82 -1.56 26.16
N TYR B 122 3.78 -0.68 25.92
CA TYR B 122 5.05 -1.04 25.33
C TYR B 122 6.17 -0.62 26.25
N LEU B 123 7.08 -1.53 26.54
CA LEU B 123 8.27 -1.24 27.32
C LEU B 123 9.50 -1.36 26.43
N THR B 124 10.31 -0.32 26.38
CA THR B 124 11.52 -0.31 25.58
C THR B 124 12.72 -0.19 26.51
N VAL B 125 13.66 -1.13 26.37
CA VAL B 125 14.85 -1.17 27.22
C VAL B 125 16.08 -0.98 26.34
N VAL B 126 16.94 -0.05 26.75
CA VAL B 126 18.15 0.25 26.00
C VAL B 126 19.35 -0.18 26.83
N TYR B 127 20.50 -0.30 26.18
CA TYR B 127 21.73 -0.68 26.87
C TYR B 127 22.85 0.26 26.43
N ARG B 128 22.97 1.40 27.10
CA ARG B 128 24.12 2.26 26.87
C ARG B 128 25.38 1.57 27.39
N PRO B 129 26.47 1.59 26.63
CA PRO B 129 27.66 0.83 27.06
C PRO B 129 28.24 1.29 28.38
N VAL B 130 28.48 2.59 28.55
CA VAL B 130 29.05 3.14 29.77
C VAL B 130 28.33 4.43 30.12
N SER B 131 27.98 4.58 31.40
CA SER B 131 27.23 5.73 31.88
C SER B 131 28.09 6.70 32.68
N ASP B 132 29.35 6.88 32.29
CA ASP B 132 30.22 7.83 32.99
C ASP B 132 29.67 9.24 32.87
N LYS B 133 29.70 9.98 33.98
CA LYS B 133 29.21 11.34 33.97
C LYS B 133 30.03 12.24 33.06
N VAL B 134 31.35 12.07 33.10
CA VAL B 134 32.26 12.94 32.35
C VAL B 134 33.07 12.17 31.33
N LEU B 135 33.56 10.97 31.70
CA LEU B 135 34.48 10.25 30.83
C LEU B 135 33.87 9.90 29.49
N SER B 136 32.53 9.81 29.43
CA SER B 136 31.89 9.51 28.16
C SER B 136 32.17 10.61 27.14
N PHE B 137 32.12 11.87 27.57
CA PHE B 137 32.38 12.98 26.65
C PHE B 137 33.81 12.92 26.12
N PHE B 138 34.79 12.65 26.99
CA PHE B 138 36.17 12.55 26.55
C PHE B 138 36.37 11.37 25.62
N ALA B 139 35.70 10.25 25.89
CA ALA B 139 35.89 9.07 25.05
C ALA B 139 35.18 9.22 23.70
N LYS B 140 34.15 10.06 23.64
CA LYS B 140 33.35 10.16 22.43
C LYS B 140 34.15 10.74 21.26
N ARG B 141 35.15 11.56 21.54
CA ARG B 141 35.89 12.27 20.51
C ARG B 141 37.15 11.55 20.05
N GLU B 142 37.19 10.22 20.16
CA GLU B 142 38.35 9.44 19.74
C GLU B 142 37.92 8.37 18.74
N ARG B 143 38.78 8.10 17.75
CA ARG B 143 38.54 7.00 16.83
C ARG B 143 38.82 5.67 17.53
N GLU B 144 38.22 4.60 17.00
CA GLU B 144 38.34 3.28 17.59
C GLU B 144 38.65 2.25 16.52
N THR B 145 39.19 1.12 16.97
CA THR B 145 39.54 0.04 16.06
C THR B 145 38.29 -0.67 15.58
N PRO B 146 38.10 -0.83 14.26
CA PRO B 146 36.85 -1.44 13.78
C PRO B 146 36.61 -2.85 14.29
N ASP B 147 37.67 -3.59 14.64
CA ASP B 147 37.47 -4.89 15.27
C ASP B 147 37.05 -4.73 16.73
N GLN B 148 37.55 -3.70 17.41
CA GLN B 148 37.14 -3.48 18.79
C GLN B 148 35.72 -2.92 18.87
N LYS B 149 35.31 -2.17 17.85
CA LYS B 149 33.89 -1.81 17.75
C LYS B 149 33.04 -3.06 17.58
N LYS B 150 33.53 -4.04 16.82
CA LYS B 150 32.83 -5.32 16.74
C LYS B 150 32.80 -6.01 18.09
N HIS B 151 33.86 -5.88 18.87
CA HIS B 151 33.86 -6.45 20.22
C HIS B 151 32.79 -5.80 21.09
N ARG B 152 32.67 -4.47 20.99
CA ARG B 152 31.62 -3.78 21.73
C ARG B 152 30.24 -4.24 21.26
N GLN B 153 30.06 -4.38 19.94
CA GLN B 153 28.82 -4.91 19.40
C GLN B 153 28.47 -6.26 20.03
N GLU B 154 29.41 -7.19 19.99
CA GLU B 154 29.13 -8.53 20.46
C GLU B 154 28.82 -8.55 21.95
N SER B 155 29.60 -7.82 22.75
CA SER B 155 29.35 -7.82 24.18
C SER B 155 28.01 -7.16 24.52
N CYS B 156 27.70 -6.04 23.86
CA CYS B 156 26.43 -5.38 24.11
C CYS B 156 25.26 -6.25 23.72
N ILE B 157 25.36 -6.93 22.58
CA ILE B 157 24.27 -7.80 22.15
C ILE B 157 24.08 -8.94 23.15
N LYS B 158 25.17 -9.54 23.61
CA LYS B 158 25.03 -10.60 24.59
C LYS B 158 24.36 -10.09 25.86
N ALA B 159 24.79 -8.92 26.35
CA ALA B 159 24.21 -8.37 27.56
C ALA B 159 22.72 -8.09 27.37
N LEU B 160 22.36 -7.51 26.23
CA LEU B 160 20.96 -7.14 26.01
C LEU B 160 20.09 -8.38 25.83
N GLU B 161 20.61 -9.41 25.18
CA GLU B 161 19.88 -10.65 25.08
C GLU B 161 19.66 -11.28 26.45
N ASP B 162 20.68 -11.23 27.31
CA ASP B 162 20.52 -11.72 28.67
C ASP B 162 19.43 -10.94 29.39
N ILE B 163 19.43 -9.61 29.21
CA ILE B 163 18.42 -8.77 29.85
C ILE B 163 17.02 -9.15 29.38
N ASN B 164 16.86 -9.33 28.07
CA ASN B 164 15.55 -9.68 27.54
C ASN B 164 15.10 -11.04 28.06
N ARG B 165 16.01 -12.01 28.14
CA ARG B 165 15.62 -13.31 28.67
C ARG B 165 15.17 -13.21 30.12
N THR B 166 15.92 -12.46 30.93
CA THR B 166 15.53 -12.30 32.33
C THR B 166 14.17 -11.61 32.45
N LEU B 167 13.94 -10.57 31.66
CA LEU B 167 12.67 -9.86 31.72
C LEU B 167 11.52 -10.75 31.28
N GLY B 168 11.73 -11.54 30.23
CA GLY B 168 10.69 -12.45 29.79
C GLY B 168 10.35 -13.48 30.85
N GLN B 169 11.38 -13.97 31.55
CA GLN B 169 11.10 -14.90 32.64
C GLN B 169 10.40 -14.20 33.80
N SER B 170 10.67 -12.91 33.99
CA SER B 170 10.03 -12.19 35.09
C SER B 170 8.59 -11.84 34.80
N PHE B 171 8.24 -11.67 33.52
CA PHE B 171 6.91 -11.21 33.12
C PHE B 171 6.02 -12.36 32.66
N LYS B 172 6.11 -13.52 33.31
CA LYS B 172 5.29 -14.65 32.89
C LYS B 172 3.82 -14.34 33.04
N ARG B 173 3.44 -13.71 34.16
CA ARG B 173 2.03 -13.38 34.39
C ARG B 173 1.55 -12.29 33.45
N TYR B 174 2.45 -11.43 33.01
CA TYR B 174 2.09 -10.39 32.07
C TYR B 174 2.16 -10.93 30.65
N GLY B 175 1.88 -10.06 29.67
CA GLY B 175 1.88 -10.50 28.29
C GLY B 175 3.23 -10.98 27.81
N ALA B 176 4.26 -10.16 28.00
CA ALA B 176 5.64 -10.54 27.73
C ALA B 176 5.80 -11.07 26.30
N GLU B 177 5.61 -10.18 25.35
CA GLU B 177 5.83 -10.48 23.94
C GLU B 177 6.93 -9.58 23.40
N LEU B 178 7.95 -10.18 22.79
CA LEU B 178 9.09 -9.43 22.29
C LEU B 178 8.89 -9.13 20.81
N LEU B 179 8.86 -7.84 20.47
CA LEU B 179 8.71 -7.45 19.08
C LEU B 179 9.99 -7.72 18.30
N SER B 180 9.84 -8.30 17.12
CA SER B 180 10.98 -8.69 16.30
C SER B 180 10.63 -8.50 14.84
N VAL B 181 11.57 -8.90 13.97
CA VAL B 181 11.34 -8.74 12.54
C VAL B 181 10.29 -9.72 12.07
N TYR B 182 9.36 -9.23 11.26
CA TYR B 182 8.37 -10.06 10.60
C TYR B 182 8.44 -9.75 9.11
N GLU B 183 8.45 -10.79 8.29
CA GLU B 183 8.60 -10.63 6.84
C GLU B 183 7.25 -10.78 6.17
N LYS B 184 7.03 -9.99 5.13
CA LYS B 184 5.78 -10.02 4.39
C LYS B 184 6.01 -9.62 2.95
N GLY B 185 5.57 -10.48 2.03
CA GLY B 185 5.60 -10.16 0.61
C GLY B 185 6.94 -10.24 -0.07
N GLY B 186 7.81 -11.15 0.34
CA GLY B 186 9.12 -11.28 -0.28
C GLY B 186 10.12 -10.23 0.17
N HIS B 187 9.79 -9.43 1.16
CA HIS B 187 10.66 -8.37 1.65
C HIS B 187 10.48 -8.24 3.15
N ALA B 188 11.58 -7.97 3.84
CA ALA B 188 11.55 -7.96 5.30
C ALA B 188 10.91 -6.68 5.83
N PHE B 189 10.26 -6.80 6.98
CA PHE B 189 9.68 -5.68 7.70
C PHE B 189 10.14 -5.70 9.14
N SER B 190 9.99 -4.58 9.82
CA SER B 190 10.43 -4.43 11.20
C SER B 190 9.26 -4.03 12.07
N ALA B 191 8.80 -4.95 12.91
CA ALA B 191 7.72 -4.67 13.85
C ALA B 191 8.13 -3.60 14.87
N PRO B 192 9.32 -3.66 15.47
CA PRO B 192 9.70 -2.58 16.40
C PRO B 192 9.72 -1.21 15.74
N LEU B 193 10.10 -1.13 14.46
CA LEU B 193 10.11 0.17 13.79
C LEU B 193 8.73 0.78 13.74
N GLU B 194 7.70 -0.06 13.64
CA GLU B 194 6.34 0.46 13.58
C GLU B 194 5.98 1.20 14.87
N PHE B 195 6.42 0.68 16.02
CA PHE B 195 6.13 1.35 17.28
C PHE B 195 6.82 2.71 17.38
N LEU B 196 8.11 2.75 17.03
CA LEU B 196 8.83 4.02 17.07
C LEU B 196 8.24 5.02 16.09
N ALA B 197 7.84 4.54 14.91
CA ALA B 197 7.15 5.42 13.97
C ALA B 197 5.85 5.95 14.55
N ARG B 198 5.08 5.08 15.21
CA ARG B 198 3.85 5.53 15.83
C ARG B 198 4.13 6.62 16.86
N LEU B 199 5.22 6.48 17.62
CA LEU B 199 5.60 7.54 18.55
C LEU B 199 5.94 8.83 17.81
N VAL B 200 6.67 8.73 16.70
CA VAL B 200 7.17 9.94 16.06
C VAL B 200 6.20 10.45 15.01
N ASN B 201 5.44 9.58 14.37
CA ASN B 201 4.53 9.99 13.31
C ASN B 201 3.10 10.19 13.80
N GLY B 202 2.72 9.58 14.91
CA GLY B 202 1.36 9.69 15.39
C GLY B 202 0.38 8.74 14.74
N GLU B 203 0.82 7.94 13.76
CA GLU B 203 -0.05 6.97 13.13
C GLU B 203 0.76 5.71 12.83
N HIS B 204 0.08 4.58 12.84
CA HIS B 204 0.74 3.30 12.60
C HIS B 204 1.02 3.15 11.11
N ILE B 205 2.28 3.30 10.73
CA ILE B 205 2.72 3.17 9.35
C ILE B 205 3.71 2.01 9.28
N PRO B 206 3.44 0.96 8.52
CA PRO B 206 4.43 -0.14 8.40
C PRO B 206 5.71 0.38 7.79
N MET B 207 6.84 -0.13 8.30
CA MET B 207 8.15 0.39 7.91
C MET B 207 8.99 -0.71 7.28
N PRO B 208 9.12 -0.76 5.96
CA PRO B 208 10.03 -1.73 5.35
C PRO B 208 11.47 -1.39 5.69
N ILE B 209 12.29 -2.43 5.79
CA ILE B 209 13.70 -2.29 6.13
C ILE B 209 14.51 -2.33 4.83
N CYS B 210 15.19 -1.23 4.54
CA CYS B 210 15.98 -1.10 3.32
C CYS B 210 17.44 -0.87 3.69
N ARG B 211 18.28 -0.77 2.66
CA ARG B 211 19.72 -0.67 2.89
C ARG B 211 20.10 0.64 3.58
N ASP B 212 19.34 1.71 3.35
CA ASP B 212 19.64 2.98 3.98
C ASP B 212 19.34 2.92 5.48
N ARG B 213 19.81 3.95 6.19
CA ARG B 213 19.67 3.99 7.64
C ARG B 213 18.23 4.29 8.05
N PHE B 214 17.87 3.81 9.24
CA PHE B 214 16.49 3.91 9.69
C PHE B 214 16.06 5.35 9.89
N SER B 215 17.01 6.23 10.24
CA SER B 215 16.65 7.59 10.60
C SER B 215 16.18 8.39 9.40
N ASP B 216 16.84 8.21 8.25
CA ASP B 216 16.60 9.11 7.12
C ASP B 216 15.17 8.99 6.60
N TYR B 217 14.65 7.76 6.51
CA TYR B 217 13.32 7.54 5.95
C TYR B 217 12.28 7.15 6.98
N MET B 218 12.56 7.35 8.27
CA MET B 218 11.58 7.01 9.29
C MET B 218 10.36 7.92 9.22
N ALA B 219 10.59 9.23 9.13
CA ALA B 219 9.52 10.21 9.26
C ALA B 219 8.86 10.44 7.91
N VAL B 220 7.53 10.34 7.88
CA VAL B 220 6.74 10.67 6.69
C VAL B 220 5.78 11.81 6.93
N ASN B 221 5.69 12.33 8.15
CA ASN B 221 4.79 13.42 8.49
C ASN B 221 5.61 14.61 8.96
N ARG B 222 5.21 15.80 8.52
CA ARG B 222 5.93 17.00 8.88
C ARG B 222 5.46 17.52 10.22
N PRO B 223 6.30 17.55 11.25
CA PRO B 223 5.88 18.13 12.52
C PRO B 223 6.01 19.64 12.50
N MET B 224 5.08 20.32 13.17
CA MET B 224 5.08 21.78 13.27
C MET B 224 4.87 22.16 14.73
N PHE B 225 5.96 22.22 15.48
CA PHE B 225 5.86 22.66 16.87
C PHE B 225 5.60 24.15 16.93
N SER B 226 4.67 24.54 17.79
CA SER B 226 4.30 25.94 17.89
C SER B 226 5.40 26.74 18.55
N LYS B 227 5.46 28.02 18.18
CA LYS B 227 6.34 28.97 18.86
C LYS B 227 5.52 29.72 19.89
N TRP B 228 6.01 29.72 21.14
CA TRP B 228 5.28 30.32 22.27
C TRP B 228 3.95 29.62 22.49
N GLY B 229 3.93 28.31 22.31
CA GLY B 229 2.72 27.54 22.49
C GLY B 229 3.01 26.24 23.21
N GLU B 230 1.96 25.60 23.68
CA GLU B 230 2.06 24.38 24.45
C GLU B 230 1.59 23.15 23.69
N VAL B 231 1.18 23.30 22.43
CA VAL B 231 0.70 22.20 21.62
C VAL B 231 1.40 22.25 20.26
N GLY B 232 1.36 21.15 19.54
CA GLY B 232 1.96 21.07 18.23
C GLY B 232 1.05 20.36 17.26
N GLU B 233 1.36 20.50 15.97
CA GLU B 233 0.54 19.98 14.89
C GLU B 233 1.37 19.14 13.95
N LEU B 234 0.86 17.94 13.64
CA LEU B 234 1.47 17.06 12.65
C LEU B 234 0.65 17.11 11.37
N ARG B 235 1.32 17.36 10.26
CA ARG B 235 0.67 17.42 8.96
C ARG B 235 0.87 16.09 8.25
N SER B 236 -0.24 15.44 7.90
CA SER B 236 -0.20 14.11 7.32
C SER B 236 -1.26 14.00 6.23
N LEU B 237 -1.07 13.03 5.34
CA LEU B 237 -2.04 12.81 4.27
C LEU B 237 -3.38 12.37 4.82
N THR B 238 -3.38 11.49 5.83
CA THR B 238 -4.64 11.03 6.40
C THR B 238 -5.38 12.17 7.08
N GLY B 239 -4.65 13.04 7.77
CA GLY B 239 -5.26 14.18 8.43
C GLY B 239 -4.21 14.96 9.18
N LEU B 240 -4.67 16.04 9.82
CA LEU B 240 -3.79 16.89 10.63
C LEU B 240 -4.07 16.58 12.09
N ARG B 241 -3.02 16.23 12.82
CA ARG B 241 -3.13 15.82 14.22
C ARG B 241 -2.48 16.87 15.10
N ARG B 242 -3.24 17.40 16.05
CA ARG B 242 -2.72 18.33 17.03
C ARG B 242 -2.45 17.60 18.33
N PHE B 243 -1.22 17.68 18.82
CA PHE B 243 -0.80 16.97 20.02
C PHE B 243 -0.37 17.98 21.06
N GLY B 244 -0.82 17.78 22.29
CA GLY B 244 -0.42 18.63 23.40
C GLY B 244 0.31 17.80 24.44
N MET B 245 1.33 18.39 25.05
CA MET B 245 2.17 17.69 26.00
C MET B 245 1.93 18.21 27.41
N LEU B 246 2.40 17.44 28.38
CA LEU B 246 2.23 17.76 29.78
C LEU B 246 3.41 17.18 30.55
N GLU B 247 3.67 17.71 31.74
CA GLU B 247 4.82 17.29 32.51
C GLU B 247 4.47 17.26 33.99
N ILE B 248 5.14 16.38 34.71
CA ILE B 248 5.01 16.28 36.17
C ILE B 248 6.20 16.98 36.80
N ARG B 249 5.94 17.84 37.77
CA ARG B 249 6.99 18.64 38.38
C ARG B 249 7.17 18.36 39.87
N GLU B 250 6.18 17.78 40.53
CA GLU B 250 6.23 17.51 41.95
C GLU B 250 5.82 16.06 42.20
N TYR B 251 6.39 15.46 43.24
CA TYR B 251 6.04 14.11 43.64
C TYR B 251 5.60 14.10 45.10
N ASP B 252 5.04 12.96 45.50
CA ASP B 252 4.75 12.69 46.89
C ASP B 252 5.60 11.53 47.37
N ASP B 253 5.64 11.34 48.69
CA ASP B 253 6.43 10.25 49.25
C ASP B 253 5.75 8.90 49.03
N ALA B 254 4.43 8.85 49.17
CA ALA B 254 3.73 7.59 49.42
C ALA B 254 3.99 6.56 48.33
N THR B 255 3.76 6.93 47.08
CA THR B 255 3.96 6.03 45.95
C THR B 255 3.18 4.72 46.11
N GLU B 256 1.95 4.83 46.61
CA GLU B 256 1.08 3.66 46.65
C GLU B 256 0.72 3.26 45.22
N PRO B 257 0.94 2.00 44.85
CA PRO B 257 0.93 1.63 43.44
C PRO B 257 -0.40 1.94 42.76
N GLY B 258 -0.32 2.33 41.50
CA GLY B 258 -1.49 2.72 40.76
C GLY B 258 -1.85 4.18 40.87
N GLN B 259 -0.88 5.03 41.25
CA GLN B 259 -1.19 6.45 41.37
C GLN B 259 -1.49 7.07 40.01
N LEU B 260 -1.05 6.43 38.93
CA LEU B 260 -1.32 6.94 37.59
C LEU B 260 -2.39 6.13 36.87
N ASN B 261 -3.00 5.16 37.53
CA ASN B 261 -3.97 4.30 36.85
C ASN B 261 -5.23 5.05 36.45
N VAL B 262 -5.47 6.22 37.03
CA VAL B 262 -6.70 6.94 36.74
C VAL B 262 -6.73 7.36 35.29
N LEU B 263 -5.56 7.52 34.67
CA LEU B 263 -5.52 7.99 33.29
C LEU B 263 -5.93 6.91 32.29
N LEU B 264 -5.83 5.63 32.68
CA LEU B 264 -6.11 4.56 31.74
C LEU B 264 -7.55 4.59 31.25
N GLU B 265 -8.51 4.62 32.18
CA GLU B 265 -9.92 4.73 31.83
C GLU B 265 -10.26 6.21 31.69
N SER B 266 -10.36 6.67 30.45
CA SER B 266 -10.57 8.07 30.15
C SER B 266 -10.96 8.19 28.69
N ASP B 267 -11.34 9.39 28.30
CA ASP B 267 -11.91 9.62 26.97
C ASP B 267 -10.99 10.36 26.01
N TYR B 268 -9.71 10.53 26.36
CA TYR B 268 -8.79 11.26 25.50
C TYR B 268 -7.62 10.37 25.10
N GLU B 269 -7.35 10.29 23.81
CA GLU B 269 -6.26 9.48 23.29
C GLU B 269 -4.93 10.14 23.62
N PHE B 270 -3.97 9.36 24.10
CA PHE B 270 -2.74 9.93 24.60
C PHE B 270 -1.61 8.90 24.56
N VAL B 271 -0.40 9.38 24.85
CA VAL B 271 0.79 8.56 25.00
C VAL B 271 1.49 9.00 26.27
N LEU B 272 1.73 8.06 27.17
CA LEU B 272 2.34 8.34 28.47
C LEU B 272 3.75 7.77 28.49
N THR B 273 4.72 8.59 28.90
CA THR B 273 6.13 8.20 28.86
C THR B 273 6.70 8.18 30.27
N HIS B 274 7.43 7.12 30.59
CA HIS B 274 8.24 7.05 31.80
C HIS B 274 9.61 6.53 31.41
N SER B 275 10.65 7.33 31.66
CA SER B 275 12.02 6.90 31.44
C SER B 275 12.67 6.72 32.80
N PHE B 276 13.32 5.59 33.00
CA PHE B 276 13.99 5.32 34.26
C PHE B 276 15.47 5.03 33.96
N SER B 277 16.24 6.10 33.79
CA SER B 277 17.68 5.99 33.59
C SER B 277 18.32 5.67 34.92
N VAL B 278 18.56 4.39 35.18
CA VAL B 278 19.08 3.98 36.47
C VAL B 278 20.41 4.68 36.76
N LEU B 279 20.67 4.92 38.03
CA LEU B 279 21.82 5.70 38.45
C LEU B 279 22.70 4.86 39.37
N SER B 280 24.01 4.99 39.20
CA SER B 280 24.94 4.11 39.88
C SER B 280 24.94 4.38 41.38
N ARG B 281 25.17 3.31 42.16
CA ARG B 281 25.12 3.41 43.61
C ARG B 281 26.04 4.49 44.17
N PRO B 282 27.24 4.72 43.66
CA PRO B 282 27.99 5.90 44.12
C PRO B 282 27.18 7.17 44.06
N ALA B 283 26.69 7.52 42.86
CA ALA B 283 25.89 8.74 42.73
C ALA B 283 24.59 8.60 43.51
N ALA B 284 24.08 7.39 43.67
CA ALA B 284 22.84 7.22 44.43
C ALA B 284 23.03 7.63 45.88
N LYS B 285 24.09 7.14 46.53
CA LYS B 285 24.30 7.51 47.92
C LYS B 285 24.73 8.96 48.03
N GLU B 286 25.38 9.50 47.00
CA GLU B 286 25.68 10.93 47.04
C GLU B 286 24.40 11.76 47.04
N TYR B 287 23.46 11.43 46.14
CA TYR B 287 22.19 12.13 46.11
C TYR B 287 21.44 11.97 47.43
N LEU B 288 21.44 10.75 47.97
CA LEU B 288 20.78 10.54 49.25
C LEU B 288 21.44 11.39 50.34
N GLN B 289 22.77 11.46 50.34
CA GLN B 289 23.48 12.18 51.38
C GLN B 289 23.22 13.67 51.29
N ARG B 290 22.95 14.20 50.09
CA ARG B 290 22.64 15.62 50.02
C ARG B 290 21.33 15.93 50.76
N HIS B 291 20.29 15.13 50.54
CA HIS B 291 19.05 15.32 51.29
C HIS B 291 19.25 15.06 52.77
N GLN B 292 20.05 14.04 53.11
CA GLN B 292 20.35 13.76 54.51
C GLN B 292 20.96 14.98 55.18
N LYS B 293 21.99 15.57 54.57
CA LYS B 293 22.64 16.73 55.14
C LYS B 293 21.69 17.91 55.26
N ASN B 294 20.92 18.17 54.20
CA ASN B 294 20.03 19.34 54.25
C ASN B 294 18.94 19.14 55.29
N LEU B 295 18.58 17.90 55.60
CA LEU B 295 17.71 17.64 56.73
C LEU B 295 18.43 17.85 58.05
N ILE B 296 19.69 17.42 58.14
CA ILE B 296 20.46 17.62 59.38
C ILE B 296 20.57 19.11 59.68
N ASP B 297 20.53 19.95 58.66
CA ASP B 297 20.39 21.39 58.86
C ASP B 297 18.94 21.70 59.25
N ALA B 298 18.52 21.12 60.38
CA ALA B 298 17.10 21.05 60.70
C ALA B 298 16.60 22.31 61.38
N ARG B 299 17.28 22.76 62.43
CA ARG B 299 16.74 23.79 63.33
C ARG B 299 15.35 23.42 63.80
N ASP B 300 15.18 22.16 64.19
CA ASP B 300 13.90 21.59 64.58
C ASP B 300 12.86 21.73 63.47
N VAL B 301 13.25 21.37 62.25
CA VAL B 301 12.30 21.37 61.12
C VAL B 301 11.24 20.30 61.31
N ALA B 302 11.67 19.08 61.64
CA ALA B 302 10.77 17.96 61.87
C ALA B 302 11.55 16.85 62.55
N THR B 303 10.94 16.22 63.56
CA THR B 303 11.61 15.13 64.25
C THR B 303 11.39 13.79 63.54
N ASP B 304 10.21 13.59 62.98
CA ASP B 304 9.90 12.29 62.38
C ASP B 304 10.72 12.03 61.13
N GLN B 305 10.98 13.08 60.35
CA GLN B 305 11.64 12.89 59.05
C GLN B 305 13.03 12.30 59.21
N ILE B 306 13.66 12.54 60.35
CA ILE B 306 14.99 11.98 60.60
C ILE B 306 14.94 10.45 60.61
N GLU B 307 13.99 9.89 61.37
CA GLU B 307 13.87 8.44 61.39
C GLU B 307 13.06 7.93 60.19
N GLU B 308 12.53 8.84 59.38
CA GLU B 308 11.96 8.41 58.10
C GLU B 308 13.05 8.23 57.05
N ILE B 309 14.13 9.02 57.16
CA ILE B 309 15.24 8.91 56.23
C ILE B 309 16.35 7.99 56.71
N ASP B 310 16.47 7.75 58.02
CA ASP B 310 17.59 6.96 58.51
C ASP B 310 17.60 5.56 57.88
N GLU B 311 16.43 4.97 57.68
CA GLU B 311 16.37 3.63 57.11
C GLU B 311 16.79 3.62 55.65
N ALA B 312 16.90 4.81 55.03
CA ALA B 312 17.20 4.87 53.60
C ALA B 312 18.58 4.32 53.30
N LEU B 313 19.57 4.64 54.12
CA LEU B 313 20.92 4.13 53.90
C LEU B 313 20.93 2.61 53.97
N ASN B 314 20.32 2.06 55.03
CA ASN B 314 20.31 0.63 55.24
C ASN B 314 19.59 -0.09 54.10
N GLN B 315 18.49 0.49 53.63
CA GLN B 315 17.75 -0.16 52.55
C GLN B 315 18.47 -0.03 51.23
N LEU B 316 19.18 1.09 50.99
CA LEU B 316 19.88 1.25 49.73
C LEU B 316 21.07 0.30 49.63
N ILE B 317 21.83 0.17 50.71
CA ILE B 317 22.97 -0.73 50.69
C ILE B 317 22.51 -2.19 50.57
N SER B 318 21.49 -2.57 51.34
CA SER B 318 21.10 -3.96 51.47
C SER B 318 19.80 -4.33 50.79
N GLY B 319 19.04 -3.37 50.28
CA GLY B 319 17.82 -3.70 49.57
C GLY B 319 18.05 -4.01 48.12
N HIS B 320 16.96 -4.32 47.43
CA HIS B 320 17.02 -4.71 46.03
C HIS B 320 16.59 -3.60 45.08
N PHE B 321 16.74 -2.34 45.49
CA PHE B 321 16.31 -1.21 44.67
C PHE B 321 17.48 -0.29 44.38
N VAL B 322 17.41 0.41 43.25
CA VAL B 322 18.44 1.36 42.83
C VAL B 322 17.78 2.67 42.48
N MET B 323 18.44 3.78 42.81
CA MET B 323 17.93 5.08 42.44
C MET B 323 17.83 5.21 40.92
N GLY B 324 17.12 6.24 40.47
CA GLY B 324 16.96 6.43 39.05
C GLY B 324 16.66 7.86 38.69
N GLU B 325 16.71 8.14 37.39
CA GLU B 325 16.32 9.42 36.82
C GLU B 325 15.02 9.26 36.07
N HIS B 326 14.03 10.06 36.40
CA HIS B 326 12.66 9.87 35.93
C HIS B 326 12.10 11.19 35.42
N HIS B 327 11.44 11.15 34.26
CA HIS B 327 10.57 12.22 33.83
C HIS B 327 9.33 11.59 33.21
N CYS B 328 8.18 12.22 33.38
CA CYS B 328 6.94 11.75 32.81
C CYS B 328 6.40 12.79 31.85
N THR B 329 6.02 12.35 30.65
CA THR B 329 5.48 13.25 29.64
C THR B 329 4.27 12.58 29.00
N LEU B 330 3.18 13.33 28.90
CA LEU B 330 1.90 12.82 28.41
C LEU B 330 1.50 13.64 27.19
N THR B 331 1.26 12.96 26.07
CA THR B 331 1.01 13.60 24.79
C THR B 331 -0.40 13.26 24.33
N VAL B 332 -1.31 14.22 24.43
CA VAL B 332 -2.71 14.03 24.05
C VAL B 332 -2.87 14.40 22.59
N TYR B 333 -3.45 13.50 21.80
CA TYR B 333 -3.68 13.73 20.38
C TYR B 333 -5.13 14.17 20.17
N GLY B 334 -5.31 15.31 19.49
CA GLY B 334 -6.63 15.82 19.22
C GLY B 334 -6.66 16.50 17.86
N GLU B 335 -7.87 16.64 17.34
CA GLU B 335 -8.05 17.16 15.99
C GLU B 335 -8.24 18.67 15.93
N THR B 336 -8.36 19.34 17.08
CA THR B 336 -8.48 20.79 17.11
C THR B 336 -7.74 21.34 18.31
N VAL B 337 -7.35 22.61 18.22
CA VAL B 337 -6.54 23.22 19.28
C VAL B 337 -7.33 23.29 20.58
N GLN B 338 -8.61 23.65 20.50
CA GLN B 338 -9.41 23.72 21.72
C GLN B 338 -9.60 22.36 22.35
N GLN B 339 -9.84 21.33 21.53
CA GLN B 339 -10.09 20.00 22.06
C GLN B 339 -8.86 19.46 22.80
N VAL B 340 -7.67 19.64 22.22
CA VAL B 340 -6.47 19.14 22.90
C VAL B 340 -6.21 19.93 24.18
N ARG B 341 -6.53 21.22 24.18
CA ARG B 341 -6.33 22.02 25.39
C ARG B 341 -7.26 21.58 26.51
N ASP B 342 -8.53 21.34 26.17
CA ASP B 342 -9.43 20.88 27.22
C ASP B 342 -9.08 19.47 27.67
N ASN B 343 -8.57 18.64 26.75
CA ASN B 343 -8.07 17.33 27.15
C ASN B 343 -6.92 17.47 28.13
N LEU B 344 -6.02 18.42 27.89
CA LEU B 344 -4.91 18.64 28.81
C LEU B 344 -5.43 19.11 30.17
N ALA B 345 -6.44 19.96 30.17
CA ALA B 345 -7.02 20.39 31.44
C ALA B 345 -7.60 19.20 32.20
N HIS B 346 -8.30 18.30 31.50
CA HIS B 346 -8.84 17.11 32.13
C HIS B 346 -7.72 16.24 32.70
N ALA B 347 -6.65 16.07 31.93
CA ALA B 347 -5.55 15.22 32.37
C ALA B 347 -4.84 15.81 33.58
N SER B 348 -4.65 17.14 33.59
CA SER B 348 -4.06 17.78 34.76
C SER B 348 -4.95 17.64 35.97
N ALA B 349 -6.26 17.73 35.79
CA ALA B 349 -7.18 17.49 36.90
C ALA B 349 -7.02 16.07 37.41
N ALA B 350 -6.93 15.10 36.49
CA ALA B 350 -6.80 13.71 36.90
C ALA B 350 -5.50 13.45 37.65
N MET B 351 -4.40 14.06 37.18
CA MET B 351 -3.13 13.92 37.89
C MET B 351 -3.17 14.61 39.26
N LEU B 352 -3.78 15.79 39.33
CA LEU B 352 -3.89 16.48 40.61
C LEU B 352 -4.80 15.74 41.57
N ASP B 353 -5.65 14.84 41.04
CA ASP B 353 -6.45 14.01 41.93
C ASP B 353 -5.57 13.20 42.86
N VAL B 354 -4.56 12.52 42.31
CA VAL B 354 -3.55 11.86 43.13
C VAL B 354 -2.53 12.91 43.53
N ALA B 355 -1.61 12.55 44.43
CA ALA B 355 -0.83 13.57 45.12
C ALA B 355 0.20 14.25 44.22
N VAL B 356 0.36 13.79 42.99
CA VAL B 356 1.32 14.44 42.09
C VAL B 356 0.74 15.77 41.59
N LEU B 357 1.62 16.74 41.35
CA LEU B 357 1.22 18.05 40.84
C LEU B 357 1.88 18.31 39.50
N PRO B 358 1.15 18.23 38.39
CA PRO B 358 1.75 18.46 37.08
C PRO B 358 1.70 19.93 36.68
N LYS B 359 2.50 20.25 35.65
CA LYS B 359 2.56 21.58 35.06
C LYS B 359 2.81 21.44 33.57
N PRO B 360 2.05 22.14 32.74
CA PRO B 360 2.22 22.01 31.30
C PRO B 360 3.61 22.43 30.86
N VAL B 361 4.16 21.70 29.89
CA VAL B 361 5.51 21.95 29.40
C VAL B 361 5.45 23.04 28.33
N ASP B 362 6.24 24.09 28.53
CA ASP B 362 6.30 25.23 27.62
C ASP B 362 7.76 25.58 27.42
N LEU B 363 8.12 26.03 26.22
CA LEU B 363 9.46 26.35 25.76
C LEU B 363 10.29 25.08 25.57
N ALA B 364 9.76 23.91 25.93
CA ALA B 364 10.47 22.66 25.73
C ALA B 364 9.59 21.64 25.02
N LEU B 365 8.63 22.12 24.21
CA LEU B 365 7.70 21.22 23.56
C LEU B 365 8.42 20.22 22.66
N GLU B 366 9.34 20.70 21.83
CA GLU B 366 10.08 19.77 20.98
C GLU B 366 11.02 18.91 21.80
N ALA B 367 11.59 19.46 22.87
CA ALA B 367 12.44 18.64 23.73
C ALA B 367 11.65 17.51 24.36
N GLY B 368 10.47 17.81 24.90
CA GLY B 368 9.64 16.77 25.46
C GLY B 368 9.17 15.78 24.41
N TYR B 369 8.91 16.27 23.20
CA TYR B 369 8.43 15.40 22.14
C TYR B 369 9.52 14.44 21.67
N TRP B 370 10.75 14.93 21.53
CA TRP B 370 11.85 14.04 21.16
C TRP B 370 12.23 13.15 22.32
N ALA B 371 11.90 13.55 23.55
CA ALA B 371 12.17 12.68 24.69
C ALA B 371 11.32 11.42 24.63
N GLN B 372 10.26 11.43 23.82
CA GLN B 372 9.41 10.24 23.72
C GLN B 372 10.16 9.08 23.09
N LEU B 373 11.05 9.38 22.15
CA LEU B 373 11.81 8.32 21.50
C LEU B 373 12.70 7.63 22.52
N PRO B 374 12.73 6.29 22.53
CA PRO B 374 13.46 5.58 23.59
C PRO B 374 14.94 5.86 23.65
N ALA B 375 15.56 6.26 22.55
CA ALA B 375 17.01 6.40 22.52
C ALA B 375 17.49 7.82 22.78
N ASN B 376 16.58 8.77 23.01
CA ASN B 376 16.97 10.17 23.15
C ASN B 376 17.27 10.46 24.63
N TRP B 377 18.54 10.30 24.96
CA TRP B 377 19.01 10.59 26.31
C TRP B 377 19.02 12.08 26.60
N GLN B 378 19.56 12.86 25.68
CA GLN B 378 19.93 14.24 25.97
C GLN B 378 18.71 15.15 26.04
N TRP B 379 17.60 14.74 25.44
CA TRP B 379 16.42 15.59 25.38
C TRP B 379 15.51 15.41 26.60
N ARG B 380 16.00 14.81 27.67
CA ARG B 380 15.17 14.69 28.86
C ARG B 380 14.87 16.08 29.39
N PRO B 381 13.61 16.49 29.46
CA PRO B 381 13.30 17.86 29.90
C PRO B 381 13.51 18.08 31.38
N ARG B 382 13.03 17.17 32.22
CA ARG B 382 13.04 17.36 33.66
C ARG B 382 13.34 16.04 34.36
N PRO B 383 14.59 15.60 34.32
CA PRO B 383 14.96 14.37 35.03
C PRO B 383 15.01 14.62 36.54
N ALA B 384 14.45 13.67 37.29
CA ALA B 384 14.41 13.79 38.72
C ALA B 384 14.87 12.49 39.37
N PRO B 385 15.45 12.53 40.57
CA PRO B 385 15.88 11.29 41.22
C PRO B 385 14.73 10.67 42.01
N ILE B 386 14.42 9.42 41.72
CA ILE B 386 13.35 8.70 42.39
C ILE B 386 13.83 7.30 42.75
N THR B 387 13.17 6.70 43.73
CA THR B 387 13.42 5.32 44.12
C THR B 387 12.89 4.38 43.05
N SER B 388 13.51 3.21 42.93
CA SER B 388 13.03 2.22 41.96
C SER B 388 11.64 1.73 42.33
N LEU B 389 11.39 1.48 43.63
CA LEU B 389 10.04 1.13 44.08
C LEU B 389 9.03 2.17 43.61
N ASN B 390 9.39 3.44 43.71
CA ASN B 390 8.50 4.49 43.27
C ASN B 390 8.27 4.42 41.77
N PHE B 391 9.31 4.05 41.01
CA PHE B 391 9.12 3.92 39.57
C PHE B 391 8.13 2.82 39.24
N LEU B 392 8.25 1.67 39.89
CA LEU B 392 7.27 0.62 39.67
C LEU B 392 5.90 1.02 40.16
N SER B 393 5.84 1.89 41.18
CA SER B 393 4.56 2.43 41.62
C SER B 393 3.93 3.30 40.54
N PHE B 394 4.75 4.06 39.81
CA PHE B 394 4.20 4.93 38.79
C PHE B 394 3.80 4.16 37.54
N SER B 395 4.46 3.03 37.28
CA SER B 395 4.24 2.25 36.06
C SER B 395 4.06 0.79 36.41
N PRO B 396 2.96 0.43 37.06
CA PRO B 396 2.75 -0.96 37.50
C PRO B 396 2.15 -1.90 36.46
N PHE B 397 2.12 -1.50 35.19
CA PHE B 397 1.70 -2.38 34.09
C PHE B 397 0.29 -2.91 34.32
N HIS B 398 -0.54 -2.15 35.01
CA HIS B 398 -1.94 -2.47 35.19
C HIS B 398 -2.69 -2.07 33.94
N ASN B 399 -3.62 -2.90 33.50
CA ASN B 399 -4.35 -2.64 32.27
C ASN B 399 -5.70 -3.32 32.33
N PHE B 400 -6.74 -2.59 31.94
CA PHE B 400 -8.04 -3.21 31.78
C PHE B 400 -7.99 -4.19 30.62
N MET B 401 -8.43 -5.42 30.86
CA MET B 401 -8.27 -6.47 29.85
C MET B 401 -9.07 -6.11 28.61
N SER B 402 -8.42 -6.26 27.46
CA SER B 402 -9.01 -5.96 26.16
C SER B 402 -8.40 -6.91 25.14
N GLY B 403 -9.18 -7.89 24.70
CA GLY B 403 -8.68 -8.86 23.76
C GLY B 403 -8.30 -8.24 22.44
N LYS B 404 -7.56 -9.00 21.65
CA LYS B 404 -7.07 -8.47 20.38
C LYS B 404 -8.23 -8.24 19.43
N PRO B 405 -8.43 -7.02 18.93
CA PRO B 405 -9.53 -6.79 17.99
C PRO B 405 -9.34 -7.47 16.66
N THR B 406 -8.14 -7.40 16.10
CA THR B 406 -7.85 -7.96 14.80
C THR B 406 -6.48 -8.61 14.85
N GLY B 407 -6.26 -9.58 13.96
CA GLY B 407 -5.07 -10.39 14.01
C GLY B 407 -5.25 -11.66 14.80
N ASN B 408 -6.39 -11.84 15.46
CA ASN B 408 -6.67 -13.05 16.17
C ASN B 408 -6.83 -14.21 15.18
N PRO B 409 -6.57 -15.44 15.61
CA PRO B 409 -6.89 -16.59 14.75
C PRO B 409 -8.36 -16.57 14.37
N TRP B 410 -8.63 -16.96 13.12
CA TRP B 410 -9.93 -16.86 12.45
C TRP B 410 -10.25 -15.42 12.08
N GLY B 411 -9.33 -14.48 12.29
CA GLY B 411 -9.52 -13.12 11.86
C GLY B 411 -9.85 -12.16 12.99
N PRO B 412 -10.93 -11.41 12.82
CA PRO B 412 -11.27 -10.40 13.82
C PRO B 412 -11.89 -11.01 15.07
N ALA B 413 -11.96 -10.19 16.11
CA ALA B 413 -12.63 -10.61 17.34
C ALA B 413 -14.09 -10.89 17.06
N VAL B 414 -14.59 -11.99 17.62
CA VAL B 414 -15.95 -12.43 17.31
C VAL B 414 -16.96 -11.39 17.75
N THR B 415 -16.81 -10.85 18.96
CA THR B 415 -17.75 -9.87 19.46
C THR B 415 -16.99 -8.79 20.22
N ILE B 416 -17.65 -7.65 20.37
CA ILE B 416 -17.19 -6.58 21.25
C ILE B 416 -18.17 -6.47 22.41
N LEU B 417 -17.67 -6.64 23.63
CA LEU B 417 -18.49 -6.70 24.82
C LEU B 417 -18.16 -5.51 25.71
N LYS B 418 -19.18 -4.88 26.26
CA LYS B 418 -18.96 -3.77 27.17
C LYS B 418 -18.43 -4.26 28.51
N THR B 419 -17.71 -3.39 29.20
CA THR B 419 -17.07 -3.71 30.47
C THR B 419 -17.55 -2.75 31.55
N VAL B 420 -17.62 -3.27 32.78
CA VAL B 420 -18.07 -2.45 33.90
C VAL B 420 -17.16 -1.25 34.09
N SER B 421 -15.84 -1.46 33.99
CA SER B 421 -14.91 -0.35 34.11
C SER B 421 -15.14 0.68 33.01
N GLY B 422 -15.38 0.22 31.78
CA GLY B 422 -15.65 1.10 30.67
C GLY B 422 -14.78 0.89 29.45
N THR B 423 -13.80 0.00 29.51
CA THR B 423 -12.99 -0.25 28.33
C THR B 423 -13.58 -1.38 27.53
N PRO B 424 -13.90 -1.18 26.25
CA PRO B 424 -14.52 -2.26 25.48
C PRO B 424 -13.63 -3.47 25.38
N LEU B 425 -14.24 -4.64 25.46
CA LEU B 425 -13.53 -5.91 25.47
C LEU B 425 -13.80 -6.63 24.15
N TYR B 426 -12.74 -6.90 23.40
CA TYR B 426 -12.85 -7.59 22.12
C TYR B 426 -12.80 -9.09 22.39
N PHE B 427 -13.95 -9.68 22.59
CA PHE B 427 -14.02 -11.10 22.93
C PHE B 427 -13.55 -11.95 21.76
N ASN B 428 -12.86 -13.04 22.07
CA ASN B 428 -12.42 -14.01 21.09
C ASN B 428 -12.09 -15.31 21.80
N PHE B 429 -12.34 -16.43 21.12
CA PHE B 429 -12.21 -17.73 21.77
C PHE B 429 -10.75 -18.08 22.05
N HIS B 430 -9.84 -17.70 21.16
CA HIS B 430 -8.45 -18.10 21.29
C HIS B 430 -7.76 -17.32 22.41
N ALA B 431 -7.13 -18.06 23.33
CA ALA B 431 -6.44 -17.49 24.48
C ALA B 431 -4.99 -17.95 24.48
N SER B 432 -4.13 -17.14 25.10
CA SER B 432 -2.70 -17.37 25.00
C SER B 432 -2.28 -18.67 25.67
N LYS B 433 -2.68 -18.88 26.92
CA LYS B 433 -2.26 -20.05 27.68
C LYS B 433 -3.45 -20.66 28.38
N GLU B 434 -3.46 -21.99 28.47
CA GLU B 434 -4.53 -22.70 29.15
C GLU B 434 -4.05 -23.28 30.46
N LYS B 441 2.53 -22.12 19.01
CA LYS B 441 1.60 -23.20 18.67
C LYS B 441 0.20 -22.64 18.44
N ARG B 442 -0.71 -23.51 17.98
CA ARG B 442 -2.08 -23.08 17.74
C ARG B 442 -2.76 -22.74 19.06
N LEU B 443 -3.42 -21.58 19.09
CA LEU B 443 -4.07 -21.11 20.30
C LEU B 443 -5.27 -21.97 20.64
N LEU B 444 -5.46 -22.23 21.93
CA LEU B 444 -6.62 -22.98 22.37
C LEU B 444 -7.87 -22.12 22.32
N GLY B 445 -8.96 -22.70 21.79
CA GLY B 445 -10.24 -22.02 21.73
C GLY B 445 -11.28 -22.53 22.69
N ASN B 446 -10.91 -23.39 23.65
CA ASN B 446 -11.88 -23.96 24.56
C ASN B 446 -12.51 -22.88 25.43
N THR B 447 -13.78 -23.09 25.77
CA THR B 447 -14.54 -22.15 26.59
C THR B 447 -15.51 -22.93 27.47
N MET B 448 -15.73 -22.48 28.70
CA MET B 448 -16.62 -23.16 29.62
C MET B 448 -17.50 -22.13 30.29
N LEU B 449 -18.79 -22.14 29.94
CA LEU B 449 -19.73 -21.07 30.32
C LEU B 449 -20.52 -21.48 31.56
N ILE B 450 -19.80 -21.67 32.67
CA ILE B 450 -20.46 -22.18 33.86
C ILE B 450 -21.42 -21.14 34.39
N GLY B 451 -22.51 -21.60 35.00
CA GLY B 451 -23.52 -20.69 35.51
C GLY B 451 -24.56 -21.46 36.29
N GLN B 452 -25.43 -20.70 36.96
CA GLN B 452 -26.43 -21.28 37.85
C GLN B 452 -27.82 -20.87 37.39
N SER B 453 -28.45 -21.72 36.60
CA SER B 453 -29.89 -21.65 36.32
C SER B 453 -30.30 -20.28 35.79
N SER B 454 -29.38 -19.60 35.10
CA SER B 454 -29.65 -18.30 34.52
C SER B 454 -29.87 -18.49 33.02
N SER B 455 -31.01 -18.00 32.53
CA SER B 455 -31.27 -18.06 31.11
C SER B 455 -30.25 -17.26 30.31
N GLY B 456 -29.52 -16.35 30.97
CA GLY B 456 -28.48 -15.61 30.29
C GLY B 456 -27.43 -16.50 29.68
N LYS B 457 -27.25 -17.70 30.21
CA LYS B 457 -26.38 -18.68 29.56
C LYS B 457 -26.89 -18.99 28.16
N THR B 458 -28.18 -19.29 28.03
CA THR B 458 -28.74 -19.54 26.70
C THR B 458 -28.67 -18.29 25.84
N VAL B 459 -28.99 -17.12 26.41
CA VAL B 459 -28.98 -15.88 25.64
C VAL B 459 -27.55 -15.56 25.20
N LEU B 460 -26.59 -15.68 26.12
CA LEU B 460 -25.21 -15.41 25.75
C LEU B 460 -24.72 -16.37 24.68
N LEU B 461 -25.03 -17.65 24.83
CA LEU B 461 -24.55 -18.63 23.87
C LEU B 461 -25.18 -18.41 22.50
N GLY B 462 -26.48 -18.09 22.47
CA GLY B 462 -27.13 -17.80 21.20
C GLY B 462 -26.57 -16.55 20.55
N PHE B 463 -26.29 -15.52 21.35
CA PHE B 463 -25.72 -14.31 20.79
C PHE B 463 -24.33 -14.57 20.23
N LEU B 464 -23.51 -15.35 20.93
CA LEU B 464 -22.20 -15.68 20.40
C LEU B 464 -22.30 -16.49 19.12
N LEU B 465 -23.24 -17.44 19.05
CA LEU B 465 -23.39 -18.19 17.80
C LEU B 465 -23.82 -17.28 16.66
N ALA B 466 -24.80 -16.42 16.90
CA ALA B 466 -25.29 -15.53 15.85
C ALA B 466 -24.21 -14.58 15.37
N GLN B 467 -23.38 -14.08 16.29
CA GLN B 467 -22.31 -13.18 15.88
C GLN B 467 -21.15 -13.95 15.24
N ALA B 468 -20.85 -15.15 15.71
CA ALA B 468 -19.80 -15.95 15.12
C ALA B 468 -20.18 -16.48 13.75
N GLN B 469 -21.46 -16.36 13.38
CA GLN B 469 -21.84 -16.65 12.00
C GLN B 469 -21.00 -15.88 10.98
N LYS B 470 -20.28 -14.85 11.40
CA LYS B 470 -19.51 -14.05 10.46
C LYS B 470 -18.45 -14.87 9.75
N PHE B 471 -17.84 -15.83 10.45
CA PHE B 471 -16.83 -16.68 9.83
C PHE B 471 -17.42 -17.78 8.96
N LYS B 472 -18.74 -17.90 8.93
CA LYS B 472 -19.44 -19.02 8.29
C LYS B 472 -18.90 -20.35 8.79
N PRO B 473 -18.91 -20.60 10.10
CA PRO B 473 -18.31 -21.83 10.62
C PRO B 473 -19.35 -22.92 10.85
N THR B 474 -18.92 -24.16 10.68
CA THR B 474 -19.80 -25.29 10.98
C THR B 474 -19.95 -25.45 12.48
N ILE B 475 -21.19 -25.51 12.96
CA ILE B 475 -21.49 -25.57 14.38
C ILE B 475 -22.43 -26.74 14.62
N VAL B 476 -22.12 -27.54 15.64
CA VAL B 476 -22.94 -28.68 16.02
C VAL B 476 -23.32 -28.52 17.48
N ALA B 477 -24.62 -28.55 17.76
CA ALA B 477 -25.13 -28.21 19.08
C ALA B 477 -25.83 -29.39 19.72
N PHE B 478 -25.69 -29.50 21.04
CA PHE B 478 -26.44 -30.46 21.85
C PHE B 478 -27.12 -29.68 22.98
N ASP B 479 -28.32 -29.19 22.70
CA ASP B 479 -29.01 -28.31 23.64
C ASP B 479 -29.79 -29.11 24.66
N LYS B 480 -30.35 -28.39 25.63
CA LYS B 480 -31.24 -28.97 26.62
C LYS B 480 -32.49 -28.12 26.76
N ASP B 481 -33.61 -28.79 27.07
CA ASP B 481 -34.89 -28.15 27.35
C ASP B 481 -35.39 -27.28 26.21
N ARG B 482 -35.10 -27.66 24.97
CA ARG B 482 -35.55 -26.94 23.78
C ARG B 482 -35.15 -25.47 23.83
N GLY B 483 -34.03 -25.16 24.48
CA GLY B 483 -33.65 -23.78 24.67
C GLY B 483 -33.34 -23.06 23.38
N MET B 484 -32.52 -23.67 22.52
CA MET B 484 -32.03 -22.98 21.34
C MET B 484 -32.62 -23.52 20.04
N GLU B 485 -33.80 -24.15 20.08
CA GLU B 485 -34.42 -24.59 18.83
C GLU B 485 -34.73 -23.40 17.94
N ILE B 486 -35.32 -22.35 18.51
CA ILE B 486 -35.67 -21.17 17.73
C ILE B 486 -34.42 -20.47 17.23
N SER B 487 -33.38 -20.40 18.06
CA SER B 487 -32.14 -19.77 17.62
C SER B 487 -31.50 -20.55 16.47
N ILE B 488 -31.50 -21.88 16.56
CA ILE B 488 -30.93 -22.69 15.48
C ILE B 488 -31.74 -22.51 14.20
N ARG B 489 -33.06 -22.52 14.32
CA ARG B 489 -33.89 -22.34 13.13
C ARG B 489 -33.72 -20.95 12.54
N ALA B 490 -33.40 -19.97 13.37
CA ALA B 490 -33.29 -18.59 12.89
C ALA B 490 -32.21 -18.48 11.83
N MET B 491 -31.03 -19.04 12.10
CA MET B 491 -30.03 -19.16 11.07
C MET B 491 -30.25 -20.44 10.28
N GLY B 492 -29.47 -20.62 9.22
CA GLY B 492 -29.59 -21.81 8.41
C GLY B 492 -29.17 -23.03 9.20
N GLY B 493 -30.13 -23.88 9.57
CA GLY B 493 -29.81 -25.05 10.35
C GLY B 493 -31.00 -25.96 10.54
N ARG B 494 -30.70 -27.20 10.88
CA ARG B 494 -31.72 -28.23 11.12
C ARG B 494 -31.63 -28.64 12.58
N TYR B 495 -32.78 -28.62 13.27
CA TYR B 495 -32.77 -28.89 14.70
C TYR B 495 -32.62 -30.36 15.01
N LEU B 496 -33.25 -31.24 14.24
CA LEU B 496 -33.30 -32.67 14.51
C LEU B 496 -33.76 -32.98 15.94
N PRO B 497 -35.00 -32.63 16.29
CA PRO B 497 -35.47 -32.91 17.65
C PRO B 497 -35.56 -34.41 17.91
N LEU B 498 -34.99 -34.84 19.03
CA LEU B 498 -35.00 -36.26 19.41
C LEU B 498 -36.14 -36.53 20.40
N LYS B 499 -37.36 -36.25 19.96
CA LYS B 499 -38.52 -36.44 20.83
C LYS B 499 -38.82 -37.93 21.01
N THR B 500 -39.49 -38.24 22.10
CA THR B 500 -39.81 -39.63 22.41
C THR B 500 -41.01 -40.12 21.61
N GLY B 501 -40.96 -41.39 21.23
CA GLY B 501 -42.03 -42.02 20.49
C GLY B 501 -41.80 -42.13 19.00
N GLU B 502 -40.91 -41.31 18.44
CA GLU B 502 -40.56 -41.36 17.03
C GLU B 502 -39.05 -41.36 16.95
N PRO B 503 -38.42 -42.44 16.49
CA PRO B 503 -36.98 -42.39 16.20
C PRO B 503 -36.69 -41.32 15.16
N SER B 504 -35.56 -40.66 15.31
CA SER B 504 -35.23 -39.53 14.45
C SER B 504 -34.93 -40.01 13.04
N GLY B 505 -34.52 -39.06 12.19
CA GLY B 505 -34.24 -39.39 10.81
C GLY B 505 -33.23 -40.50 10.66
N PHE B 506 -32.16 -40.48 11.47
CA PHE B 506 -31.20 -41.56 11.45
C PHE B 506 -31.73 -42.75 12.23
N ASN B 507 -31.49 -43.94 11.69
CA ASN B 507 -31.66 -45.20 12.39
C ASN B 507 -30.32 -45.57 13.01
N PRO B 508 -30.29 -46.48 13.98
CA PRO B 508 -29.01 -46.80 14.63
C PRO B 508 -27.93 -47.30 13.67
N PHE B 509 -28.31 -47.82 12.50
CA PHE B 509 -27.30 -48.27 11.55
C PHE B 509 -26.56 -47.09 10.96
N GLN B 510 -25.39 -47.35 10.40
CA GLN B 510 -24.61 -46.36 9.70
C GLN B 510 -24.23 -46.91 8.32
N LEU B 511 -23.87 -46.01 7.42
CA LEU B 511 -23.46 -46.42 6.09
C LEU B 511 -22.08 -45.87 5.74
N HIS B 515 -13.46 -49.96 7.65
CA HIS B 515 -13.72 -48.58 8.03
C HIS B 515 -15.05 -48.45 8.77
N ALA B 516 -16.14 -48.55 8.00
CA ALA B 516 -17.47 -48.46 8.59
C ALA B 516 -17.71 -49.60 9.56
N ASN B 517 -17.21 -50.79 9.25
CA ASN B 517 -17.30 -51.91 10.19
C ASN B 517 -16.51 -51.62 11.45
N LEU B 518 -15.34 -50.99 11.30
CA LEU B 518 -14.56 -50.58 12.47
C LEU B 518 -15.36 -49.62 13.33
N ILE B 519 -16.07 -48.68 12.70
CA ILE B 519 -16.86 -47.71 13.45
C ILE B 519 -18.00 -48.41 14.17
N PHE B 520 -18.77 -49.24 13.45
CA PHE B 520 -19.91 -49.90 14.05
C PHE B 520 -19.48 -50.94 15.09
N LEU B 521 -18.20 -51.31 15.11
CA LEU B 521 -17.73 -52.20 16.16
C LEU B 521 -18.06 -51.64 17.54
N LYS B 522 -17.66 -50.40 17.81
CA LYS B 522 -17.95 -49.81 19.11
C LYS B 522 -19.44 -49.61 19.30
N GLN B 523 -20.18 -49.48 18.20
CA GLN B 523 -21.64 -49.41 18.30
C GLN B 523 -22.19 -50.71 18.89
N PHE B 524 -21.65 -51.85 18.44
CA PHE B 524 -22.03 -53.12 19.03
C PHE B 524 -21.70 -53.17 20.52
N VAL B 525 -20.50 -52.69 20.87
CA VAL B 525 -20.05 -52.78 22.26
C VAL B 525 -20.93 -51.92 23.17
N LYS B 526 -21.23 -50.69 22.76
CA LYS B 526 -22.11 -49.85 23.55
C LYS B 526 -23.53 -50.40 23.54
N LYS B 527 -23.94 -51.02 22.43
CA LYS B 527 -25.23 -51.69 22.39
C LYS B 527 -25.30 -52.78 23.44
N LEU B 528 -24.15 -53.34 23.80
CA LEU B 528 -24.15 -54.30 24.90
C LEU B 528 -24.49 -53.60 26.21
N ALA B 529 -25.72 -53.83 26.65
CA ALA B 529 -26.18 -53.45 27.98
C ALA B 529 -26.88 -54.64 28.59
N ALA B 530 -26.88 -54.73 29.91
CA ALA B 530 -27.31 -55.93 30.61
C ALA B 530 -26.53 -57.15 30.12
N ALA B 531 -25.21 -57.04 30.20
CA ALA B 531 -24.32 -58.08 29.71
C ALA B 531 -24.50 -59.37 30.51
N GLU B 540 -20.20 -59.82 29.33
CA GLU B 540 -19.81 -59.17 28.09
C GLU B 540 -18.58 -59.84 27.53
N GLU B 541 -18.51 -61.17 27.65
CA GLU B 541 -17.38 -61.95 27.17
C GLU B 541 -17.72 -62.85 25.99
N GLU B 542 -18.90 -63.47 26.00
CA GLU B 542 -19.30 -64.33 24.89
C GLU B 542 -19.74 -63.51 23.68
N ILE B 543 -20.07 -62.25 23.87
CA ILE B 543 -20.55 -61.40 22.78
C ILE B 543 -19.41 -60.52 22.30
N ASP B 544 -18.17 -60.96 22.51
CA ASP B 544 -17.03 -60.18 22.04
C ASP B 544 -16.95 -60.17 20.52
N GLN B 545 -17.27 -61.28 19.87
CA GLN B 545 -17.27 -61.38 18.41
C GLN B 545 -18.49 -62.07 17.82
N ALA B 546 -19.36 -62.66 18.64
CA ALA B 546 -20.56 -63.31 18.12
C ALA B 546 -21.54 -62.28 17.56
N ILE B 547 -21.49 -61.06 18.09
CA ILE B 547 -22.22 -59.96 17.48
C ILE B 547 -21.43 -59.38 16.32
N THR B 548 -20.09 -59.45 16.40
CA THR B 548 -19.25 -58.90 15.34
C THR B 548 -19.48 -59.64 14.03
N ALA B 549 -19.57 -60.97 14.07
CA ALA B 549 -19.77 -61.75 12.86
C ALA B 549 -21.08 -61.38 12.18
N MET B 550 -22.15 -61.21 12.97
CA MET B 550 -23.39 -60.70 12.40
C MET B 550 -23.22 -59.28 11.91
N MET B 551 -22.28 -58.53 12.49
CA MET B 551 -22.00 -57.20 12.00
C MET B 551 -21.20 -57.23 10.70
N SER B 552 -20.64 -58.37 10.34
CA SER B 552 -19.84 -58.45 9.11
C SER B 552 -20.72 -58.28 7.87
N ASP B 553 -21.72 -59.16 7.71
CA ASP B 553 -22.64 -59.11 6.58
C ASP B 553 -21.92 -59.03 5.23
N PRO B 581 -27.67 -61.54 23.46
CA PRO B 581 -28.40 -60.44 22.81
C PRO B 581 -29.91 -60.62 22.91
N THR B 582 -30.39 -61.20 24.00
CA THR B 582 -31.82 -61.27 24.24
C THR B 582 -32.41 -59.88 24.40
N VAL B 583 -31.71 -59.00 25.14
CA VAL B 583 -32.21 -57.65 25.37
C VAL B 583 -31.90 -56.75 24.19
N HIS B 584 -30.93 -57.12 23.36
CA HIS B 584 -30.49 -56.26 22.28
C HIS B 584 -31.59 -56.07 21.25
N ALA B 585 -32.19 -57.16 20.79
CA ALA B 585 -33.31 -57.05 19.87
C ALA B 585 -34.51 -56.39 20.56
N ARG B 586 -34.61 -56.53 21.88
CA ARG B 586 -35.66 -55.81 22.61
C ARG B 586 -35.46 -54.30 22.48
N LEU B 587 -34.24 -53.81 22.66
CA LEU B 587 -33.98 -52.39 22.48
C LEU B 587 -34.18 -51.97 21.03
N VAL B 588 -33.82 -52.86 20.08
CA VAL B 588 -33.99 -52.54 18.67
C VAL B 588 -35.47 -52.37 18.32
N LYS B 589 -36.32 -53.24 18.86
CA LYS B 589 -37.75 -53.12 18.63
C LYS B 589 -38.37 -52.00 19.47
N TRP B 590 -37.70 -51.59 20.54
CA TRP B 590 -38.18 -50.52 21.42
C TRP B 590 -37.31 -49.27 21.33
N CYS B 591 -36.77 -48.98 20.14
CA CYS B 591 -36.08 -47.72 19.91
C CYS B 591 -36.95 -46.53 20.30
N GLU B 592 -38.26 -46.74 20.38
CA GLU B 592 -39.19 -45.71 20.85
C GLU B 592 -38.79 -45.17 22.22
N LEU B 607 -28.69 -36.78 10.49
CA LEU B 607 -28.85 -37.60 9.29
C LEU B 607 -28.17 -36.95 8.10
N ASP B 608 -28.98 -36.37 7.22
CA ASP B 608 -28.44 -35.68 6.04
C ASP B 608 -27.62 -34.47 6.47
N LEU B 609 -26.34 -34.48 6.12
CA LEU B 609 -25.39 -33.49 6.58
C LEU B 609 -24.88 -32.66 5.40
N SER B 610 -24.16 -31.59 5.73
CA SER B 610 -23.38 -30.73 4.83
C SER B 610 -24.27 -29.88 3.95
N THR B 611 -25.59 -30.07 3.94
CA THR B 611 -26.46 -29.17 3.22
C THR B 611 -26.74 -27.91 4.03
N HIS B 612 -26.47 -27.97 5.33
CA HIS B 612 -26.64 -26.84 6.23
C HIS B 612 -25.31 -26.56 6.93
N GLN B 613 -25.31 -25.48 7.72
CA GLN B 613 -24.10 -25.07 8.41
C GLN B 613 -24.21 -25.21 9.92
N ILE B 614 -25.43 -25.13 10.47
CA ILE B 614 -25.64 -25.21 11.92
C ILE B 614 -26.53 -26.41 12.21
N TYR B 615 -26.24 -27.11 13.29
CA TYR B 615 -26.99 -28.29 13.68
C TYR B 615 -27.32 -28.24 15.16
N GLY B 616 -28.31 -29.02 15.56
CA GLY B 616 -28.65 -29.17 16.96
C GLY B 616 -29.14 -30.58 17.22
N PHE B 617 -29.40 -30.87 18.50
CA PHE B 617 -29.94 -32.16 18.89
C PHE B 617 -30.69 -32.01 20.21
N ASP B 618 -32.00 -32.24 20.17
CA ASP B 618 -32.84 -32.15 21.35
C ASP B 618 -32.52 -33.34 22.24
N ILE B 619 -31.49 -33.20 23.06
CA ILE B 619 -30.93 -34.32 23.81
C ILE B 619 -31.38 -34.31 25.26
N THR B 620 -32.40 -33.52 25.59
CA THR B 620 -32.89 -33.48 26.97
C THR B 620 -33.48 -34.82 27.39
N GLU B 621 -33.94 -35.62 26.43
CA GLU B 621 -34.61 -36.88 26.78
C GLU B 621 -33.68 -37.83 27.51
N PHE B 622 -32.44 -37.96 27.06
CA PHE B 622 -31.52 -38.95 27.57
C PHE B 622 -30.73 -38.42 28.78
N LEU B 623 -31.48 -38.09 29.83
CA LEU B 623 -30.89 -37.83 31.14
C LEU B 623 -31.12 -38.97 32.12
N ASP B 624 -31.71 -40.07 31.66
CA ASP B 624 -31.97 -41.23 32.51
C ASP B 624 -31.13 -42.44 32.14
N ASN B 625 -31.14 -42.84 30.87
CA ASN B 625 -30.44 -44.04 30.44
C ASN B 625 -29.29 -43.69 29.51
N PRO B 626 -28.05 -43.79 29.98
CA PRO B 626 -26.90 -43.55 29.08
C PRO B 626 -26.86 -44.50 27.89
N GLU B 627 -27.34 -45.73 28.02
CA GLU B 627 -27.29 -46.67 26.90
C GLU B 627 -28.14 -46.19 25.74
N ALA B 628 -28.97 -45.17 25.99
CA ALA B 628 -29.44 -44.34 24.88
C ALA B 628 -28.44 -43.22 24.62
N ARG B 629 -28.11 -42.45 25.67
CA ARG B 629 -27.28 -41.27 25.50
C ARG B 629 -25.91 -41.62 24.97
N THR B 630 -25.28 -42.67 25.50
CA THR B 630 -23.94 -43.02 25.06
C THR B 630 -23.87 -43.37 23.57
N PRO B 631 -24.71 -44.26 23.04
CA PRO B 631 -24.71 -44.44 21.58
C PRO B 631 -25.13 -43.19 20.83
N VAL B 632 -26.02 -42.37 21.39
CA VAL B 632 -26.39 -41.15 20.69
C VAL B 632 -25.18 -40.25 20.50
N MET B 633 -24.43 -39.98 21.57
CA MET B 633 -23.23 -39.17 21.40
C MET B 633 -22.20 -39.86 20.52
N MET B 634 -22.05 -41.18 20.65
CA MET B 634 -21.08 -41.87 19.82
C MET B 634 -21.40 -41.66 18.34
N TYR B 635 -22.65 -41.93 17.96
CA TYR B 635 -23.04 -41.79 16.56
C TYR B 635 -22.93 -40.34 16.10
N LEU B 636 -23.38 -39.39 16.92
CA LEU B 636 -23.38 -38.00 16.49
C LEU B 636 -21.95 -37.48 16.33
N LEU B 637 -21.08 -37.79 17.28
CA LEU B 637 -19.70 -37.37 17.18
C LEU B 637 -19.02 -38.02 15.98
N TYR B 638 -19.26 -39.30 15.74
CA TYR B 638 -18.66 -39.94 14.59
C TYR B 638 -19.19 -39.34 13.30
N ARG B 639 -20.48 -38.98 13.27
CA ARG B 639 -21.06 -38.34 12.10
C ARG B 639 -20.39 -37.01 11.81
N THR B 640 -20.32 -36.14 12.81
CA THR B 640 -19.75 -34.81 12.63
C THR B 640 -18.24 -34.83 12.48
N GLU B 641 -17.60 -35.96 12.79
CA GLU B 641 -16.15 -36.03 12.69
C GLU B 641 -15.67 -35.75 11.27
N SER B 642 -16.47 -36.13 10.27
CA SER B 642 -16.09 -35.89 8.89
C SER B 642 -16.02 -34.40 8.57
N MET B 643 -16.96 -33.62 9.10
CA MET B 643 -17.03 -32.21 8.73
C MET B 643 -16.04 -31.36 9.53
N ILE B 644 -15.34 -31.96 10.49
CA ILE B 644 -14.38 -31.22 11.29
C ILE B 644 -13.26 -30.68 10.40
N ASP B 645 -12.70 -31.54 9.54
CA ASP B 645 -11.55 -31.14 8.73
C ASP B 645 -11.98 -30.33 7.51
N GLY B 646 -13.28 -30.33 7.19
CA GLY B 646 -13.74 -29.59 6.03
C GLY B 646 -13.55 -28.10 6.17
N ARG B 647 -13.90 -27.54 7.32
CA ARG B 647 -13.81 -26.10 7.53
C ARG B 647 -13.77 -25.82 9.03
N ARG B 648 -14.00 -24.56 9.38
CA ARG B 648 -14.04 -24.16 10.79
C ARG B 648 -15.13 -24.91 11.53
N PHE B 649 -14.80 -25.37 12.74
CA PHE B 649 -15.74 -26.13 13.55
C PHE B 649 -15.81 -25.56 14.95
N MET B 650 -17.01 -25.53 15.53
CA MET B 650 -17.19 -25.18 16.93
C MET B 650 -18.24 -26.10 17.54
N TYR B 651 -17.79 -27.19 18.13
CA TYR B 651 -18.66 -27.99 18.98
C TYR B 651 -19.19 -27.12 20.10
N VAL B 652 -20.47 -27.29 20.44
CA VAL B 652 -21.07 -26.59 21.56
C VAL B 652 -21.96 -27.57 22.32
N PHE B 653 -21.89 -27.50 23.65
CA PHE B 653 -22.59 -28.42 24.53
C PHE B 653 -23.45 -27.64 25.51
N ASP B 654 -24.10 -28.36 26.42
CA ASP B 654 -24.86 -27.75 27.48
C ASP B 654 -24.80 -28.55 28.78
N GLU B 655 -24.03 -29.63 28.81
CA GLU B 655 -24.00 -30.48 29.99
C GLU B 655 -22.70 -31.28 29.97
N PHE B 656 -22.30 -31.74 31.15
CA PHE B 656 -21.15 -32.62 31.31
C PHE B 656 -21.51 -33.99 31.84
N TRP B 657 -22.66 -34.14 32.49
CA TRP B 657 -23.05 -35.43 33.05
C TRP B 657 -23.51 -36.39 31.98
N LYS B 658 -24.22 -35.91 30.95
CA LYS B 658 -24.44 -36.75 29.78
C LYS B 658 -23.13 -37.10 29.09
N PRO B 659 -22.19 -36.17 28.86
CA PRO B 659 -20.86 -36.59 28.41
C PRO B 659 -20.17 -37.54 29.38
N LEU B 660 -20.40 -37.38 30.69
CA LEU B 660 -19.89 -38.37 31.65
C LEU B 660 -20.51 -39.73 31.41
N GLN B 661 -21.74 -39.78 30.89
CA GLN B 661 -22.40 -41.06 30.70
C GLN B 661 -21.69 -41.91 29.65
N ASP B 662 -20.78 -41.31 28.89
CA ASP B 662 -20.13 -42.04 27.81
C ASP B 662 -19.08 -43.02 28.34
N GLU B 663 -18.27 -42.59 29.32
CA GLU B 663 -17.27 -43.43 29.96
C GLU B 663 -16.12 -43.80 29.01
N TYR B 664 -16.23 -43.41 27.75
CA TYR B 664 -15.13 -43.55 26.80
C TYR B 664 -14.96 -42.29 25.96
N PHE B 665 -15.89 -41.35 26.04
CA PHE B 665 -15.71 -40.07 25.37
C PHE B 665 -14.43 -39.42 25.83
N GLU B 666 -14.06 -39.61 27.09
CA GLU B 666 -12.75 -39.15 27.55
C GLU B 666 -11.63 -39.86 26.81
N ASP B 667 -11.76 -41.17 26.61
CA ASP B 667 -10.71 -41.93 25.93
C ASP B 667 -10.50 -41.45 24.50
N LEU B 668 -11.59 -41.18 23.79
CA LEU B 668 -11.44 -40.62 22.46
C LEU B 668 -10.97 -39.17 22.53
N ALA B 669 -11.47 -38.41 23.50
CA ALA B 669 -11.27 -36.96 23.49
C ALA B 669 -9.84 -36.60 23.85
N LYS B 670 -9.20 -37.40 24.71
CA LYS B 670 -7.87 -37.04 25.21
C LYS B 670 -6.90 -36.78 24.07
N ASN B 671 -7.08 -37.47 22.94
CA ASN B 671 -6.25 -37.18 21.78
C ASN B 671 -7.04 -36.44 20.69
N LYS B 672 -8.32 -36.77 20.52
CA LYS B 672 -9.06 -36.19 19.41
C LYS B 672 -9.29 -34.70 19.60
N GLN B 673 -9.30 -34.21 20.84
CA GLN B 673 -9.45 -32.76 21.04
C GLN B 673 -8.20 -32.04 20.57
N LYS B 674 -7.03 -32.64 20.78
CA LYS B 674 -5.80 -32.11 20.17
C LYS B 674 -5.87 -32.20 18.65
N THR B 675 -6.30 -33.35 18.13
CA THR B 675 -6.30 -33.57 16.69
C THR B 675 -7.19 -32.56 15.97
N ILE B 676 -8.44 -32.44 16.40
CA ILE B 676 -9.32 -31.44 15.82
C ILE B 676 -8.81 -30.04 16.13
N ARG B 677 -8.21 -29.87 17.31
CA ARG B 677 -7.73 -28.55 17.72
C ARG B 677 -6.62 -28.07 16.80
N LYS B 678 -5.83 -29.00 16.27
CA LYS B 678 -4.81 -28.61 15.29
C LYS B 678 -5.44 -28.04 14.03
N GLN B 679 -6.58 -28.60 13.60
CA GLN B 679 -7.21 -28.20 12.34
C GLN B 679 -8.58 -27.60 12.64
N ASN B 680 -8.58 -26.31 12.99
CA ASN B 680 -9.79 -25.50 13.08
C ASN B 680 -10.86 -26.15 13.96
N GLY B 681 -10.45 -26.67 15.11
CA GLY B 681 -11.35 -27.29 16.06
C GLY B 681 -11.51 -26.42 17.30
N ILE B 682 -12.74 -26.29 17.77
CA ILE B 682 -13.06 -25.53 18.96
C ILE B 682 -14.16 -26.25 19.71
N PHE B 683 -13.99 -26.39 21.03
CA PHE B 683 -15.06 -26.83 21.91
C PHE B 683 -15.64 -25.62 22.62
N VAL B 684 -16.94 -25.65 22.87
CA VAL B 684 -17.60 -24.67 23.73
C VAL B 684 -18.41 -25.43 24.76
N PHE B 685 -18.00 -25.34 26.01
CA PHE B 685 -18.59 -26.15 27.07
C PHE B 685 -19.48 -25.27 27.93
N ALA B 686 -20.51 -25.89 28.51
CA ALA B 686 -21.44 -25.19 29.37
C ALA B 686 -21.76 -26.07 30.57
N THR B 687 -22.23 -25.44 31.64
CA THR B 687 -22.59 -26.15 32.85
C THR B 687 -23.59 -25.33 33.64
N GLN B 688 -24.74 -25.92 33.95
CA GLN B 688 -25.73 -25.26 34.78
C GLN B 688 -25.55 -25.55 36.26
N GLU B 689 -24.73 -26.53 36.61
CA GLU B 689 -24.43 -26.87 38.00
C GLU B 689 -22.92 -26.98 38.14
N PRO B 690 -22.22 -25.84 38.21
CA PRO B 690 -20.76 -25.91 38.34
C PRO B 690 -20.30 -26.61 39.60
N SER B 691 -21.11 -26.59 40.66
CA SER B 691 -20.69 -27.18 41.92
C SER B 691 -20.43 -28.67 41.77
N ASP B 692 -21.32 -29.39 41.10
CA ASP B 692 -21.14 -30.81 40.88
C ASP B 692 -20.37 -31.12 39.61
N ALA B 693 -19.98 -30.10 38.84
CA ALA B 693 -19.30 -30.35 37.58
C ALA B 693 -17.93 -30.97 37.80
N LEU B 694 -17.11 -30.37 38.67
CA LEU B 694 -15.73 -30.79 38.81
C LEU B 694 -15.60 -32.18 39.42
N GLU B 695 -16.69 -32.73 39.98
CA GLU B 695 -16.63 -34.04 40.58
C GLU B 695 -16.32 -35.12 39.54
N SER B 696 -16.65 -34.86 38.27
CA SER B 696 -16.47 -35.84 37.22
C SER B 696 -14.99 -36.18 37.03
N ASN B 697 -14.73 -37.45 36.75
CA ASN B 697 -13.37 -37.85 36.39
C ASN B 697 -12.93 -37.16 35.12
N ILE B 698 -13.84 -36.98 34.16
CA ILE B 698 -13.51 -36.28 32.93
C ILE B 698 -13.41 -34.78 33.20
N ALA B 699 -14.09 -34.29 34.23
CA ALA B 699 -14.08 -32.86 34.53
C ALA B 699 -12.68 -32.35 34.80
N LYS B 700 -11.78 -33.21 35.28
CA LYS B 700 -10.40 -32.78 35.46
C LYS B 700 -9.80 -32.33 34.13
N THR B 701 -9.96 -33.16 33.09
CA THR B 701 -9.49 -32.77 31.76
C THR B 701 -10.27 -31.58 31.25
N LEU B 702 -11.55 -31.49 31.58
CA LEU B 702 -12.37 -30.35 31.14
C LEU B 702 -11.79 -29.04 31.67
N ILE B 703 -11.45 -29.00 32.95
CA ILE B 703 -10.91 -27.78 33.54
C ILE B 703 -9.50 -27.52 33.02
N GLN B 704 -8.70 -28.59 32.87
CA GLN B 704 -7.33 -28.40 32.44
C GLN B 704 -7.27 -27.84 31.02
N GLN B 705 -8.14 -28.31 30.14
CA GLN B 705 -8.03 -27.96 28.73
C GLN B 705 -8.65 -26.60 28.43
N CYS B 706 -9.43 -26.04 29.35
CA CYS B 706 -10.19 -24.83 29.06
C CYS B 706 -9.24 -23.65 28.80
N ALA B 707 -9.62 -22.80 27.86
CA ALA B 707 -8.85 -21.62 27.51
C ALA B 707 -9.52 -20.33 27.98
N THR B 708 -10.80 -20.16 27.66
CA THR B 708 -11.55 -18.98 28.08
C THR B 708 -12.58 -19.39 29.11
N TYR B 709 -12.46 -18.83 30.31
CA TYR B 709 -13.33 -19.14 31.43
C TYR B 709 -14.32 -18.01 31.61
N ILE B 710 -15.61 -18.32 31.58
CA ILE B 710 -16.67 -17.34 31.74
C ILE B 710 -17.63 -17.81 32.83
N PHE B 711 -17.86 -16.95 33.81
CA PHE B 711 -18.66 -17.32 34.97
C PHE B 711 -19.92 -16.48 34.96
N LEU B 712 -21.06 -17.10 35.23
CA LEU B 712 -22.34 -16.42 35.32
C LEU B 712 -22.83 -16.43 36.76
N ALA B 713 -23.46 -15.33 37.16
CA ALA B 713 -23.75 -15.05 38.57
C ALA B 713 -24.35 -16.27 39.29
N ASN B 714 -23.61 -16.77 40.26
CA ASN B 714 -24.00 -17.96 41.03
C ASN B 714 -24.14 -17.56 42.48
N PRO B 715 -25.36 -17.29 42.95
CA PRO B 715 -25.52 -17.02 44.40
C PRO B 715 -25.06 -18.17 45.26
N LYS B 716 -25.26 -19.40 44.81
CA LYS B 716 -24.80 -20.58 45.54
C LYS B 716 -23.39 -20.95 45.12
N ALA B 717 -22.49 -19.97 45.16
CA ALA B 717 -21.12 -20.20 44.75
C ALA B 717 -20.36 -20.99 45.81
N ASP B 718 -19.34 -21.72 45.37
CA ASP B 718 -18.47 -22.47 46.27
C ASP B 718 -17.08 -21.83 46.25
N TYR B 719 -16.57 -21.54 47.43
CA TYR B 719 -15.16 -21.17 47.55
C TYR B 719 -14.27 -22.34 47.17
N GLU B 720 -14.60 -23.53 47.65
CA GLU B 720 -13.73 -24.68 47.49
C GLU B 720 -13.54 -25.03 46.03
N ASP B 721 -14.63 -25.20 45.29
CA ASP B 721 -14.52 -25.61 43.89
C ASP B 721 -13.85 -24.53 43.05
N TYR B 722 -14.30 -23.28 43.21
CA TYR B 722 -13.78 -22.21 42.37
C TYR B 722 -12.34 -21.88 42.71
N THR B 723 -11.87 -22.33 43.87
CA THR B 723 -10.45 -22.18 44.17
C THR B 723 -9.65 -23.37 43.62
N GLN B 724 -10.01 -24.59 44.02
CA GLN B 724 -9.24 -25.76 43.62
C GLN B 724 -9.23 -25.94 42.11
N GLY B 725 -10.42 -25.99 41.51
CA GLY B 725 -10.54 -25.88 40.07
C GLY B 725 -11.01 -24.49 39.72
N PHE B 726 -11.27 -24.28 38.43
CA PHE B 726 -11.72 -22.99 37.93
C PHE B 726 -10.80 -21.89 38.45
N LYS B 727 -9.50 -22.15 38.38
CA LYS B 727 -8.51 -21.39 39.14
C LYS B 727 -8.74 -19.88 39.02
N LEU B 728 -9.06 -19.26 40.16
CA LEU B 728 -9.29 -17.83 40.24
C LEU B 728 -9.00 -17.37 41.66
N THR B 729 -8.55 -16.13 41.76
CA THR B 729 -8.04 -15.62 43.03
C THR B 729 -9.18 -15.43 44.05
N ASP B 730 -8.78 -15.24 45.30
CA ASP B 730 -9.76 -15.03 46.36
C ASP B 730 -10.56 -13.76 46.12
N SER B 731 -9.88 -12.67 45.72
CA SER B 731 -10.60 -11.45 45.39
C SER B 731 -11.50 -11.67 44.19
N GLU B 732 -11.04 -12.48 43.22
CA GLU B 732 -11.90 -12.84 42.11
C GLU B 732 -13.15 -13.56 42.59
N PHE B 733 -12.99 -14.49 43.54
CA PHE B 733 -14.15 -15.22 44.06
C PHE B 733 -15.09 -14.29 44.79
N GLU B 734 -14.56 -13.35 45.57
CA GLU B 734 -15.42 -12.39 46.26
C GLU B 734 -16.19 -11.55 45.26
N LEU B 735 -15.52 -11.10 44.20
CA LEU B 735 -16.21 -10.35 43.15
C LEU B 735 -17.30 -11.19 42.50
N VAL B 736 -17.00 -12.46 42.23
CA VAL B 736 -17.96 -13.33 41.57
C VAL B 736 -19.18 -13.56 42.44
N ARG B 737 -18.97 -13.96 43.70
CA ARG B 737 -20.09 -14.16 44.60
C ARG B 737 -20.84 -12.86 44.87
N GLY B 738 -20.16 -11.72 44.69
CA GLY B 738 -20.84 -10.44 44.83
C GLY B 738 -21.97 -10.28 43.84
N LEU B 739 -21.86 -10.90 42.68
CA LEU B 739 -22.96 -10.91 41.73
C LEU B 739 -24.16 -11.60 42.35
N GLY B 740 -25.19 -10.81 42.65
CA GLY B 740 -26.43 -11.40 43.09
C GLY B 740 -27.15 -12.11 41.97
N GLU B 741 -28.18 -12.86 42.33
CA GLU B 741 -28.88 -13.67 41.34
C GLU B 741 -29.66 -12.77 40.39
N PHE B 742 -29.61 -13.11 39.10
CA PHE B 742 -30.23 -12.44 37.94
C PHE B 742 -29.48 -11.19 37.48
N SER B 743 -28.34 -10.85 38.07
CA SER B 743 -27.49 -9.81 37.51
C SER B 743 -26.90 -10.29 36.18
N ARG B 744 -26.89 -9.40 35.19
CA ARG B 744 -26.48 -9.80 33.84
C ARG B 744 -24.97 -9.96 33.72
N ARG B 745 -24.19 -9.15 34.43
CA ARG B 745 -22.74 -9.14 34.26
C ARG B 745 -22.15 -10.52 34.52
N PHE B 746 -21.10 -10.85 33.78
CA PHE B 746 -20.46 -12.16 33.85
C PHE B 746 -18.96 -12.02 33.70
N LEU B 747 -18.21 -12.52 34.67
CA LEU B 747 -16.77 -12.43 34.63
C LEU B 747 -16.21 -13.29 33.51
N ILE B 748 -15.24 -12.76 32.79
CA ILE B 748 -14.54 -13.50 31.73
C ILE B 748 -13.07 -13.57 32.12
N LYS B 749 -12.59 -14.78 32.42
CA LYS B 749 -11.17 -14.96 32.68
C LYS B 749 -10.47 -15.48 31.42
N GLN B 750 -10.58 -14.69 30.36
CA GLN B 750 -9.91 -15.03 29.10
C GLN B 750 -8.41 -14.93 29.32
N GLY B 751 -7.75 -16.07 29.36
CA GLY B 751 -6.37 -16.06 29.76
C GLY B 751 -6.26 -15.77 31.25
N ASP B 752 -5.03 -15.49 31.69
CA ASP B 752 -4.82 -15.21 33.10
C ASP B 752 -5.46 -13.89 33.50
N GLN B 753 -5.42 -12.89 32.62
CA GLN B 753 -6.12 -11.65 32.88
C GLN B 753 -7.61 -11.90 32.93
N SER B 754 -8.32 -11.06 33.67
CA SER B 754 -9.77 -11.21 33.81
C SER B 754 -10.41 -9.83 33.81
N ALA B 755 -11.69 -9.79 33.43
CA ALA B 755 -12.44 -8.54 33.45
C ALA B 755 -13.92 -8.87 33.58
N LEU B 756 -14.63 -8.02 34.32
CA LEU B 756 -16.05 -8.24 34.61
C LEU B 756 -16.89 -7.63 33.50
N ALA B 757 -16.73 -8.18 32.30
CA ALA B 757 -17.49 -7.72 31.16
C ALA B 757 -18.97 -8.02 31.36
N GLU B 758 -19.81 -7.18 30.77
CA GLU B 758 -21.24 -7.37 30.81
C GLU B 758 -21.83 -7.17 29.42
N MET B 759 -22.96 -7.82 29.17
CA MET B 759 -23.71 -7.65 27.94
C MET B 759 -25.10 -7.16 28.28
N ASN B 760 -25.63 -6.25 27.45
CA ASN B 760 -26.96 -5.70 27.65
C ASN B 760 -27.64 -5.52 26.30
N LEU B 761 -28.97 -5.44 26.34
CA LEU B 761 -29.77 -5.47 25.12
C LEU B 761 -30.92 -4.47 25.16
N GLY B 762 -30.97 -3.63 26.19
CA GLY B 762 -32.10 -2.74 26.38
C GLY B 762 -32.04 -1.52 25.46
N LYS B 763 -33.20 -0.88 25.31
CA LYS B 763 -33.33 0.26 24.41
C LYS B 763 -32.32 1.34 24.79
N PHE B 764 -31.60 1.84 23.79
CA PHE B 764 -30.48 2.74 24.02
C PHE B 764 -30.60 4.05 23.26
N ARG B 765 -31.65 4.24 22.48
CA ARG B 765 -31.87 5.47 21.72
C ARG B 765 -30.73 5.76 20.75
N ASP B 776 -34.96 -1.08 20.18
CA ASP B 776 -34.21 -2.05 19.38
C ASP B 776 -34.30 -3.46 19.98
N PHE B 777 -33.72 -4.43 19.27
CA PHE B 777 -33.65 -5.82 19.71
C PHE B 777 -35.02 -6.45 19.95
N ASP B 778 -36.09 -5.83 19.42
CA ASP B 778 -37.43 -6.21 19.84
C ASP B 778 -37.73 -7.68 19.51
N ASP B 779 -37.43 -8.11 18.30
CA ASP B 779 -37.69 -9.49 17.91
C ASP B 779 -36.64 -10.43 18.49
N GLU B 780 -35.39 -9.98 18.57
CA GLU B 780 -34.30 -10.87 18.94
C GLU B 780 -34.32 -11.21 20.42
N LEU B 781 -34.90 -10.34 21.25
CA LEU B 781 -34.99 -10.62 22.68
C LEU B 781 -35.75 -11.91 22.94
N LEU B 782 -36.83 -12.15 22.20
CA LEU B 782 -37.58 -13.39 22.37
C LEU B 782 -36.87 -14.58 21.72
N VAL B 783 -36.21 -14.34 20.59
CA VAL B 783 -35.62 -15.44 19.83
C VAL B 783 -34.41 -16.02 20.56
N LEU B 784 -33.59 -15.16 21.16
CA LEU B 784 -32.39 -15.66 21.84
C LEU B 784 -32.74 -16.56 23.02
N SER B 785 -33.79 -16.21 23.76
CA SER B 785 -34.13 -16.93 24.98
C SER B 785 -34.64 -18.34 24.67
N GLY B 786 -34.78 -19.13 25.74
CA GLY B 786 -35.29 -20.47 25.60
C GLY B 786 -36.43 -20.77 26.54
N THR B 787 -37.62 -21.04 25.99
CA THR B 787 -38.79 -21.36 26.77
C THR B 787 -39.53 -22.53 26.13
N PRO B 788 -39.90 -23.54 26.91
CA PRO B 788 -40.63 -24.68 26.32
C PRO B 788 -41.92 -24.26 25.64
N ASP B 789 -42.70 -23.39 26.27
CA ASP B 789 -43.92 -22.90 25.65
C ASP B 789 -43.62 -22.17 24.35
N ASN B 790 -42.70 -21.21 24.42
CA ASN B 790 -42.34 -20.44 23.24
C ASN B 790 -41.80 -21.33 22.14
N ALA B 791 -40.92 -22.27 22.50
CA ALA B 791 -40.30 -23.14 21.50
C ALA B 791 -41.34 -24.02 20.83
N GLU B 792 -42.25 -24.61 21.60
CA GLU B 792 -43.26 -25.46 21.01
C GLU B 792 -44.20 -24.66 20.11
N ILE B 793 -44.59 -23.46 20.54
CA ILE B 793 -45.48 -22.66 19.71
C ILE B 793 -44.79 -22.24 18.42
N ALA B 794 -43.53 -21.80 18.51
CA ALA B 794 -42.79 -21.45 17.30
C ALA B 794 -42.61 -22.67 16.40
N GLU B 795 -42.53 -23.86 16.99
CA GLU B 795 -42.54 -25.07 16.19
C GLU B 795 -43.88 -25.22 15.47
N SER B 796 -44.97 -24.84 16.13
CA SER B 796 -46.27 -24.85 15.46
C SER B 796 -46.27 -23.92 14.26
N ILE B 797 -45.73 -22.70 14.41
CA ILE B 797 -45.63 -21.81 13.26
C ILE B 797 -44.77 -22.43 12.16
N ILE B 798 -43.61 -22.98 12.52
CA ILE B 798 -42.73 -23.55 11.51
C ILE B 798 -43.43 -24.69 10.78
N ALA B 799 -44.22 -25.47 11.50
CA ALA B 799 -45.03 -26.50 10.85
C ALA B 799 -46.03 -25.88 9.89
N GLU B 800 -46.64 -24.76 10.29
CA GLU B 800 -47.61 -24.10 9.41
C GLU B 800 -46.93 -23.53 8.17
N VAL B 801 -45.86 -22.76 8.37
CA VAL B 801 -45.21 -22.11 7.22
C VAL B 801 -44.52 -23.13 6.34
N GLY B 802 -43.69 -24.00 6.94
CA GLY B 802 -43.00 -25.03 6.20
C GLY B 802 -42.09 -24.48 5.12
N ASP B 803 -41.28 -23.47 5.46
CA ASP B 803 -40.47 -22.80 4.45
C ASP B 803 -39.00 -22.87 4.85
N ASP B 804 -38.22 -23.53 3.99
CA ASP B 804 -36.77 -23.51 4.08
C ASP B 804 -36.19 -22.09 3.95
N PRO B 805 -36.93 -21.14 3.32
CA PRO B 805 -36.44 -19.77 3.34
C PRO B 805 -36.36 -19.16 4.73
N ALA B 806 -35.21 -19.33 5.39
CA ALA B 806 -35.02 -18.88 6.77
C ALA B 806 -35.56 -17.47 7.01
N VAL B 807 -35.71 -16.68 5.95
CA VAL B 807 -36.28 -15.34 6.07
C VAL B 807 -37.74 -15.41 6.52
N TRP B 808 -38.25 -16.61 6.78
CA TRP B 808 -39.65 -16.80 7.13
C TRP B 808 -40.08 -16.02 8.37
N LEU B 809 -39.13 -15.37 9.07
CA LEU B 809 -39.42 -14.75 10.36
C LEU B 809 -40.70 -13.93 10.40
N PRO B 810 -41.06 -13.13 9.39
CA PRO B 810 -42.27 -12.30 9.54
C PRO B 810 -43.54 -13.09 9.86
N ILE B 811 -43.70 -14.30 9.31
CA ILE B 811 -44.93 -15.03 9.56
C ILE B 811 -45.06 -15.37 11.04
N PHE B 812 -43.97 -15.81 11.67
CA PHE B 812 -43.97 -16.01 13.12
C PHE B 812 -44.23 -14.71 13.86
N LEU B 813 -43.81 -13.58 13.28
CA LEU B 813 -43.96 -12.32 13.97
C LEU B 813 -45.43 -11.97 14.22
N ASP B 814 -46.33 -12.55 13.42
CA ASP B 814 -47.75 -12.36 13.71
C ASP B 814 -48.17 -13.14 14.94
N ARG B 815 -47.73 -14.39 15.07
CA ARG B 815 -48.08 -15.19 16.24
C ARG B 815 -47.47 -14.65 17.53
N VAL B 816 -46.49 -13.76 17.42
CA VAL B 816 -45.97 -13.05 18.58
C VAL B 816 -47.05 -12.21 19.25
N LYS B 817 -48.23 -12.12 18.65
CA LYS B 817 -49.29 -11.27 19.19
C LYS B 817 -49.71 -11.71 20.59
N ALA B 818 -49.88 -13.02 20.80
CA ALA B 818 -50.33 -13.51 22.10
C ALA B 818 -49.25 -13.33 23.16
N GLU B 819 -48.01 -13.73 22.85
CA GLU B 819 -46.93 -13.62 23.82
C GLU B 819 -46.57 -12.18 24.11
N ARG B 820 -46.50 -11.35 23.06
CA ARG B 820 -46.12 -9.95 23.20
C ARG B 820 -47.30 -9.00 23.32
N SER B 821 -48.48 -9.50 23.68
CA SER B 821 -49.64 -8.66 23.90
C SER B 821 -49.45 -7.73 25.10
N PRO C 15 8.79 34.46 -18.38
CA PRO C 15 7.62 33.71 -17.92
C PRO C 15 7.97 32.28 -17.53
N VAL C 16 7.28 31.31 -18.14
CA VAL C 16 7.57 29.90 -17.88
C VAL C 16 8.54 29.32 -18.88
N GLY C 17 9.03 30.13 -19.84
CA GLY C 17 9.93 29.59 -20.83
C GLY C 17 11.29 29.26 -20.27
N GLN C 18 11.56 29.69 -19.02
CA GLN C 18 12.82 29.38 -18.39
C GLN C 18 12.96 27.88 -18.11
N PHE C 19 11.88 27.24 -17.66
CA PHE C 19 11.99 25.86 -17.19
C PHE C 19 12.05 24.88 -18.36
N ILE C 20 11.52 25.26 -19.51
CA ILE C 20 11.44 24.33 -20.64
C ILE C 20 12.64 24.56 -21.55
N PRO C 21 13.48 23.53 -21.81
CA PRO C 21 14.76 23.77 -22.49
C PRO C 21 14.83 23.53 -23.99
N TYR C 22 13.82 22.88 -24.58
CA TYR C 22 13.92 22.48 -25.98
C TYR C 22 13.91 23.69 -26.90
N SER C 23 14.69 23.63 -27.98
CA SER C 23 14.84 24.78 -28.86
C SER C 23 14.26 24.55 -30.25
N HIS C 24 14.73 23.55 -31.00
CA HIS C 24 14.29 23.38 -32.38
C HIS C 24 14.62 21.98 -32.88
N HIS C 25 14.03 21.65 -34.02
CA HIS C 25 13.88 20.27 -34.48
C HIS C 25 14.90 19.99 -35.58
N VAL C 26 15.59 18.86 -35.48
CA VAL C 26 16.71 18.55 -36.36
C VAL C 26 16.59 17.11 -36.86
N THR C 27 17.12 16.84 -38.05
CA THR C 27 17.19 15.52 -38.67
C THR C 27 15.85 14.83 -38.83
N ASP C 28 14.74 15.51 -38.60
CA ASP C 28 13.38 15.00 -38.71
C ASP C 28 13.04 14.01 -37.59
N THR C 29 14.01 13.59 -36.77
CA THR C 29 13.75 12.65 -35.69
C THR C 29 14.41 13.02 -34.38
N ILE C 30 15.17 14.11 -34.30
CA ILE C 30 15.77 14.56 -33.05
C ILE C 30 15.43 16.02 -32.83
N ILE C 31 15.17 16.38 -31.58
CA ILE C 31 14.86 17.75 -31.22
C ILE C 31 16.06 18.31 -30.47
N SER C 32 16.70 19.32 -31.05
CA SER C 32 17.82 19.95 -30.39
C SER C 32 17.34 20.70 -29.16
N THR C 33 18.27 21.16 -28.34
CA THR C 33 17.96 21.79 -27.07
C THR C 33 19.01 22.83 -26.76
N LYS C 34 18.66 23.76 -25.86
CA LYS C 34 19.67 24.64 -25.31
C LYS C 34 20.78 23.80 -24.69
N ASN C 35 22.02 24.27 -24.85
CA ASN C 35 23.24 23.59 -24.46
C ASN C 35 23.61 22.48 -25.43
N ALA C 36 23.04 22.47 -26.64
CA ALA C 36 23.40 21.54 -27.70
C ALA C 36 23.31 20.09 -27.23
N GLU C 37 22.09 19.68 -26.88
CA GLU C 37 21.85 18.34 -26.35
C GLU C 37 20.67 17.70 -27.10
N TYR C 38 21.04 16.90 -28.10
CA TYR C 38 20.06 16.30 -28.99
C TYR C 38 19.21 15.26 -28.25
N LEU C 39 17.97 15.13 -28.67
CA LEU C 39 16.98 14.33 -27.95
C LEU C 39 16.19 13.50 -28.96
N SER C 40 15.66 12.36 -28.51
CA SER C 40 14.82 11.51 -29.34
C SER C 40 13.76 10.83 -28.48
N VAL C 41 12.52 10.87 -28.95
CA VAL C 41 11.38 10.34 -28.22
C VAL C 41 10.95 9.04 -28.85
N TRP C 42 10.67 8.04 -28.02
CA TRP C 42 10.11 6.77 -28.48
C TRP C 42 8.82 6.50 -27.73
N LYS C 43 7.76 6.18 -28.47
CA LYS C 43 6.51 5.72 -27.87
C LYS C 43 6.51 4.21 -27.88
N ILE C 44 6.53 3.60 -26.71
CA ILE C 44 6.71 2.16 -26.55
C ILE C 44 5.41 1.56 -26.06
N ASP C 45 4.91 0.55 -26.76
CA ASP C 45 3.80 -0.25 -26.27
C ASP C 45 4.35 -1.44 -25.50
N GLY C 46 4.16 -1.43 -24.19
CA GLY C 46 4.82 -2.40 -23.35
C GLY C 46 4.34 -3.82 -23.62
N ARG C 47 5.19 -4.78 -23.29
CA ARG C 47 4.83 -6.18 -23.41
C ARG C 47 3.81 -6.55 -22.34
N SER C 48 2.99 -7.56 -22.64
CA SER C 48 1.94 -8.01 -21.75
C SER C 48 2.57 -8.84 -20.63
N HIS C 49 2.54 -8.31 -19.41
CA HIS C 49 3.14 -9.03 -18.28
C HIS C 49 2.27 -10.18 -17.83
N GLN C 50 0.94 -10.02 -17.93
CA GLN C 50 0.03 -11.03 -17.39
C GLN C 50 0.12 -12.34 -18.16
N SER C 51 0.17 -12.28 -19.49
CA SER C 51 0.14 -13.50 -20.28
C SER C 51 1.38 -14.36 -20.01
N ALA C 52 2.55 -13.76 -20.01
CA ALA C 52 3.79 -14.51 -19.94
C ALA C 52 4.03 -15.06 -18.53
N SER C 53 4.84 -16.12 -18.47
CA SER C 53 5.23 -16.74 -17.21
C SER C 53 6.34 -15.95 -16.53
N GLU C 54 6.94 -16.56 -15.51
CA GLU C 54 7.98 -15.87 -14.76
C GLU C 54 9.31 -15.88 -15.50
N ALA C 55 9.54 -16.88 -16.36
CA ALA C 55 10.81 -16.93 -17.08
C ALA C 55 10.91 -15.82 -18.11
N ASP C 56 9.81 -15.57 -18.84
CA ASP C 56 9.84 -14.60 -19.91
C ASP C 56 10.17 -13.21 -19.40
N VAL C 57 9.71 -12.87 -18.19
CA VAL C 57 9.93 -11.52 -17.68
C VAL C 57 11.40 -11.30 -17.34
N PHE C 58 12.05 -12.29 -16.71
CA PHE C 58 13.49 -12.17 -16.46
C PHE C 58 14.26 -12.11 -17.76
N GLN C 59 13.86 -12.93 -18.73
CA GLN C 59 14.57 -12.90 -20.02
C GLN C 59 14.42 -11.54 -20.68
N TRP C 60 13.24 -10.93 -20.57
CA TRP C 60 13.05 -9.60 -21.16
C TRP C 60 13.89 -8.56 -20.45
N ILE C 61 13.97 -8.64 -19.12
CA ILE C 61 14.81 -7.70 -18.38
C ILE C 61 16.25 -7.80 -18.84
N ARG C 62 16.76 -9.04 -18.95
CA ARG C 62 18.15 -9.21 -19.35
C ARG C 62 18.36 -8.79 -20.81
N GLU C 63 17.38 -9.03 -21.67
CA GLU C 63 17.52 -8.61 -23.06
C GLU C 63 17.57 -7.09 -23.19
N LEU C 64 16.78 -6.38 -22.39
CA LEU C 64 16.88 -4.92 -22.38
C LEU C 64 18.22 -4.46 -21.84
N ASN C 65 18.67 -5.09 -20.74
CA ASN C 65 19.98 -4.75 -20.18
C ASN C 65 21.07 -4.95 -21.22
N ASN C 66 20.91 -5.93 -22.10
CA ASN C 66 21.88 -6.15 -23.17
C ASN C 66 22.17 -4.86 -23.91
N THR C 67 21.15 -4.26 -24.53
CA THR C 67 21.41 -3.07 -25.33
C THR C 67 21.66 -1.85 -24.45
N LEU C 68 21.15 -1.85 -23.21
CA LEU C 68 21.41 -0.72 -22.34
C LEU C 68 22.89 -0.61 -22.01
N ARG C 69 23.49 -1.70 -21.53
CA ARG C 69 24.93 -1.69 -21.25
C ARG C 69 25.74 -1.68 -22.52
N GLY C 70 25.18 -2.20 -23.62
CA GLY C 70 25.92 -2.24 -24.88
C GLY C 70 26.16 -0.86 -25.45
N ILE C 71 25.20 0.04 -25.28
CA ILE C 71 25.32 1.40 -25.79
C ILE C 71 25.59 2.40 -24.67
N SER C 72 25.83 1.91 -23.45
CA SER C 72 26.01 2.79 -22.30
C SER C 72 27.22 3.69 -22.49
N SER C 73 27.03 4.98 -22.21
CA SER C 73 28.12 5.95 -22.23
C SER C 73 27.67 7.16 -21.40
N ALA C 74 28.65 7.93 -20.94
CA ALA C 74 28.35 9.05 -20.05
C ALA C 74 27.37 10.03 -20.68
N ASN C 75 27.38 10.13 -22.01
CA ASN C 75 26.47 11.04 -22.68
C ASN C 75 25.04 10.53 -22.67
N LEU C 76 24.89 9.21 -22.67
CA LEU C 76 23.56 8.60 -22.77
C LEU C 76 22.72 8.90 -21.53
N SER C 77 21.42 9.01 -21.73
CA SER C 77 20.48 9.11 -20.62
C SER C 77 19.11 8.67 -21.11
N LEU C 78 18.23 8.33 -20.18
CA LEU C 78 16.91 7.83 -20.50
C LEU C 78 15.90 8.37 -19.50
N TRP C 79 14.72 8.76 -19.99
CA TRP C 79 13.60 9.14 -19.15
C TRP C 79 12.41 8.26 -19.49
N THR C 80 11.72 7.77 -18.47
CA THR C 80 10.56 6.91 -18.66
C THR C 80 9.33 7.60 -18.07
N HIS C 81 8.28 7.67 -18.87
CA HIS C 81 7.00 8.22 -18.42
C HIS C 81 5.89 7.23 -18.74
N ILE C 82 5.05 6.96 -17.77
CA ILE C 82 3.81 6.22 -17.97
C ILE C 82 2.67 7.15 -17.61
N VAL C 83 1.69 7.25 -18.49
CA VAL C 83 0.58 8.19 -18.33
C VAL C 83 -0.73 7.42 -18.44
N ARG C 84 -1.61 7.63 -17.48
CA ARG C 84 -2.95 7.05 -17.51
C ARG C 84 -3.91 8.14 -17.93
N ARG C 85 -4.52 7.98 -19.11
CA ARG C 85 -5.34 9.02 -19.71
C ARG C 85 -6.80 8.59 -19.71
N ARG C 86 -7.66 9.45 -19.20
CA ARG C 86 -9.08 9.30 -19.47
C ARG C 86 -9.33 9.61 -20.93
N VAL C 87 -9.48 8.57 -21.74
CA VAL C 87 -9.56 8.72 -23.18
C VAL C 87 -10.96 9.19 -23.55
N TYR C 88 -11.03 10.34 -24.20
CA TYR C 88 -12.25 10.81 -24.85
C TYR C 88 -12.16 10.68 -26.37
N GLU C 89 -11.07 10.12 -26.88
CA GLU C 89 -10.89 10.01 -28.33
C GLU C 89 -11.91 9.06 -28.93
N TYR C 90 -12.54 8.23 -28.11
CA TYR C 90 -13.66 7.45 -28.59
C TYR C 90 -14.85 8.36 -28.84
N PRO C 91 -15.37 8.42 -30.07
CA PRO C 91 -16.39 9.42 -30.42
C PRO C 91 -17.85 8.99 -30.29
N ASP C 92 -18.13 7.69 -30.13
CA ASP C 92 -19.50 7.18 -30.13
C ASP C 92 -20.22 7.55 -31.42
N ALA C 93 -19.72 7.00 -32.53
CA ALA C 93 -20.15 7.38 -33.86
C ALA C 93 -21.62 7.03 -34.09
N GLU C 94 -22.14 7.47 -35.23
CA GLU C 94 -23.54 7.30 -35.59
C GLU C 94 -23.66 6.49 -36.86
N PHE C 95 -24.57 5.53 -36.85
CA PHE C 95 -24.86 4.65 -37.98
C PHE C 95 -26.31 4.23 -37.97
N ASP C 96 -26.87 4.07 -39.18
CA ASP C 96 -28.31 4.24 -39.37
C ASP C 96 -29.11 3.01 -38.97
N ASN C 97 -28.49 1.83 -38.91
CA ASN C 97 -29.26 0.62 -38.68
C ASN C 97 -29.93 0.65 -37.32
N VAL C 98 -31.09 -0.01 -37.23
CA VAL C 98 -31.88 0.06 -36.01
C VAL C 98 -31.41 -0.98 -34.99
N PHE C 99 -31.26 -2.24 -35.42
CA PHE C 99 -30.86 -3.28 -34.49
C PHE C 99 -29.45 -3.04 -33.96
N CYS C 100 -28.54 -2.65 -34.83
CA CYS C 100 -27.18 -2.33 -34.40
C CYS C 100 -27.18 -1.13 -33.47
N ARG C 101 -28.10 -0.18 -33.69
CA ARG C 101 -28.27 0.92 -32.74
C ARG C 101 -28.69 0.42 -31.37
N GLN C 102 -29.64 -0.51 -31.32
CA GLN C 102 -30.04 -1.08 -30.05
C GLN C 102 -28.85 -1.73 -29.35
N LEU C 103 -28.12 -2.56 -30.08
CA LEU C 103 -26.97 -3.25 -29.50
C LEU C 103 -25.93 -2.26 -29.00
N ASP C 104 -25.60 -1.27 -29.82
CA ASP C 104 -24.59 -0.29 -29.45
C ASP C 104 -24.99 0.47 -28.20
N GLU C 105 -26.25 0.94 -28.15
CA GLU C 105 -26.69 1.73 -27.00
C GLU C 105 -26.67 0.90 -25.73
N LYS C 106 -27.21 -0.32 -25.79
CA LYS C 106 -27.23 -1.14 -24.58
C LYS C 106 -25.81 -1.47 -24.12
N TYR C 107 -24.91 -1.78 -25.05
CA TYR C 107 -23.58 -2.20 -24.63
C TYR C 107 -22.78 -1.01 -24.12
N ARG C 108 -23.06 0.19 -24.63
CA ARG C 108 -22.53 1.41 -24.01
C ARG C 108 -23.05 1.56 -22.59
N GLU C 109 -24.35 1.31 -22.39
CA GLU C 109 -24.90 1.40 -21.05
C GLU C 109 -24.25 0.42 -20.10
N SER C 110 -23.77 -0.71 -20.63
CA SER C 110 -23.18 -1.73 -19.79
C SER C 110 -21.87 -1.26 -19.16
N PHE C 111 -21.26 -0.20 -19.70
CA PHE C 111 -19.91 0.17 -19.29
C PHE C 111 -19.90 1.09 -18.08
N THR C 112 -21.05 1.53 -17.60
CA THR C 112 -21.08 2.48 -16.49
C THR C 112 -20.43 1.90 -15.25
N GLY C 113 -19.62 2.71 -14.56
CA GLY C 113 -18.92 2.28 -13.38
C GLY C 113 -17.63 1.53 -13.63
N TYR C 114 -17.12 1.53 -14.85
CA TYR C 114 -15.95 0.75 -15.21
C TYR C 114 -14.86 1.66 -15.73
N ASN C 115 -13.61 1.21 -15.63
CA ASN C 115 -12.48 2.03 -16.03
C ASN C 115 -12.45 2.24 -17.54
N LEU C 116 -12.18 3.48 -17.95
CA LEU C 116 -11.90 3.79 -19.33
C LEU C 116 -10.49 4.33 -19.52
N MET C 117 -9.64 4.21 -18.51
CA MET C 117 -8.29 4.73 -18.59
C MET C 117 -7.40 3.80 -19.39
N VAL C 118 -6.42 4.36 -20.07
CA VAL C 118 -5.48 3.60 -20.90
C VAL C 118 -4.07 3.91 -20.43
N ASN C 119 -3.14 3.03 -20.74
CA ASN C 119 -1.75 3.19 -20.34
C ASN C 119 -0.89 3.49 -21.56
N ASP C 120 -0.10 4.54 -21.48
CA ASP C 120 0.83 4.93 -22.53
C ASP C 120 2.21 5.10 -21.93
N LEU C 121 3.19 4.39 -22.47
CA LEU C 121 4.54 4.39 -21.95
C LEU C 121 5.46 5.11 -22.94
N TYR C 122 6.36 5.94 -22.41
CA TYR C 122 7.29 6.67 -23.25
C TYR C 122 8.68 6.60 -22.65
N LEU C 123 9.66 6.30 -23.51
CA LEU C 123 11.07 6.36 -23.16
C LEU C 123 11.76 7.30 -24.12
N THR C 124 12.37 8.36 -23.59
CA THR C 124 12.98 9.39 -24.39
C THR C 124 14.48 9.34 -24.23
N VAL C 125 15.18 8.95 -25.29
CA VAL C 125 16.63 8.84 -25.26
C VAL C 125 17.22 10.20 -25.61
N VAL C 126 18.16 10.66 -24.80
CA VAL C 126 18.71 12.01 -24.91
C VAL C 126 20.22 11.92 -24.88
N TYR C 127 20.88 12.74 -25.69
CA TYR C 127 22.33 12.73 -25.82
C TYR C 127 22.86 14.13 -25.54
N ARG C 128 23.74 14.24 -24.55
CA ARG C 128 24.40 15.50 -24.22
C ARG C 128 25.90 15.32 -24.29
N PRO C 129 26.56 15.68 -25.39
CA PRO C 129 28.02 15.59 -25.44
C PRO C 129 28.66 16.47 -24.39
N VAL C 130 29.76 15.98 -23.82
CA VAL C 130 30.43 16.68 -22.74
C VAL C 130 31.36 17.75 -23.28
N ASP C 147 35.85 25.30 -40.69
CA ASP C 147 36.24 24.80 -39.37
C ASP C 147 35.72 23.39 -39.14
N GLN C 148 36.09 22.80 -38.01
CA GLN C 148 35.69 21.46 -37.64
C GLN C 148 34.42 21.42 -36.82
N LYS C 149 33.79 22.58 -36.58
CA LYS C 149 32.56 22.61 -35.80
C LYS C 149 31.45 21.83 -36.50
N LYS C 150 31.30 21.99 -37.82
CA LYS C 150 30.27 21.26 -38.55
C LYS C 150 30.53 19.76 -38.54
N HIS C 151 31.79 19.35 -38.70
CA HIS C 151 32.10 17.93 -38.65
C HIS C 151 31.82 17.34 -37.28
N ARG C 152 32.15 18.07 -36.22
CA ARG C 152 31.84 17.60 -34.88
C ARG C 152 30.32 17.55 -34.66
N GLN C 153 29.59 18.50 -35.26
CA GLN C 153 28.14 18.44 -35.22
C GLN C 153 27.61 17.17 -35.92
N GLU C 154 28.18 16.84 -37.07
CA GLU C 154 27.80 15.61 -37.75
C GLU C 154 28.07 14.40 -36.89
N SER C 155 29.22 14.37 -36.22
CA SER C 155 29.52 13.27 -35.32
C SER C 155 28.49 13.19 -34.20
N CYS C 156 28.13 14.33 -33.62
CA CYS C 156 27.16 14.34 -32.53
C CYS C 156 25.81 13.81 -32.99
N ILE C 157 25.33 14.23 -34.16
CA ILE C 157 24.01 13.77 -34.60
C ILE C 157 24.05 12.30 -34.97
N LYS C 158 25.12 11.85 -35.61
CA LYS C 158 25.21 10.43 -35.95
C LYS C 158 25.33 9.56 -34.71
N ALA C 159 25.82 10.14 -33.60
CA ALA C 159 25.77 9.41 -32.34
C ALA C 159 24.33 9.02 -31.97
N LEU C 160 23.43 10.01 -31.98
CA LEU C 160 22.04 9.71 -31.67
C LEU C 160 21.39 8.88 -32.78
N GLU C 161 21.87 9.02 -34.01
CA GLU C 161 21.39 8.17 -35.09
C GLU C 161 21.64 6.70 -34.78
N ASP C 162 22.88 6.36 -34.42
CA ASP C 162 23.18 4.97 -34.09
C ASP C 162 22.45 4.52 -32.84
N ILE C 163 22.32 5.42 -31.85
CA ILE C 163 21.60 5.04 -30.64
C ILE C 163 20.17 4.67 -30.97
N ASN C 164 19.50 5.47 -31.79
CA ASN C 164 18.12 5.15 -32.18
C ASN C 164 18.07 3.86 -32.98
N ARG C 165 19.03 3.64 -33.87
CA ARG C 165 19.01 2.42 -34.67
C ARG C 165 19.10 1.18 -33.79
N THR C 166 20.05 1.18 -32.85
CA THR C 166 20.19 0.01 -31.98
C THR C 166 19.00 -0.12 -31.04
N LEU C 167 18.44 0.99 -30.58
CA LEU C 167 17.26 0.91 -29.73
C LEU C 167 16.08 0.32 -30.48
N GLY C 168 15.91 0.71 -31.74
CA GLY C 168 14.85 0.14 -32.54
C GLY C 168 15.03 -1.35 -32.75
N GLN C 169 16.25 -1.77 -33.08
CA GLN C 169 16.49 -3.20 -33.25
C GLN C 169 16.27 -3.97 -31.96
N SER C 170 16.58 -3.36 -30.82
CA SER C 170 16.42 -4.06 -29.54
C SER C 170 14.97 -4.09 -29.10
N PHE C 171 14.15 -3.14 -29.56
CA PHE C 171 12.76 -3.08 -29.16
C PHE C 171 11.80 -3.60 -30.22
N LYS C 172 12.26 -4.53 -31.07
CA LYS C 172 11.38 -5.06 -32.12
C LYS C 172 10.18 -5.78 -31.53
N ARG C 173 10.40 -6.60 -30.50
CA ARG C 173 9.30 -7.36 -29.90
C ARG C 173 8.33 -6.45 -29.16
N TYR C 174 8.85 -5.42 -28.50
CA TYR C 174 8.00 -4.53 -27.71
C TYR C 174 7.08 -3.73 -28.60
N GLY C 175 7.62 -3.13 -29.65
CA GLY C 175 6.85 -2.28 -30.54
C GLY C 175 7.10 -0.83 -30.24
N ALA C 176 7.98 -0.21 -31.01
CA ALA C 176 8.44 1.15 -30.73
C ALA C 176 8.25 2.00 -31.97
N GLU C 177 7.54 3.10 -31.81
CA GLU C 177 7.29 4.05 -32.89
C GLU C 177 8.10 5.30 -32.63
N LEU C 178 9.20 5.45 -33.37
CA LEU C 178 10.02 6.66 -33.26
C LEU C 178 9.23 7.84 -33.80
N LEU C 179 8.73 8.67 -32.89
CA LEU C 179 7.92 9.81 -33.30
C LEU C 179 8.74 10.73 -34.19
N SER C 180 8.14 11.16 -35.30
CA SER C 180 8.84 11.98 -36.28
C SER C 180 7.85 12.92 -36.93
N VAL C 181 8.39 13.92 -37.65
CA VAL C 181 7.56 14.93 -38.27
C VAL C 181 6.61 14.28 -39.26
N TYR C 182 5.41 14.86 -39.38
CA TYR C 182 4.43 14.42 -40.36
C TYR C 182 3.79 15.64 -41.01
N GLU C 183 3.76 15.65 -42.34
CA GLU C 183 3.22 16.78 -43.07
C GLU C 183 1.74 16.95 -42.78
N LYS C 184 1.26 18.18 -42.84
CA LYS C 184 -0.15 18.48 -42.61
C LYS C 184 -0.49 19.78 -43.34
N GLY C 185 -1.10 19.67 -44.51
CA GLY C 185 -1.63 20.84 -45.19
C GLY C 185 -0.58 21.87 -45.56
N GLY C 186 0.67 21.44 -45.74
CA GLY C 186 1.70 22.34 -46.20
C GLY C 186 2.57 22.96 -45.13
N HIS C 187 2.26 22.77 -43.85
CA HIS C 187 3.15 23.20 -42.78
C HIS C 187 3.25 22.06 -41.77
N ALA C 188 4.47 21.67 -41.46
CA ALA C 188 4.71 20.40 -40.77
C ALA C 188 4.32 20.46 -39.30
N PHE C 189 4.09 19.28 -38.73
CA PHE C 189 3.96 19.07 -37.30
C PHE C 189 4.99 18.02 -36.91
N SER C 190 5.65 18.21 -35.78
CA SER C 190 6.60 17.24 -35.28
C SER C 190 5.95 16.43 -34.17
N ALA C 191 5.86 15.12 -34.37
CA ALA C 191 5.22 14.26 -33.38
C ALA C 191 5.90 14.30 -32.00
N PRO C 192 7.24 14.28 -31.89
CA PRO C 192 7.82 14.27 -30.53
C PRO C 192 7.41 15.46 -29.68
N LEU C 193 7.23 16.63 -30.30
CA LEU C 193 6.83 17.80 -29.52
C LEU C 193 5.50 17.57 -28.82
N GLU C 194 4.64 16.74 -29.40
CA GLU C 194 3.31 16.54 -28.82
C GLU C 194 3.41 15.83 -27.49
N PHE C 195 4.30 14.84 -27.37
CA PHE C 195 4.44 14.13 -26.10
C PHE C 195 5.03 15.03 -25.02
N LEU C 196 6.08 15.77 -25.37
CA LEU C 196 6.69 16.67 -24.40
C LEU C 196 5.72 17.76 -23.99
N ALA C 197 4.81 18.14 -24.90
CA ALA C 197 3.74 19.04 -24.53
C ALA C 197 2.79 18.39 -23.55
N ARG C 198 2.34 17.18 -23.86
CA ARG C 198 1.42 16.48 -22.97
C ARG C 198 2.00 16.35 -21.57
N LEU C 199 3.33 16.22 -21.49
CA LEU C 199 3.96 16.04 -20.19
C LEU C 199 3.80 17.28 -19.30
N VAL C 200 3.81 18.46 -19.90
CA VAL C 200 3.65 19.69 -19.13
C VAL C 200 2.24 20.26 -19.25
N ASN C 201 1.69 20.28 -20.47
CA ASN C 201 0.33 20.79 -20.63
C ASN C 201 -0.67 19.90 -19.90
N GLY C 202 -0.46 18.59 -19.94
CA GLY C 202 -1.39 17.64 -19.36
C GLY C 202 -2.47 17.18 -20.31
N GLU C 203 -2.69 17.88 -21.41
CA GLU C 203 -3.69 17.52 -22.39
C GLU C 203 -3.06 17.55 -23.78
N HIS C 204 -3.46 16.61 -24.63
CA HIS C 204 -2.86 16.50 -25.95
C HIS C 204 -3.27 17.71 -26.79
N ILE C 205 -2.32 18.61 -27.04
CA ILE C 205 -2.55 19.76 -27.88
C ILE C 205 -1.63 19.68 -29.09
N PRO C 206 -2.16 19.66 -30.30
CA PRO C 206 -1.29 19.69 -31.48
C PRO C 206 -0.54 21.02 -31.56
N MET C 207 0.78 20.93 -31.70
CA MET C 207 1.63 22.11 -31.84
C MET C 207 2.42 21.97 -33.13
N PRO C 208 2.38 22.97 -34.01
CA PRO C 208 3.09 22.83 -35.28
C PRO C 208 4.55 23.25 -35.19
N ILE C 209 5.33 22.92 -36.21
CA ILE C 209 6.69 23.42 -36.30
C ILE C 209 6.67 24.82 -36.89
N CYS C 210 7.10 25.79 -36.09
CA CYS C 210 7.16 27.17 -36.53
C CYS C 210 8.61 27.65 -36.46
N ARG C 211 8.82 28.88 -36.93
CA ARG C 211 10.17 29.41 -37.06
C ARG C 211 10.77 29.70 -35.70
N ASP C 212 9.97 29.69 -34.64
CA ASP C 212 10.44 30.07 -33.32
C ASP C 212 11.27 28.98 -32.68
N ARG C 213 11.68 29.23 -31.43
CA ARG C 213 12.18 28.17 -30.59
C ARG C 213 11.02 27.55 -29.81
N PHE C 214 11.07 26.23 -29.64
CA PHE C 214 9.88 25.50 -29.23
C PHE C 214 9.49 25.82 -27.80
N SER C 215 10.47 26.04 -26.92
CA SER C 215 10.16 26.26 -25.51
C SER C 215 9.44 27.59 -25.32
N ASP C 216 9.47 28.45 -26.33
CA ASP C 216 8.79 29.74 -26.22
C ASP C 216 7.29 29.57 -26.03
N TYR C 217 6.67 28.72 -26.84
CA TYR C 217 5.21 28.68 -26.92
C TYR C 217 4.64 27.29 -26.74
N MET C 218 5.45 26.29 -26.36
CA MET C 218 4.91 24.95 -26.23
C MET C 218 4.06 24.82 -24.98
N ALA C 219 4.24 25.74 -24.02
CA ALA C 219 3.46 25.72 -22.77
C ALA C 219 2.20 26.56 -22.95
N VAL C 220 1.16 25.91 -23.46
CA VAL C 220 -0.14 26.58 -23.55
C VAL C 220 -0.73 26.77 -22.16
N ASN C 221 -0.59 25.78 -21.30
CA ASN C 221 -1.10 25.85 -19.95
C ASN C 221 0.06 25.98 -18.97
N ARG C 222 0.03 27.03 -18.16
CA ARG C 222 1.05 27.18 -17.13
C ARG C 222 0.51 26.70 -15.79
N PRO C 223 1.12 25.68 -15.21
CA PRO C 223 0.67 25.22 -13.88
C PRO C 223 0.94 26.28 -12.82
N MET C 224 0.00 26.40 -11.89
CA MET C 224 0.14 27.27 -10.73
C MET C 224 0.23 26.40 -9.49
N PHE C 225 1.30 26.58 -8.72
CA PHE C 225 1.53 25.82 -7.50
C PHE C 225 1.20 26.67 -6.29
N SER C 226 0.89 26.01 -5.18
CA SER C 226 0.51 26.71 -3.97
C SER C 226 1.70 27.47 -3.40
N LYS C 227 1.40 28.55 -2.67
CA LYS C 227 2.45 29.38 -2.11
C LYS C 227 3.32 28.58 -1.15
N TRP C 228 2.70 27.77 -0.28
CA TRP C 228 3.45 26.88 0.58
C TRP C 228 3.97 25.68 -0.20
N GLY C 229 3.28 25.31 -1.27
CA GLY C 229 3.75 24.28 -2.17
C GLY C 229 3.24 22.88 -1.92
N GLU C 230 2.23 22.71 -1.05
CA GLU C 230 1.73 21.38 -0.76
C GLU C 230 1.12 20.72 -1.99
N VAL C 231 0.35 21.47 -2.78
CA VAL C 231 -0.34 20.94 -3.95
C VAL C 231 -0.17 21.92 -5.11
N GLY C 232 -0.50 21.43 -6.31
CA GLY C 232 -0.43 22.26 -7.50
C GLY C 232 -1.76 22.27 -8.22
N GLU C 233 -1.95 23.29 -9.05
CA GLU C 233 -3.19 23.47 -9.79
C GLU C 233 -2.91 23.68 -11.26
N LEU C 234 -3.72 23.05 -12.10
CA LEU C 234 -3.62 23.15 -13.55
C LEU C 234 -5.00 23.41 -14.12
N ARG C 235 -5.08 24.30 -15.11
CA ARG C 235 -6.34 24.78 -15.65
C ARG C 235 -6.60 24.18 -17.03
N SER C 236 -7.83 23.71 -17.25
CA SER C 236 -8.22 23.18 -18.56
C SER C 236 -8.62 24.31 -19.48
N LEU C 240 -10.95 22.55 -13.88
CA LEU C 240 -9.55 22.61 -13.47
C LEU C 240 -9.13 21.31 -12.79
N ARG C 241 -7.90 20.88 -13.04
CA ARG C 241 -7.35 19.66 -12.46
C ARG C 241 -6.18 20.03 -11.57
N ARG C 242 -6.28 19.67 -10.30
CA ARG C 242 -5.18 19.87 -9.37
C ARG C 242 -4.41 18.57 -9.18
N PHE C 243 -3.14 18.69 -8.81
CA PHE C 243 -2.29 17.52 -8.73
C PHE C 243 -1.43 17.57 -7.48
N GLY C 244 -1.05 16.40 -7.01
CA GLY C 244 -0.10 16.28 -5.92
C GLY C 244 0.92 15.22 -6.25
N MET C 245 2.07 15.31 -5.61
CA MET C 245 3.20 14.47 -5.97
C MET C 245 3.66 13.65 -4.79
N LEU C 246 3.88 12.35 -5.02
CA LEU C 246 4.47 11.45 -4.04
C LEU C 246 5.86 11.10 -4.53
N GLU C 247 6.86 11.35 -3.69
CA GLU C 247 8.23 11.05 -4.08
C GLU C 247 8.53 9.62 -3.69
N ILE C 248 9.02 8.84 -4.64
CA ILE C 248 9.35 7.43 -4.44
C ILE C 248 10.84 7.26 -4.67
N ARG C 249 11.54 6.72 -3.67
CA ARG C 249 12.95 6.43 -3.79
C ARG C 249 13.26 5.17 -2.99
N GLU C 250 13.75 4.14 -3.69
CA GLU C 250 14.14 2.89 -3.07
C GLU C 250 15.61 2.65 -3.34
N TYR C 251 16.35 2.33 -2.28
CA TYR C 251 17.80 2.29 -2.32
C TYR C 251 18.35 0.87 -2.38
N ASP C 252 17.51 -0.14 -2.23
CA ASP C 252 17.95 -1.53 -2.30
C ASP C 252 17.28 -2.23 -3.48
N ASP C 253 17.80 -3.41 -3.81
CA ASP C 253 17.34 -4.12 -5.00
C ASP C 253 15.91 -4.59 -4.86
N ALA C 254 15.18 -4.54 -5.97
CA ALA C 254 13.79 -4.99 -6.00
C ALA C 254 13.72 -6.50 -6.12
N THR C 255 12.83 -7.11 -5.36
CA THR C 255 12.68 -8.56 -5.40
C THR C 255 12.10 -9.03 -6.72
N GLU C 256 11.03 -8.36 -7.18
CA GLU C 256 10.24 -8.75 -8.34
C GLU C 256 10.65 -7.97 -9.58
N PRO C 257 10.56 -8.58 -10.76
CA PRO C 257 10.83 -7.81 -11.99
C PRO C 257 9.93 -6.60 -12.15
N GLY C 258 8.69 -6.67 -11.67
CA GLY C 258 7.85 -5.49 -11.63
C GLY C 258 7.19 -5.29 -10.28
N GLN C 259 7.56 -4.22 -9.57
CA GLN C 259 6.96 -3.91 -8.29
C GLN C 259 5.92 -2.81 -8.38
N LEU C 260 5.90 -2.05 -9.49
CA LEU C 260 5.00 -0.93 -9.63
C LEU C 260 3.77 -1.24 -10.48
N ASN C 261 3.60 -2.50 -10.89
CA ASN C 261 2.45 -2.86 -11.71
C ASN C 261 1.14 -2.78 -10.95
N VAL C 262 1.18 -2.62 -9.63
CA VAL C 262 -0.05 -2.44 -8.87
C VAL C 262 -0.75 -1.16 -9.28
N LEU C 263 0.02 -0.16 -9.72
CA LEU C 263 -0.57 1.12 -10.08
C LEU C 263 -1.29 1.07 -11.42
N LEU C 264 -0.98 0.07 -12.26
CA LEU C 264 -1.52 0.06 -13.62
C LEU C 264 -3.05 0.00 -13.62
N GLU C 265 -3.65 -0.51 -12.56
CA GLU C 265 -5.09 -0.42 -12.37
C GLU C 265 -5.34 0.53 -11.19
N SER C 266 -6.11 1.57 -11.44
CA SER C 266 -6.38 2.60 -10.44
C SER C 266 -7.49 3.49 -10.95
N ASP C 267 -8.00 4.32 -10.05
CA ASP C 267 -9.06 5.27 -10.37
C ASP C 267 -8.56 6.69 -10.49
N TYR C 268 -7.24 6.90 -10.60
CA TYR C 268 -6.66 8.23 -10.68
C TYR C 268 -5.68 8.29 -11.84
N GLU C 269 -5.76 9.35 -12.63
CA GLU C 269 -4.75 9.60 -13.65
C GLU C 269 -3.45 10.04 -12.99
N PHE C 270 -2.33 9.67 -13.59
CA PHE C 270 -1.04 10.04 -13.02
C PHE C 270 0.04 10.00 -14.10
N VAL C 271 1.19 10.56 -13.76
CA VAL C 271 2.39 10.47 -14.58
C VAL C 271 3.54 10.05 -13.68
N LEU C 272 4.22 8.98 -14.04
CA LEU C 272 5.29 8.41 -13.24
C LEU C 272 6.59 8.52 -14.01
N THR C 273 7.63 9.08 -13.40
CA THR C 273 8.85 9.45 -14.09
C THR C 273 10.05 8.71 -13.51
N HIS C 274 11.04 8.45 -14.36
CA HIS C 274 12.32 7.92 -13.94
C HIS C 274 13.41 8.47 -14.87
N SER C 275 14.49 8.96 -14.28
CA SER C 275 15.62 9.47 -15.03
C SER C 275 16.83 8.61 -14.73
N PHE C 276 17.58 8.24 -15.76
CA PHE C 276 18.78 7.43 -15.63
C PHE C 276 19.92 8.09 -16.39
N SER C 277 20.58 9.02 -15.71
CA SER C 277 21.82 9.59 -16.25
C SER C 277 22.97 8.67 -15.93
N VAL C 278 23.33 7.81 -16.88
CA VAL C 278 24.27 6.73 -16.62
C VAL C 278 25.66 7.31 -16.36
N LEU C 279 26.18 7.05 -15.17
CA LEU C 279 27.53 7.49 -14.83
C LEU C 279 28.55 6.60 -15.51
N SER C 280 29.67 7.20 -15.91
CA SER C 280 30.78 6.42 -16.43
C SER C 280 31.40 5.58 -15.33
N ARG C 281 32.00 4.45 -15.72
CA ARG C 281 32.56 3.53 -14.74
C ARG C 281 33.53 4.18 -13.77
N PRO C 282 34.48 5.03 -14.19
CA PRO C 282 35.40 5.62 -13.21
C PRO C 282 34.69 6.39 -12.11
N ALA C 283 33.60 7.09 -12.44
CA ALA C 283 32.84 7.77 -11.39
C ALA C 283 32.12 6.79 -10.49
N ALA C 284 31.65 5.68 -11.06
CA ALA C 284 30.96 4.67 -10.26
C ALA C 284 31.89 4.08 -9.22
N LYS C 285 33.12 3.76 -9.62
CA LYS C 285 34.07 3.20 -8.65
C LYS C 285 34.30 4.17 -7.51
N GLU C 286 34.48 5.45 -7.83
CA GLU C 286 34.75 6.45 -6.79
C GLU C 286 33.55 6.57 -5.86
N TYR C 287 32.33 6.58 -6.41
CA TYR C 287 31.17 6.69 -5.54
C TYR C 287 31.05 5.47 -4.62
N LEU C 288 31.26 4.28 -5.16
CA LEU C 288 31.18 3.10 -4.31
C LEU C 288 32.21 3.14 -3.19
N GLN C 289 33.45 3.54 -3.51
CA GLN C 289 34.47 3.61 -2.48
C GLN C 289 34.10 4.66 -1.43
N ARG C 290 33.58 5.81 -1.86
CA ARG C 290 33.18 6.84 -0.91
C ARG C 290 32.09 6.35 0.02
N HIS C 291 31.05 5.73 -0.54
CA HIS C 291 29.96 5.26 0.31
C HIS C 291 30.43 4.13 1.22
N GLN C 292 31.32 3.27 0.73
CA GLN C 292 31.85 2.20 1.56
C GLN C 292 32.61 2.75 2.75
N LYS C 293 33.50 3.72 2.51
CA LYS C 293 34.24 4.32 3.61
C LYS C 293 33.31 5.03 4.58
N ASN C 294 32.30 5.74 4.06
CA ASN C 294 31.37 6.44 4.93
C ASN C 294 30.60 5.47 5.81
N LEU C 295 30.17 4.34 5.25
CA LEU C 295 29.50 3.34 6.07
C LEU C 295 30.45 2.73 7.09
N ILE C 296 31.73 2.57 6.71
CA ILE C 296 32.70 2.03 7.65
C ILE C 296 32.86 2.95 8.85
N ASP C 297 32.96 4.25 8.62
CA ASP C 297 33.12 5.23 9.70
C ASP C 297 31.78 5.47 10.38
N ALA C 298 31.51 4.68 11.41
CA ALA C 298 30.27 4.80 12.16
C ALA C 298 30.47 4.29 13.58
N ARG C 299 29.57 4.71 14.48
CA ARG C 299 29.64 4.23 15.87
C ARG C 299 29.21 2.77 15.97
N ASP C 300 28.21 2.37 15.21
CA ASP C 300 27.73 0.99 15.18
C ASP C 300 28.00 0.41 13.81
N VAL C 301 28.67 -0.74 13.77
CA VAL C 301 29.05 -1.38 12.51
C VAL C 301 27.96 -2.39 12.14
N ALA C 302 27.45 -2.27 10.92
CA ALA C 302 26.46 -3.19 10.37
C ALA C 302 27.17 -4.08 9.36
N THR C 303 27.42 -5.33 9.74
CA THR C 303 28.20 -6.21 8.87
C THR C 303 27.43 -6.63 7.64
N ASP C 304 26.10 -6.65 7.73
CA ASP C 304 25.28 -7.08 6.60
C ASP C 304 25.33 -6.07 5.46
N GLN C 305 25.10 -4.79 5.77
CA GLN C 305 25.04 -3.78 4.72
C GLN C 305 26.39 -3.59 4.05
N ILE C 306 27.47 -3.58 4.84
CA ILE C 306 28.80 -3.38 4.26
C ILE C 306 29.15 -4.55 3.34
N GLU C 307 28.80 -5.77 3.75
CA GLU C 307 29.05 -6.92 2.89
C GLU C 307 28.23 -6.85 1.61
N GLU C 308 26.98 -6.40 1.70
CA GLU C 308 26.17 -6.27 0.49
C GLU C 308 26.78 -5.24 -0.46
N ILE C 309 27.23 -4.10 0.07
CA ILE C 309 27.80 -3.07 -0.80
C ILE C 309 29.09 -3.55 -1.41
N ASP C 310 29.92 -4.28 -0.65
CA ASP C 310 31.15 -4.82 -1.20
C ASP C 310 30.85 -5.84 -2.30
N GLU C 311 29.82 -6.67 -2.10
CA GLU C 311 29.42 -7.60 -3.15
C GLU C 311 28.98 -6.87 -4.41
N ALA C 312 28.22 -5.79 -4.25
CA ALA C 312 27.80 -5.01 -5.42
C ALA C 312 29.02 -4.40 -6.12
N LEU C 313 29.99 -3.92 -5.34
CA LEU C 313 31.22 -3.41 -5.93
C LEU C 313 31.93 -4.48 -6.74
N ASN C 314 32.01 -5.70 -6.22
CA ASN C 314 32.62 -6.79 -6.97
C ASN C 314 31.81 -7.10 -8.23
N GLN C 315 30.48 -7.04 -8.14
CA GLN C 315 29.64 -7.37 -9.28
C GLN C 315 29.80 -6.33 -10.39
N LEU C 316 30.14 -5.09 -10.03
CA LEU C 316 30.16 -4.02 -11.02
C LEU C 316 31.11 -4.31 -12.18
N ILE C 317 32.32 -4.79 -11.87
CA ILE C 317 33.25 -5.14 -12.94
C ILE C 317 32.80 -6.39 -13.67
N SER C 318 32.38 -7.43 -12.93
CA SER C 318 32.04 -8.73 -13.49
C SER C 318 30.64 -8.78 -14.09
N GLY C 319 29.61 -8.52 -13.30
CA GLY C 319 28.29 -8.37 -13.88
C GLY C 319 28.21 -6.98 -14.46
N HIS C 320 28.32 -6.87 -15.79
CA HIS C 320 28.56 -5.59 -16.44
C HIS C 320 27.26 -4.83 -16.57
N PHE C 321 26.81 -4.27 -15.45
CA PHE C 321 25.65 -3.38 -15.40
C PHE C 321 26.14 -1.98 -15.04
N VAL C 322 25.64 -0.98 -15.75
CA VAL C 322 26.05 0.39 -15.49
C VAL C 322 25.19 0.98 -14.38
N MET C 323 25.74 1.97 -13.69
CA MET C 323 25.02 2.68 -12.66
C MET C 323 24.77 4.12 -13.10
N GLY C 324 23.63 4.66 -12.69
CA GLY C 324 23.30 6.04 -13.02
C GLY C 324 22.49 6.67 -11.91
N GLU C 325 22.38 7.99 -11.97
CA GLU C 325 21.55 8.71 -11.04
C GLU C 325 20.08 8.48 -11.36
N HIS C 326 19.28 8.26 -10.33
CA HIS C 326 17.89 7.86 -10.51
C HIS C 326 17.01 8.64 -9.54
N HIS C 327 15.81 8.98 -10.00
CA HIS C 327 14.80 9.63 -9.18
C HIS C 327 13.44 9.29 -9.74
N CYS C 328 12.47 9.06 -8.86
CA CYS C 328 11.13 8.65 -9.26
C CYS C 328 10.11 9.56 -8.61
N THR C 329 9.18 10.07 -9.40
CA THR C 329 8.12 10.96 -8.91
C THR C 329 6.80 10.49 -9.48
N LEU C 330 5.77 10.50 -8.65
CA LEU C 330 4.42 10.16 -9.06
C LEU C 330 3.56 11.40 -8.97
N THR C 331 2.89 11.74 -10.06
CA THR C 331 2.09 12.97 -10.13
C THR C 331 0.64 12.60 -10.41
N VAL C 332 -0.12 12.34 -9.37
CA VAL C 332 -1.52 11.96 -9.51
C VAL C 332 -2.33 13.16 -9.94
N TYR C 333 -3.58 12.92 -10.33
CA TYR C 333 -4.50 13.97 -10.74
C TYR C 333 -5.84 13.78 -10.04
N GLY C 334 -6.33 14.84 -9.43
CA GLY C 334 -7.64 14.82 -8.81
C GLY C 334 -8.30 16.18 -8.93
N GLU C 335 -9.61 16.15 -9.12
CA GLU C 335 -10.33 17.40 -9.36
C GLU C 335 -10.25 18.34 -8.16
N THR C 336 -10.41 17.81 -6.96
CA THR C 336 -10.39 18.60 -5.74
C THR C 336 -9.23 18.14 -4.87
N VAL C 337 -8.71 19.06 -4.06
CA VAL C 337 -7.54 18.75 -3.24
C VAL C 337 -7.86 17.61 -2.26
N GLN C 338 -9.09 17.59 -1.72
CA GLN C 338 -9.45 16.49 -0.84
C GLN C 338 -9.42 15.17 -1.61
N GLN C 339 -9.95 15.16 -2.83
CA GLN C 339 -9.84 13.97 -3.66
C GLN C 339 -8.38 13.68 -3.99
N VAL C 340 -7.57 14.72 -4.18
CA VAL C 340 -6.15 14.51 -4.43
C VAL C 340 -5.49 13.85 -3.23
N ARG C 341 -5.81 14.32 -2.03
CA ARG C 341 -5.23 13.73 -0.83
C ARG C 341 -5.70 12.29 -0.65
N ASP C 342 -6.96 12.01 -0.96
CA ASP C 342 -7.44 10.63 -0.88
C ASP C 342 -6.72 9.73 -1.88
N ASN C 343 -6.52 10.23 -3.10
CA ASN C 343 -5.78 9.46 -4.09
C ASN C 343 -4.35 9.22 -3.64
N LEU C 344 -3.72 10.22 -3.03
CA LEU C 344 -2.38 10.04 -2.51
C LEU C 344 -2.35 8.98 -1.42
N ALA C 345 -3.35 9.01 -0.52
CA ALA C 345 -3.39 8.02 0.54
C ALA C 345 -3.57 6.61 -0.02
N HIS C 346 -4.43 6.46 -1.03
CA HIS C 346 -4.64 5.15 -1.62
C HIS C 346 -3.38 4.68 -2.35
N ALA C 347 -2.70 5.58 -3.05
CA ALA C 347 -1.45 5.21 -3.70
C ALA C 347 -0.40 4.81 -2.70
N SER C 348 -0.30 5.53 -1.59
CA SER C 348 0.66 5.18 -0.55
C SER C 348 0.35 3.82 0.06
N ALA C 349 -0.93 3.55 0.30
CA ALA C 349 -1.30 2.24 0.85
C ALA C 349 -0.98 1.12 -0.13
N ALA C 350 -1.30 1.32 -1.42
CA ALA C 350 -0.97 0.31 -2.42
C ALA C 350 0.53 0.10 -2.52
N MET C 351 1.30 1.19 -2.45
CA MET C 351 2.75 1.07 -2.49
C MET C 351 3.28 0.34 -1.26
N LEU C 352 2.70 0.60 -0.09
CA LEU C 352 3.17 -0.04 1.13
C LEU C 352 2.72 -1.49 1.23
N ASP C 353 1.73 -1.90 0.44
CA ASP C 353 1.47 -3.33 0.30
C ASP C 353 2.70 -4.03 -0.28
N VAL C 354 3.30 -3.44 -1.30
CA VAL C 354 4.67 -3.77 -1.69
C VAL C 354 5.63 -3.11 -0.69
N ALA C 355 6.89 -3.52 -0.71
CA ALA C 355 7.86 -2.93 0.21
C ALA C 355 8.51 -1.69 -0.41
N VAL C 356 7.67 -0.70 -0.72
CA VAL C 356 8.12 0.59 -1.21
C VAL C 356 7.38 1.67 -0.43
N LEU C 357 8.14 2.58 0.17
CA LEU C 357 7.56 3.59 1.05
C LEU C 357 7.60 4.95 0.36
N PRO C 358 6.46 5.50 -0.08
CA PRO C 358 6.49 6.83 -0.71
C PRO C 358 6.75 7.90 0.32
N LYS C 359 7.57 8.87 -0.06
CA LYS C 359 7.80 10.04 0.78
C LYS C 359 7.01 11.21 0.22
N PRO C 360 5.96 11.66 0.90
CA PRO C 360 5.14 12.76 0.36
C PRO C 360 5.97 14.03 0.19
N VAL C 361 5.62 14.80 -0.84
CA VAL C 361 6.27 16.06 -1.12
C VAL C 361 5.38 17.19 -0.64
N ASP C 362 5.84 17.91 0.38
CA ASP C 362 5.14 19.09 0.88
C ASP C 362 5.66 20.38 0.26
N LEU C 363 6.96 20.46 0.03
CA LEU C 363 7.58 21.59 -0.63
C LEU C 363 8.55 21.04 -1.66
N ALA C 364 8.98 21.90 -2.58
CA ALA C 364 9.78 21.55 -3.75
C ALA C 364 8.95 20.75 -4.73
N LEU C 365 7.62 20.80 -4.62
CA LEU C 365 6.77 20.21 -5.64
C LEU C 365 7.01 20.86 -6.98
N GLU C 366 7.36 22.15 -6.98
CA GLU C 366 7.72 22.83 -8.22
C GLU C 366 8.94 22.17 -8.85
N ALA C 367 9.99 21.94 -8.06
CA ALA C 367 11.19 21.32 -8.58
C ALA C 367 10.91 19.91 -9.08
N GLY C 368 10.17 19.13 -8.29
CA GLY C 368 9.86 17.77 -8.71
C GLY C 368 9.05 17.72 -9.99
N TYR C 369 8.04 18.58 -10.11
CA TYR C 369 7.23 18.60 -11.32
C TYR C 369 8.05 19.06 -12.52
N TRP C 370 8.89 20.08 -12.36
CA TRP C 370 9.71 20.50 -13.48
C TRP C 370 10.79 19.47 -13.80
N ALA C 371 11.02 18.52 -12.89
CA ALA C 371 11.97 17.46 -13.19
C ALA C 371 11.42 16.49 -14.23
N GLN C 372 10.11 16.49 -14.45
CA GLN C 372 9.53 15.52 -15.36
C GLN C 372 9.98 15.75 -16.79
N LEU C 373 10.07 17.00 -17.22
CA LEU C 373 10.45 17.28 -18.60
C LEU C 373 11.82 16.69 -18.89
N PRO C 374 11.98 15.93 -19.97
CA PRO C 374 13.30 15.41 -20.31
C PRO C 374 14.30 16.53 -20.53
N ALA C 375 15.55 16.26 -20.17
CA ALA C 375 16.71 17.15 -20.23
C ALA C 375 16.70 18.17 -19.10
N ASN C 376 15.79 18.06 -18.14
CA ASN C 376 15.83 18.91 -16.95
C ASN C 376 16.52 18.17 -15.80
N TRP C 377 17.85 18.11 -15.91
CA TRP C 377 18.63 17.43 -14.88
C TRP C 377 18.67 18.22 -13.58
N GLN C 378 18.79 19.55 -13.69
CA GLN C 378 19.10 20.36 -12.50
C GLN C 378 17.98 20.31 -11.47
N TRP C 379 16.73 20.27 -11.92
CA TRP C 379 15.61 20.31 -10.99
C TRP C 379 15.31 18.96 -10.34
N ARG C 380 16.12 17.95 -10.56
CA ARG C 380 15.86 16.66 -9.94
C ARG C 380 15.93 16.80 -8.42
N PRO C 381 14.94 16.30 -7.68
CA PRO C 381 14.92 16.54 -6.22
C PRO C 381 16.09 15.91 -5.50
N ARG C 382 16.25 14.60 -5.61
CA ARG C 382 17.29 13.86 -4.89
C ARG C 382 17.72 12.67 -5.72
N PRO C 383 18.60 12.88 -6.70
CA PRO C 383 19.14 11.75 -7.46
C PRO C 383 19.90 10.79 -6.56
N ALA C 384 19.77 9.51 -6.85
CA ALA C 384 20.47 8.48 -6.09
C ALA C 384 21.01 7.45 -7.08
N PRO C 385 22.30 7.11 -7.00
CA PRO C 385 22.86 6.12 -7.93
C PRO C 385 22.21 4.77 -7.73
N ILE C 386 21.65 4.23 -8.81
CA ILE C 386 20.89 2.99 -8.77
C ILE C 386 21.41 2.06 -9.86
N THR C 387 21.60 0.80 -9.49
CA THR C 387 22.08 -0.19 -10.45
C THR C 387 21.09 -0.35 -11.58
N SER C 388 21.62 -0.64 -12.77
CA SER C 388 20.77 -0.73 -13.95
C SER C 388 19.71 -1.79 -13.79
N LEU C 389 20.05 -2.92 -13.17
CA LEU C 389 19.06 -3.98 -12.96
C LEU C 389 17.92 -3.48 -12.08
N ASN C 390 18.23 -2.74 -11.03
CA ASN C 390 17.17 -2.18 -10.20
C ASN C 390 16.32 -1.20 -11.00
N PHE C 391 16.95 -0.42 -11.88
CA PHE C 391 16.19 0.53 -12.69
C PHE C 391 15.22 -0.19 -13.60
N LEU C 392 15.68 -1.26 -14.26
CA LEU C 392 14.78 -2.01 -15.14
C LEU C 392 13.69 -2.70 -14.33
N SER C 393 14.02 -3.17 -13.13
CA SER C 393 13.00 -3.79 -12.29
C SER C 393 11.94 -2.79 -11.86
N PHE C 394 12.34 -1.55 -11.63
CA PHE C 394 11.38 -0.53 -11.23
C PHE C 394 10.52 -0.08 -12.41
N SER C 395 11.11 -0.03 -13.60
CA SER C 395 10.41 0.45 -14.79
C SER C 395 10.60 -0.50 -15.96
N PRO C 396 10.04 -1.70 -15.90
CA PRO C 396 9.97 -2.53 -17.11
C PRO C 396 8.69 -2.22 -17.86
N PHE C 397 8.77 -2.34 -19.18
CA PHE C 397 7.66 -1.90 -20.03
C PHE C 397 6.57 -2.97 -20.02
N HIS C 398 5.83 -2.99 -18.91
CA HIS C 398 4.67 -3.84 -18.75
C HIS C 398 3.42 -2.98 -18.74
N ASN C 399 2.45 -3.31 -19.58
CA ASN C 399 1.17 -2.66 -19.57
C ASN C 399 0.13 -3.60 -20.14
N PHE C 400 -1.11 -3.42 -19.69
CA PHE C 400 -2.20 -4.24 -20.20
C PHE C 400 -2.43 -3.90 -21.66
N MET C 401 -2.98 -4.85 -22.42
CA MET C 401 -3.35 -4.53 -23.79
C MET C 401 -4.41 -3.44 -23.78
N SER C 402 -4.21 -2.44 -24.64
CA SER C 402 -5.22 -1.41 -24.84
C SER C 402 -5.41 -1.02 -26.29
N GLY C 403 -4.52 -1.43 -27.19
CA GLY C 403 -4.66 -1.09 -28.58
C GLY C 403 -4.55 0.41 -28.79
N LYS C 404 -5.10 0.86 -29.92
CA LYS C 404 -5.14 2.28 -30.24
C LYS C 404 -6.59 2.68 -30.44
N PRO C 405 -7.17 3.48 -29.54
CA PRO C 405 -8.58 3.87 -29.70
C PRO C 405 -8.87 4.63 -30.98
N THR C 406 -7.96 5.49 -31.42
CA THR C 406 -8.21 6.32 -32.59
C THR C 406 -7.00 6.31 -33.50
N GLY C 407 -7.18 6.87 -34.70
CA GLY C 407 -6.13 6.92 -35.67
C GLY C 407 -6.01 5.71 -36.57
N ASN C 408 -6.82 4.69 -36.35
CA ASN C 408 -6.79 3.52 -37.21
C ASN C 408 -7.22 3.90 -38.63
N PRO C 409 -6.74 3.17 -39.64
CA PRO C 409 -6.93 3.62 -41.03
C PRO C 409 -8.38 3.74 -41.45
N TRP C 410 -9.32 3.06 -40.78
CA TRP C 410 -10.72 3.25 -41.09
C TRP C 410 -11.36 4.31 -40.20
N GLY C 411 -10.77 4.56 -39.03
CA GLY C 411 -11.28 5.56 -38.13
C GLY C 411 -11.00 5.22 -36.68
N PRO C 412 -11.98 5.46 -35.82
CA PRO C 412 -11.82 5.10 -34.40
C PRO C 412 -11.82 3.59 -34.23
N ALA C 413 -11.62 3.15 -32.99
CA ALA C 413 -11.65 1.73 -32.70
C ALA C 413 -13.02 1.15 -33.03
N VAL C 414 -13.01 -0.02 -33.68
CA VAL C 414 -14.26 -0.61 -34.14
C VAL C 414 -15.16 -0.94 -32.96
N THR C 415 -14.57 -1.41 -31.86
CA THR C 415 -15.35 -1.76 -30.68
C THR C 415 -14.43 -1.82 -29.48
N ILE C 416 -15.05 -1.78 -28.29
CA ILE C 416 -14.33 -1.79 -27.02
C ILE C 416 -14.82 -2.98 -26.22
N LEU C 417 -13.89 -3.77 -25.68
CA LEU C 417 -14.21 -4.99 -24.96
C LEU C 417 -13.63 -4.94 -23.55
N LYS C 418 -14.42 -5.41 -22.59
CA LYS C 418 -13.93 -5.56 -21.23
C LYS C 418 -12.90 -6.68 -21.18
N THR C 419 -12.00 -6.59 -20.20
CA THR C 419 -10.98 -7.61 -20.01
C THR C 419 -10.94 -7.97 -18.53
N VAL C 420 -10.30 -9.11 -18.24
CA VAL C 420 -9.96 -9.42 -16.86
C VAL C 420 -8.92 -8.40 -16.40
N SER C 421 -8.76 -8.28 -15.09
CA SER C 421 -7.92 -7.30 -14.40
C SER C 421 -8.51 -5.90 -14.52
N GLY C 422 -9.76 -5.78 -14.95
CA GLY C 422 -10.45 -4.50 -14.88
C GLY C 422 -9.82 -3.38 -15.69
N THR C 423 -9.41 -3.66 -16.91
CA THR C 423 -8.90 -2.62 -17.79
C THR C 423 -9.61 -2.68 -19.13
N PRO C 424 -9.92 -1.54 -19.74
CA PRO C 424 -10.66 -1.57 -21.01
C PRO C 424 -9.75 -1.89 -22.17
N LEU C 425 -10.30 -2.58 -23.16
CA LEU C 425 -9.59 -2.96 -24.37
C LEU C 425 -10.27 -2.33 -25.57
N TYR C 426 -9.51 -1.60 -26.37
CA TYR C 426 -10.02 -0.95 -27.57
C TYR C 426 -9.64 -1.79 -28.77
N PHE C 427 -10.61 -2.48 -29.34
CA PHE C 427 -10.36 -3.47 -30.38
C PHE C 427 -10.27 -2.78 -31.73
N ASN C 428 -9.26 -3.15 -32.51
CA ASN C 428 -9.13 -2.69 -33.89
C ASN C 428 -8.46 -3.80 -34.71
N PHE C 429 -8.92 -3.95 -35.95
CA PHE C 429 -8.45 -5.08 -36.76
C PHE C 429 -7.03 -4.84 -37.27
N HIS C 430 -6.73 -3.62 -37.71
CA HIS C 430 -5.46 -3.33 -38.39
C HIS C 430 -4.37 -3.17 -37.34
N ALA C 431 -3.78 -4.30 -36.96
CA ALA C 431 -2.62 -4.31 -36.06
C ALA C 431 -1.64 -5.35 -36.57
N SER C 432 -0.51 -4.88 -37.12
CA SER C 432 0.44 -5.76 -37.77
C SER C 432 1.83 -5.52 -37.19
N LYS C 433 2.80 -6.24 -37.73
CA LYS C 433 4.19 -6.14 -37.29
C LYS C 433 5.04 -5.41 -38.33
N LYS C 441 2.43 -1.74 -48.33
CA LYS C 441 1.09 -1.23 -48.63
C LYS C 441 0.45 -0.60 -47.41
N ARG C 442 -0.09 -1.46 -46.53
CA ARG C 442 -0.76 -1.02 -45.32
C ARG C 442 -0.77 -2.20 -44.36
N LEU C 443 -1.01 -1.91 -43.08
CA LEU C 443 -1.00 -2.94 -42.05
C LEU C 443 -2.00 -4.04 -42.36
N LEU C 444 -1.71 -5.24 -41.87
CA LEU C 444 -2.56 -6.39 -42.12
C LEU C 444 -3.93 -6.17 -41.49
N GLY C 445 -4.96 -6.74 -42.11
CA GLY C 445 -6.30 -6.64 -41.57
C GLY C 445 -6.92 -7.98 -41.23
N ASN C 446 -6.34 -9.05 -41.75
CA ASN C 446 -6.93 -10.38 -41.62
C ASN C 446 -7.00 -10.80 -40.15
N THR C 447 -8.07 -11.50 -39.80
CA THR C 447 -8.36 -11.89 -38.43
C THR C 447 -8.65 -13.38 -38.39
N MET C 448 -8.16 -14.06 -37.35
CA MET C 448 -8.49 -15.45 -37.09
C MET C 448 -9.32 -15.57 -35.82
N LEU C 449 -10.44 -16.28 -35.92
CA LEU C 449 -11.26 -16.63 -34.78
C LEU C 449 -11.29 -18.16 -34.69
N ILE C 450 -10.74 -18.69 -33.61
CA ILE C 450 -10.58 -20.13 -33.43
C ILE C 450 -11.38 -20.55 -32.20
N GLY C 451 -12.27 -21.50 -32.38
CA GLY C 451 -13.07 -22.02 -31.28
C GLY C 451 -14.25 -22.80 -31.81
N GLN C 452 -14.96 -23.42 -30.89
CA GLN C 452 -16.16 -24.18 -31.26
C GLN C 452 -17.33 -23.22 -31.50
N SER C 453 -18.23 -23.64 -32.39
CA SER C 453 -19.35 -22.78 -32.77
C SER C 453 -20.24 -22.45 -31.57
N SER C 454 -20.48 -23.44 -30.72
CA SER C 454 -21.30 -23.19 -29.53
C SER C 454 -20.59 -22.26 -28.56
N SER C 455 -19.26 -22.31 -28.53
CA SER C 455 -18.47 -21.61 -27.53
C SER C 455 -18.33 -20.13 -27.89
N GLY C 456 -19.47 -19.46 -28.01
CA GLY C 456 -19.53 -18.03 -28.14
C GLY C 456 -19.14 -17.47 -29.49
N LYS C 457 -18.93 -18.32 -30.50
CA LYS C 457 -18.54 -17.81 -31.81
C LYS C 457 -19.65 -16.96 -32.43
N THR C 458 -20.90 -17.39 -32.28
CA THR C 458 -22.00 -16.71 -32.94
C THR C 458 -22.15 -15.29 -32.41
N VAL C 459 -22.21 -15.13 -31.09
CA VAL C 459 -22.47 -13.81 -30.52
C VAL C 459 -21.32 -12.86 -30.80
N LEU C 460 -20.07 -13.35 -30.71
CA LEU C 460 -18.94 -12.47 -30.97
C LEU C 460 -18.88 -12.09 -32.44
N LEU C 461 -19.11 -13.04 -33.35
CA LEU C 461 -19.14 -12.70 -34.76
C LEU C 461 -20.20 -11.64 -35.05
N GLY C 462 -21.41 -11.83 -34.51
CA GLY C 462 -22.47 -10.88 -34.76
C GLY C 462 -22.16 -9.51 -34.19
N PHE C 463 -21.65 -9.46 -32.96
CA PHE C 463 -21.36 -8.18 -32.32
C PHE C 463 -20.25 -7.44 -33.06
N LEU C 464 -19.19 -8.16 -33.45
CA LEU C 464 -18.12 -7.52 -34.19
C LEU C 464 -18.62 -7.00 -35.54
N LEU C 465 -19.45 -7.78 -36.23
CA LEU C 465 -19.98 -7.31 -37.50
C LEU C 465 -20.85 -6.07 -37.31
N ALA C 466 -21.71 -6.08 -36.29
CA ALA C 466 -22.59 -4.94 -36.05
C ALA C 466 -21.79 -3.69 -35.71
N GLN C 467 -20.74 -3.84 -34.89
CA GLN C 467 -19.90 -2.69 -34.62
C GLN C 467 -19.18 -2.22 -35.87
N ALA C 468 -18.68 -3.14 -36.68
CA ALA C 468 -17.97 -2.77 -37.89
C ALA C 468 -18.87 -2.10 -38.91
N GLN C 469 -20.19 -2.25 -38.75
CA GLN C 469 -21.10 -1.51 -39.62
C GLN C 469 -20.95 0.00 -39.47
N LYS C 470 -20.36 0.48 -38.37
CA LYS C 470 -20.27 1.92 -38.13
C LYS C 470 -19.44 2.60 -39.21
N PHE C 471 -18.52 1.87 -39.84
CA PHE C 471 -17.77 2.43 -40.95
C PHE C 471 -18.45 2.20 -42.29
N LYS C 472 -19.56 1.46 -42.31
CA LYS C 472 -20.34 1.17 -43.51
C LYS C 472 -19.48 0.57 -44.61
N PRO C 473 -18.89 -0.61 -44.42
CA PRO C 473 -18.18 -1.26 -45.52
C PRO C 473 -19.08 -2.27 -46.22
N THR C 474 -18.55 -2.82 -47.30
CA THR C 474 -19.23 -3.92 -47.96
C THR C 474 -18.83 -5.25 -47.32
N ILE C 475 -19.81 -6.11 -47.11
CA ILE C 475 -19.62 -7.36 -46.39
C ILE C 475 -20.03 -8.52 -47.29
N VAL C 476 -19.15 -9.50 -47.44
CA VAL C 476 -19.47 -10.75 -48.12
C VAL C 476 -19.26 -11.89 -47.12
N ALA C 477 -20.33 -12.64 -46.85
CA ALA C 477 -20.36 -13.57 -45.75
C ALA C 477 -20.63 -14.98 -46.26
N PHE C 478 -19.88 -15.95 -45.74
CA PHE C 478 -20.09 -17.37 -46.01
C PHE C 478 -20.23 -18.08 -44.68
N ASP C 479 -21.33 -18.79 -44.49
CA ASP C 479 -21.65 -19.39 -43.19
C ASP C 479 -21.67 -20.90 -43.29
N LYS C 480 -21.00 -21.55 -42.33
CA LYS C 480 -21.05 -23.01 -42.25
C LYS C 480 -22.46 -23.49 -41.92
N ASP C 481 -23.25 -22.63 -41.27
CA ASP C 481 -24.63 -22.97 -40.93
C ASP C 481 -25.59 -22.01 -41.61
N ARG C 482 -26.85 -22.07 -41.22
CA ARG C 482 -27.83 -21.04 -41.52
C ARG C 482 -27.91 -20.01 -40.40
N GLY C 483 -26.93 -19.98 -39.51
CA GLY C 483 -26.98 -19.05 -38.40
C GLY C 483 -26.82 -17.60 -38.82
N MET C 484 -25.95 -17.36 -39.81
CA MET C 484 -25.58 -15.99 -40.16
C MET C 484 -26.73 -15.23 -40.80
N GLU C 485 -27.72 -15.96 -41.36
CA GLU C 485 -28.69 -15.30 -42.23
C GLU C 485 -29.57 -14.35 -41.44
N ILE C 486 -29.99 -14.75 -40.23
CA ILE C 486 -30.83 -13.87 -39.42
C ILE C 486 -30.07 -12.60 -39.07
N SER C 487 -28.81 -12.74 -38.69
CA SER C 487 -28.00 -11.58 -38.36
C SER C 487 -27.88 -10.64 -39.56
N ILE C 488 -27.64 -11.20 -40.75
CA ILE C 488 -27.50 -10.37 -41.93
C ILE C 488 -28.81 -9.68 -42.25
N ARG C 489 -29.92 -10.42 -42.20
CA ARG C 489 -31.22 -9.82 -42.50
C ARG C 489 -31.58 -8.73 -41.51
N ALA C 490 -31.04 -8.82 -40.28
CA ALA C 490 -31.20 -7.71 -39.35
C ALA C 490 -30.53 -6.46 -39.86
N MET C 491 -29.36 -6.61 -40.49
CA MET C 491 -28.66 -5.49 -41.06
C MET C 491 -29.34 -5.02 -42.35
N GLY C 492 -28.68 -4.08 -43.03
CA GLY C 492 -29.22 -3.56 -44.28
C GLY C 492 -29.25 -4.60 -45.38
N GLY C 493 -28.17 -5.38 -45.52
CA GLY C 493 -28.11 -6.32 -46.62
C GLY C 493 -28.98 -7.54 -46.36
N ARG C 494 -29.48 -8.13 -47.45
CA ARG C 494 -30.32 -9.32 -47.40
C ARG C 494 -29.49 -10.53 -47.75
N TYR C 495 -29.51 -11.53 -46.87
CA TYR C 495 -28.75 -12.74 -47.09
C TYR C 495 -29.28 -13.48 -48.30
N LEU C 496 -28.40 -14.14 -49.04
CA LEU C 496 -28.85 -14.91 -50.19
C LEU C 496 -28.55 -16.39 -49.95
N PRO C 497 -29.40 -17.12 -49.26
CA PRO C 497 -29.13 -18.54 -49.02
C PRO C 497 -29.17 -19.34 -50.31
N LEU C 498 -28.42 -20.43 -50.32
CA LEU C 498 -28.39 -21.35 -51.44
C LEU C 498 -29.26 -22.55 -51.15
N LYS C 499 -30.23 -22.81 -52.02
CA LYS C 499 -31.11 -23.97 -51.90
C LYS C 499 -31.31 -24.59 -53.27
N THR C 500 -31.65 -25.86 -53.29
CA THR C 500 -31.88 -26.54 -54.55
C THR C 500 -33.11 -25.96 -55.25
N GLY C 501 -33.01 -25.82 -56.57
CA GLY C 501 -34.04 -25.16 -57.35
C GLY C 501 -33.78 -23.71 -57.65
N GLU C 502 -32.72 -23.13 -57.10
CA GLU C 502 -32.38 -21.74 -57.34
C GLU C 502 -30.87 -21.62 -57.53
N PRO C 503 -30.38 -21.52 -58.78
CA PRO C 503 -28.95 -21.36 -59.03
C PRO C 503 -28.46 -19.95 -58.71
N HIS C 515 -11.30 -10.42 -74.44
CA HIS C 515 -12.18 -9.99 -73.37
C HIS C 515 -11.80 -10.66 -72.06
N ALA C 516 -11.91 -9.92 -70.96
CA ALA C 516 -11.50 -10.43 -69.66
C ALA C 516 -12.33 -11.63 -69.24
N ASN C 517 -13.52 -11.82 -69.82
CA ASN C 517 -14.37 -12.96 -69.52
C ASN C 517 -13.77 -14.29 -69.99
N LEU C 518 -12.66 -14.23 -70.71
CA LEU C 518 -11.93 -15.46 -71.01
C LEU C 518 -11.54 -16.18 -69.73
N ILE C 519 -11.25 -15.42 -68.67
CA ILE C 519 -10.95 -16.05 -67.38
C ILE C 519 -12.16 -16.81 -66.87
N PHE C 520 -13.34 -16.23 -66.99
CA PHE C 520 -14.56 -16.92 -66.56
C PHE C 520 -14.77 -18.19 -67.37
N LEU C 521 -14.55 -18.11 -68.68
CA LEU C 521 -14.71 -19.29 -69.53
C LEU C 521 -13.71 -20.38 -69.16
N LYS C 522 -12.45 -20.00 -68.90
CA LYS C 522 -11.41 -20.99 -68.59
C LYS C 522 -11.64 -21.63 -67.23
N GLN C 523 -12.10 -20.85 -66.25
CA GLN C 523 -12.48 -21.45 -64.98
C GLN C 523 -13.70 -22.35 -65.14
N PHE C 524 -14.64 -21.98 -66.03
CA PHE C 524 -15.80 -22.83 -66.27
C PHE C 524 -15.39 -24.18 -66.84
N VAL C 525 -14.42 -24.17 -67.76
CA VAL C 525 -13.94 -25.43 -68.32
C VAL C 525 -13.38 -26.34 -67.23
N LYS C 526 -12.85 -25.76 -66.14
CA LYS C 526 -12.35 -26.58 -65.04
C LYS C 526 -13.48 -27.36 -64.37
N LYS C 527 -14.63 -26.72 -64.18
CA LYS C 527 -15.80 -27.43 -63.69
C LYS C 527 -16.26 -28.47 -64.70
N LEU C 528 -16.19 -28.12 -65.98
CA LEU C 528 -16.52 -29.08 -67.02
C LEU C 528 -15.63 -30.31 -66.93
N ALA C 529 -14.40 -30.14 -66.41
CA ALA C 529 -13.51 -31.28 -66.22
C ALA C 529 -14.00 -32.19 -65.11
N ALA C 530 -14.58 -31.62 -64.05
CA ALA C 530 -15.05 -32.40 -62.92
C ALA C 530 -16.20 -33.34 -63.30
N ALA C 606 -28.78 -10.54 -59.28
CA ALA C 606 -28.39 -9.75 -58.12
C ALA C 606 -27.00 -10.14 -57.65
N LEU C 607 -26.17 -10.60 -58.59
CA LEU C 607 -24.85 -11.08 -58.23
C LEU C 607 -23.97 -9.94 -57.70
N ASP C 608 -24.01 -8.79 -58.35
CA ASP C 608 -23.07 -7.71 -58.05
C ASP C 608 -23.47 -6.96 -56.79
N LEU C 609 -22.61 -6.02 -56.38
CA LEU C 609 -22.86 -5.20 -55.20
C LEU C 609 -23.78 -4.03 -55.48
N SER C 610 -24.35 -3.92 -56.68
CA SER C 610 -25.24 -2.82 -56.98
C SER C 610 -26.52 -2.90 -56.16
N THR C 611 -27.02 -4.11 -55.94
CA THR C 611 -28.36 -4.27 -55.34
C THR C 611 -28.40 -3.70 -53.93
N HIS C 612 -27.47 -4.12 -53.07
CA HIS C 612 -27.40 -3.59 -51.71
C HIS C 612 -25.99 -3.82 -51.19
N GLN C 613 -25.66 -3.09 -50.12
CA GLN C 613 -24.27 -3.01 -49.68
C GLN C 613 -23.77 -4.36 -49.16
N ILE C 614 -24.56 -5.02 -48.31
CA ILE C 614 -24.12 -6.23 -47.60
C ILE C 614 -24.65 -7.45 -48.33
N TYR C 615 -23.91 -8.54 -48.26
CA TYR C 615 -24.31 -9.79 -48.90
C TYR C 615 -23.96 -10.98 -48.02
N GLY C 616 -24.67 -12.09 -48.24
CA GLY C 616 -24.37 -13.33 -47.59
C GLY C 616 -24.73 -14.53 -48.45
N PHE C 617 -23.76 -15.42 -48.68
CA PHE C 617 -23.94 -16.60 -49.51
C PHE C 617 -23.66 -17.84 -48.66
N ASP C 618 -24.67 -18.70 -48.54
CA ASP C 618 -24.50 -19.92 -47.76
C ASP C 618 -23.43 -20.81 -48.38
N ILE C 619 -22.53 -21.30 -47.54
CA ILE C 619 -21.62 -22.37 -47.92
C ILE C 619 -22.00 -23.69 -47.28
N THR C 620 -23.06 -23.69 -46.46
CA THR C 620 -23.49 -24.92 -45.79
C THR C 620 -23.88 -25.99 -46.80
N GLU C 621 -24.24 -25.58 -48.02
CA GLU C 621 -24.61 -26.56 -49.03
C GLU C 621 -23.41 -27.37 -49.50
N PHE C 622 -22.30 -26.70 -49.83
CA PHE C 622 -21.14 -27.37 -50.38
C PHE C 622 -19.97 -27.48 -49.42
N LEU C 623 -20.16 -27.10 -48.15
CA LEU C 623 -19.07 -27.23 -47.19
C LEU C 623 -18.68 -28.69 -47.00
N ASP C 624 -19.67 -29.56 -46.82
CA ASP C 624 -19.39 -30.97 -46.64
C ASP C 624 -19.29 -31.70 -47.98
N ASN C 625 -19.73 -31.06 -49.05
CA ASN C 625 -19.70 -31.70 -50.36
C ASN C 625 -18.26 -31.97 -50.78
N PRO C 626 -17.99 -33.05 -51.52
CA PRO C 626 -16.60 -33.34 -51.87
C PRO C 626 -16.02 -32.40 -52.92
N GLU C 627 -16.76 -32.16 -54.01
CA GLU C 627 -16.20 -31.44 -55.16
C GLU C 627 -17.13 -30.40 -55.77
N ALA C 628 -18.32 -30.20 -55.20
CA ALA C 628 -19.24 -29.23 -55.78
C ALA C 628 -18.87 -27.81 -55.38
N ARG C 629 -18.06 -27.65 -54.33
CA ARG C 629 -17.77 -26.31 -53.80
C ARG C 629 -16.90 -25.51 -54.75
N THR C 630 -15.93 -26.16 -55.39
CA THR C 630 -14.91 -25.44 -56.14
C THR C 630 -15.47 -24.62 -57.30
N PRO C 631 -16.30 -25.16 -58.19
CA PRO C 631 -16.75 -24.33 -59.33
C PRO C 631 -17.56 -23.13 -58.91
N VAL C 632 -18.50 -23.31 -57.99
CA VAL C 632 -19.34 -22.19 -57.58
C VAL C 632 -18.51 -21.16 -56.84
N MET C 633 -17.52 -21.59 -56.06
CA MET C 633 -16.63 -20.62 -55.44
C MET C 633 -15.87 -19.82 -56.49
N MET C 634 -15.38 -20.50 -57.52
CA MET C 634 -14.61 -19.83 -58.56
C MET C 634 -15.46 -18.79 -59.29
N TYR C 635 -16.69 -19.16 -59.67
CA TYR C 635 -17.55 -18.19 -60.33
C TYR C 635 -17.94 -17.04 -59.40
N LEU C 636 -18.29 -17.35 -58.15
CA LEU C 636 -18.76 -16.31 -57.24
C LEU C 636 -17.68 -15.29 -56.94
N LEU C 637 -16.43 -15.75 -56.77
CA LEU C 637 -15.35 -14.82 -56.50
C LEU C 637 -15.20 -13.81 -57.62
N TYR C 638 -15.50 -14.22 -58.85
CA TYR C 638 -15.43 -13.30 -59.99
C TYR C 638 -16.24 -12.05 -59.72
N ARG C 639 -17.55 -12.21 -59.56
CA ARG C 639 -18.42 -11.06 -59.36
C ARG C 639 -18.10 -10.36 -58.04
N THR C 640 -17.84 -11.13 -56.98
CA THR C 640 -17.62 -10.52 -55.68
C THR C 640 -16.42 -9.58 -55.69
N GLU C 641 -15.29 -10.04 -56.24
CA GLU C 641 -14.11 -9.20 -56.27
C GLU C 641 -14.22 -8.11 -57.33
N SER C 642 -14.77 -8.44 -58.49
CA SER C 642 -14.74 -7.49 -59.61
C SER C 642 -15.73 -6.35 -59.39
N MET C 643 -16.79 -6.58 -58.61
CA MET C 643 -17.83 -5.55 -58.48
C MET C 643 -17.27 -4.28 -57.84
N ILE C 644 -16.84 -4.36 -56.59
CA ILE C 644 -16.27 -3.17 -55.95
C ILE C 644 -14.86 -2.92 -56.44
N ASP C 645 -13.94 -3.83 -56.11
CA ASP C 645 -12.55 -3.74 -56.59
C ASP C 645 -11.89 -2.42 -56.21
N GLY C 646 -11.67 -2.23 -54.92
CA GLY C 646 -10.99 -1.05 -54.41
C GLY C 646 -11.87 -0.07 -53.66
N ARG C 647 -13.17 -0.30 -53.61
CA ARG C 647 -14.04 0.55 -52.79
C ARG C 647 -13.83 0.26 -51.30
N ARG C 648 -14.10 -0.98 -50.90
CA ARG C 648 -13.83 -1.51 -49.57
C ARG C 648 -14.20 -2.99 -49.60
N PHE C 649 -13.59 -3.75 -48.69
CA PHE C 649 -13.85 -5.18 -48.62
C PHE C 649 -13.64 -5.63 -47.18
N MET C 650 -14.59 -6.39 -46.66
CA MET C 650 -14.41 -7.01 -45.35
C MET C 650 -14.90 -8.45 -45.43
N TYR C 651 -14.38 -9.18 -46.42
CA TYR C 651 -14.70 -10.60 -46.63
C TYR C 651 -14.79 -11.35 -45.32
N VAL C 652 -15.83 -12.17 -45.17
CA VAL C 652 -16.03 -13.00 -43.99
C VAL C 652 -16.29 -14.43 -44.45
N PHE C 653 -15.55 -15.37 -43.88
CA PHE C 653 -15.78 -16.79 -44.11
C PHE C 653 -15.93 -17.48 -42.76
N ASP C 654 -17.07 -18.14 -42.53
CA ASP C 654 -17.20 -18.94 -41.33
C ASP C 654 -16.17 -20.08 -41.33
N GLU C 655 -16.01 -20.75 -42.46
CA GLU C 655 -14.96 -21.74 -42.63
C GLU C 655 -14.16 -21.37 -43.87
N PHE C 656 -12.89 -21.05 -43.68
CA PHE C 656 -12.04 -20.68 -44.80
C PHE C 656 -11.21 -21.85 -45.30
N TRP C 657 -11.14 -22.94 -44.53
CA TRP C 657 -10.35 -24.09 -44.99
C TRP C 657 -11.09 -24.87 -46.05
N LYS C 658 -12.42 -24.84 -46.04
CA LYS C 658 -13.17 -25.47 -47.13
C LYS C 658 -12.94 -24.80 -48.47
N PRO C 659 -12.98 -23.46 -48.61
CA PRO C 659 -12.69 -22.88 -49.93
C PRO C 659 -11.26 -23.08 -50.40
N LEU C 660 -10.30 -23.20 -49.48
CA LEU C 660 -8.91 -23.16 -49.91
C LEU C 660 -8.45 -24.47 -50.56
N GLN C 661 -9.17 -25.57 -50.31
CA GLN C 661 -8.76 -26.83 -50.93
C GLN C 661 -8.94 -26.81 -52.45
N ASP C 662 -9.40 -25.69 -52.99
CA ASP C 662 -9.53 -25.55 -54.43
C ASP C 662 -8.16 -25.57 -55.10
N GLU C 663 -8.12 -25.96 -56.37
CA GLU C 663 -6.89 -25.87 -57.13
C GLU C 663 -6.55 -24.43 -57.47
N TYR C 664 -7.55 -23.66 -57.92
CA TYR C 664 -7.26 -22.35 -58.51
C TYR C 664 -7.46 -21.22 -57.50
N PHE C 665 -8.47 -21.34 -56.63
CA PHE C 665 -8.85 -20.22 -55.77
C PHE C 665 -7.73 -19.82 -54.82
N GLU C 666 -7.06 -20.80 -54.21
CA GLU C 666 -5.98 -20.50 -53.27
C GLU C 666 -4.84 -19.76 -53.95
N ASP C 667 -4.50 -20.16 -55.18
CA ASP C 667 -3.42 -19.50 -55.90
C ASP C 667 -3.72 -18.02 -56.11
N LEU C 668 -4.93 -17.71 -56.56
CA LEU C 668 -5.28 -16.31 -56.82
C LEU C 668 -5.37 -15.54 -55.51
N ALA C 669 -5.85 -16.17 -54.44
CA ALA C 669 -5.87 -15.50 -53.14
C ALA C 669 -4.46 -15.12 -52.71
N LYS C 670 -3.52 -16.06 -52.77
CA LYS C 670 -2.15 -15.79 -52.36
C LYS C 670 -1.49 -14.74 -53.25
N ASN C 671 -1.75 -14.78 -54.55
CA ASN C 671 -1.16 -13.79 -55.44
C ASN C 671 -1.73 -12.40 -55.20
N LYS C 672 -3.05 -12.29 -55.04
CA LYS C 672 -3.73 -11.01 -55.07
C LYS C 672 -3.94 -10.42 -53.68
N GLN C 673 -3.55 -11.14 -52.62
CA GLN C 673 -3.62 -10.56 -51.28
C GLN C 673 -2.87 -9.25 -51.19
N LYS C 674 -1.81 -9.10 -51.98
CA LYS C 674 -1.01 -7.88 -51.93
C LYS C 674 -1.83 -6.68 -52.42
N THR C 675 -2.48 -6.82 -53.57
CA THR C 675 -3.29 -5.72 -54.09
C THR C 675 -4.51 -5.48 -53.21
N ILE C 676 -5.15 -6.55 -52.73
CA ILE C 676 -6.32 -6.36 -51.86
C ILE C 676 -5.91 -5.62 -50.60
N ARG C 677 -4.73 -5.91 -50.07
CA ARG C 677 -4.23 -5.17 -48.91
C ARG C 677 -4.01 -3.71 -49.26
N LYS C 678 -3.55 -3.43 -50.48
CA LYS C 678 -3.37 -2.04 -50.91
C LYS C 678 -4.69 -1.29 -50.89
N GLN C 679 -5.74 -1.91 -51.42
CA GLN C 679 -7.08 -1.33 -51.30
C GLN C 679 -7.56 -1.45 -49.85
N ASN C 680 -8.81 -1.04 -49.63
CA ASN C 680 -9.38 -1.05 -48.29
C ASN C 680 -9.99 -2.42 -48.01
N GLY C 681 -9.19 -3.45 -48.27
CA GLY C 681 -9.68 -4.82 -48.21
C GLY C 681 -9.11 -5.64 -47.08
N ILE C 682 -9.98 -6.22 -46.26
CA ILE C 682 -9.57 -7.07 -45.15
C ILE C 682 -10.34 -8.39 -45.25
N PHE C 683 -9.62 -9.49 -45.15
CA PHE C 683 -10.23 -10.82 -45.12
C PHE C 683 -10.40 -11.24 -43.68
N VAL C 684 -11.63 -11.22 -43.19
CA VAL C 684 -11.88 -11.68 -41.83
C VAL C 684 -12.12 -13.18 -41.90
N PHE C 685 -11.04 -13.96 -41.93
CA PHE C 685 -11.18 -15.40 -41.98
C PHE C 685 -11.68 -15.93 -40.65
N ALA C 686 -12.15 -17.17 -40.66
CA ALA C 686 -12.54 -17.86 -39.44
C ALA C 686 -12.56 -19.34 -39.70
N THR C 687 -12.41 -20.12 -38.64
CA THR C 687 -12.50 -21.58 -38.74
C THR C 687 -12.77 -22.16 -37.37
N GLN C 688 -13.62 -23.19 -37.34
CA GLN C 688 -14.01 -23.78 -36.06
C GLN C 688 -12.85 -24.57 -35.44
N GLU C 689 -12.13 -25.32 -36.25
CA GLU C 689 -11.06 -26.18 -35.74
C GLU C 689 -9.79 -25.90 -36.53
N PRO C 690 -8.73 -25.42 -35.87
CA PRO C 690 -7.49 -25.12 -36.61
C PRO C 690 -6.79 -26.38 -37.10
N SER C 691 -6.80 -27.45 -36.30
CA SER C 691 -6.26 -28.72 -36.75
C SER C 691 -7.02 -29.24 -37.95
N ASP C 692 -8.32 -28.94 -38.03
CA ASP C 692 -9.09 -29.27 -39.23
C ASP C 692 -8.56 -28.51 -40.44
N ALA C 693 -8.21 -27.24 -40.25
CA ALA C 693 -7.63 -26.48 -41.35
C ALA C 693 -6.26 -27.05 -41.72
N LEU C 694 -5.59 -27.71 -40.78
CA LEU C 694 -4.37 -28.49 -40.91
C LEU C 694 -3.23 -27.72 -41.55
N GLU C 695 -3.36 -26.40 -41.73
CA GLU C 695 -2.33 -25.52 -42.31
C GLU C 695 -1.61 -26.18 -43.48
N SER C 696 -2.38 -26.48 -44.52
CA SER C 696 -1.82 -27.05 -45.74
C SER C 696 -0.82 -26.09 -46.38
N ASN C 697 -0.11 -26.60 -47.38
CA ASN C 697 0.94 -25.81 -48.01
C ASN C 697 0.39 -24.52 -48.62
N ILE C 698 -0.82 -24.56 -49.14
CA ILE C 698 -1.41 -23.40 -49.79
C ILE C 698 -2.00 -22.44 -48.77
N ALA C 699 -2.47 -22.97 -47.64
CA ALA C 699 -3.09 -22.17 -46.59
C ALA C 699 -2.08 -21.46 -45.72
N LYS C 700 -0.78 -21.72 -45.91
CA LYS C 700 0.24 -21.20 -45.00
C LYS C 700 0.26 -19.67 -45.03
N THR C 701 0.21 -19.08 -46.21
CA THR C 701 0.25 -17.63 -46.31
C THR C 701 -0.98 -17.00 -45.68
N LEU C 702 -2.16 -17.57 -45.94
CA LEU C 702 -3.39 -17.05 -45.37
C LEU C 702 -3.34 -17.10 -43.85
N ILE C 703 -2.80 -18.18 -43.30
CA ILE C 703 -2.73 -18.27 -41.84
C ILE C 703 -1.71 -17.30 -41.28
N GLN C 704 -0.54 -17.20 -41.91
CA GLN C 704 0.56 -16.46 -41.29
C GLN C 704 0.37 -14.95 -41.42
N GLN C 705 -0.27 -14.49 -42.49
CA GLN C 705 -0.52 -13.06 -42.63
C GLN C 705 -1.73 -12.56 -41.84
N CYS C 706 -2.20 -13.32 -40.85
CA CYS C 706 -3.27 -12.82 -39.99
C CYS C 706 -2.74 -11.76 -39.05
N ALA C 707 -3.43 -10.62 -38.98
CA ALA C 707 -3.00 -9.55 -38.10
C ALA C 707 -3.37 -9.84 -36.66
N THR C 708 -4.66 -9.99 -36.38
CA THR C 708 -5.17 -10.15 -35.02
C THR C 708 -5.81 -11.52 -34.88
N TYR C 709 -5.40 -12.24 -33.84
CA TYR C 709 -5.96 -13.55 -33.53
C TYR C 709 -6.85 -13.45 -32.31
N ILE C 710 -8.08 -13.95 -32.41
CA ILE C 710 -8.96 -14.13 -31.28
C ILE C 710 -9.16 -15.62 -31.09
N PHE C 711 -8.62 -16.17 -30.01
CA PHE C 711 -8.74 -17.59 -29.72
C PHE C 711 -9.86 -17.78 -28.69
N LEU C 712 -10.87 -18.56 -29.05
CA LEU C 712 -11.92 -18.88 -28.09
C LEU C 712 -11.49 -20.06 -27.23
N ALA C 713 -12.26 -20.31 -26.17
CA ALA C 713 -11.94 -21.41 -25.28
C ALA C 713 -12.15 -22.74 -25.99
N ASN C 714 -11.07 -23.49 -26.17
CA ASN C 714 -11.12 -24.75 -26.89
C ASN C 714 -11.01 -25.91 -25.92
N PRO C 715 -12.11 -26.63 -25.64
CA PRO C 715 -11.99 -27.80 -24.75
C PRO C 715 -10.98 -28.83 -25.25
N LYS C 716 -10.90 -29.03 -26.56
CA LYS C 716 -9.91 -29.92 -27.16
C LYS C 716 -9.06 -29.11 -28.12
N ALA C 717 -7.74 -29.17 -27.94
CA ALA C 717 -6.80 -28.47 -28.79
C ALA C 717 -5.49 -29.24 -28.81
N ASP C 718 -5.10 -29.70 -30.00
CA ASP C 718 -3.83 -30.41 -30.14
C ASP C 718 -2.68 -29.49 -29.78
N TYR C 719 -2.01 -29.79 -28.67
CA TYR C 719 -1.04 -28.88 -28.07
C TYR C 719 0.02 -28.46 -29.07
N GLU C 720 0.68 -29.42 -29.71
CA GLU C 720 1.83 -29.11 -30.55
C GLU C 720 1.42 -28.29 -31.77
N ASP C 721 0.40 -28.73 -32.50
CA ASP C 721 -0.03 -28.01 -33.68
C ASP C 721 -0.56 -26.63 -33.32
N TYR C 722 -1.34 -26.55 -32.24
CA TYR C 722 -1.92 -25.29 -31.81
C TYR C 722 -0.82 -24.27 -31.49
N THR C 723 0.19 -24.71 -30.74
CA THR C 723 1.26 -23.78 -30.34
C THR C 723 2.17 -23.44 -31.51
N GLN C 724 2.58 -24.44 -32.29
CA GLN C 724 3.61 -24.22 -33.31
C GLN C 724 3.04 -23.51 -34.53
N GLY C 725 1.79 -23.82 -34.92
CA GLY C 725 1.20 -23.18 -36.07
C GLY C 725 0.94 -21.70 -35.85
N PHE C 726 0.46 -21.35 -34.66
CA PHE C 726 0.13 -19.97 -34.33
C PHE C 726 1.26 -19.22 -33.67
N LYS C 727 2.41 -19.86 -33.45
CA LYS C 727 3.50 -19.29 -32.68
C LYS C 727 3.03 -18.83 -31.30
N LEU C 728 2.00 -19.50 -30.77
CA LEU C 728 1.45 -19.13 -29.49
C LEU C 728 2.39 -19.56 -28.36
N THR C 729 2.59 -18.66 -27.40
CA THR C 729 3.52 -18.93 -26.31
C THR C 729 2.97 -20.03 -25.40
N ASP C 730 3.88 -20.65 -24.64
CA ASP C 730 3.47 -21.72 -23.74
C ASP C 730 2.54 -21.21 -22.65
N SER C 731 2.87 -20.05 -22.06
CA SER C 731 2.01 -19.50 -21.02
C SER C 731 0.67 -19.05 -21.59
N GLU C 732 0.68 -18.51 -22.82
CA GLU C 732 -0.58 -18.19 -23.47
C GLU C 732 -1.42 -19.44 -23.68
N PHE C 733 -0.79 -20.55 -24.05
CA PHE C 733 -1.51 -21.80 -24.16
C PHE C 733 -2.07 -22.23 -22.82
N GLU C 734 -1.31 -22.01 -21.75
CA GLU C 734 -1.82 -22.32 -20.41
C GLU C 734 -3.05 -21.49 -20.08
N LEU C 735 -3.05 -20.22 -20.49
CA LEU C 735 -4.24 -19.40 -20.31
C LEU C 735 -5.40 -19.93 -21.14
N VAL C 736 -5.14 -20.34 -22.37
CA VAL C 736 -6.21 -20.85 -23.24
C VAL C 736 -6.84 -22.09 -22.62
N ARG C 737 -6.00 -23.02 -22.16
CA ARG C 737 -6.51 -24.19 -21.46
C ARG C 737 -7.26 -23.79 -20.20
N GLY C 738 -6.77 -22.74 -19.51
CA GLY C 738 -7.42 -22.32 -18.28
C GLY C 738 -8.85 -21.86 -18.49
N LEU C 739 -9.12 -21.20 -19.61
CA LEU C 739 -10.50 -20.89 -19.95
C LEU C 739 -11.32 -22.17 -20.06
N GLY C 740 -10.70 -23.25 -20.52
CA GLY C 740 -11.34 -24.55 -20.49
C GLY C 740 -12.49 -24.64 -21.48
N GLU C 741 -13.61 -25.18 -21.01
CA GLU C 741 -14.80 -25.38 -21.83
C GLU C 741 -15.97 -24.61 -21.23
N PHE C 742 -16.75 -23.98 -22.11
CA PHE C 742 -17.99 -23.32 -21.72
C PHE C 742 -17.74 -22.20 -20.71
N SER C 743 -16.69 -21.42 -20.94
CA SER C 743 -16.48 -20.15 -20.26
C SER C 743 -16.38 -19.06 -21.33
N ARG C 744 -17.28 -18.09 -21.27
CA ARG C 744 -17.42 -17.11 -22.35
C ARG C 744 -16.35 -16.04 -22.23
N ARG C 745 -15.13 -16.46 -22.49
CA ARG C 745 -13.97 -15.57 -22.56
C ARG C 745 -13.15 -15.94 -23.77
N PHE C 746 -12.31 -15.02 -24.22
CA PHE C 746 -11.45 -15.26 -25.36
C PHE C 746 -10.11 -14.56 -25.16
N LEU C 747 -9.08 -15.13 -25.76
CA LEU C 747 -7.73 -14.57 -25.72
C LEU C 747 -7.50 -13.84 -27.04
N ILE C 748 -7.18 -12.56 -26.95
CA ILE C 748 -6.92 -11.73 -28.12
C ILE C 748 -5.41 -11.47 -28.17
N LYS C 749 -4.74 -12.00 -29.18
CA LYS C 749 -3.31 -11.76 -29.36
C LYS C 749 -3.12 -10.88 -30.59
N GLN C 750 -3.01 -9.57 -30.36
CA GLN C 750 -2.77 -8.61 -31.41
C GLN C 750 -1.28 -8.35 -31.51
N GLY C 751 -0.70 -8.63 -32.67
CA GLY C 751 0.71 -8.39 -32.81
C GLY C 751 1.51 -9.26 -31.87
N ASP C 752 2.06 -8.64 -30.82
CA ASP C 752 2.98 -9.31 -29.94
C ASP C 752 2.58 -9.23 -28.47
N GLN C 753 1.31 -8.94 -28.17
CA GLN C 753 0.80 -8.90 -26.81
C GLN C 753 -0.56 -9.59 -26.75
N SER C 754 -1.07 -9.79 -25.54
CA SER C 754 -2.25 -10.63 -25.33
C SER C 754 -3.09 -10.08 -24.19
N ALA C 755 -4.33 -10.57 -24.12
CA ALA C 755 -5.24 -10.21 -23.04
C ALA C 755 -6.43 -11.16 -23.05
N LEU C 756 -7.08 -11.30 -21.89
CA LEU C 756 -8.25 -12.14 -21.75
C LEU C 756 -9.50 -11.26 -21.70
N ALA C 757 -10.12 -11.06 -22.86
CA ALA C 757 -11.26 -10.17 -22.97
C ALA C 757 -12.55 -10.98 -23.03
N GLU C 758 -13.53 -10.57 -22.25
CA GLU C 758 -14.84 -11.22 -22.24
C GLU C 758 -15.91 -10.18 -22.52
N MET C 759 -16.66 -10.40 -23.60
CA MET C 759 -17.82 -9.56 -23.93
C MET C 759 -19.10 -10.16 -23.33
N ASN C 760 -19.00 -10.44 -22.03
CA ASN C 760 -20.10 -11.09 -21.32
C ASN C 760 -21.33 -10.18 -21.33
N LEU C 761 -22.50 -10.79 -21.46
CA LEU C 761 -23.77 -10.07 -21.55
C LEU C 761 -24.67 -10.51 -20.40
N GLY C 762 -24.81 -9.64 -19.41
CA GLY C 762 -25.64 -9.92 -18.25
C GLY C 762 -26.83 -8.98 -18.14
N LYS C 763 -27.11 -8.48 -16.94
CA LYS C 763 -28.26 -7.58 -16.79
C LYS C 763 -27.88 -6.15 -17.12
N PHE C 764 -26.99 -5.56 -16.32
CA PHE C 764 -26.69 -4.14 -16.48
C PHE C 764 -25.61 -3.91 -17.53
N ARG C 775 -30.79 -4.20 -19.97
CA ARG C 775 -30.99 -5.63 -19.80
C ARG C 775 -31.44 -6.29 -21.10
N ASP C 776 -31.22 -5.60 -22.21
CA ASP C 776 -31.61 -6.08 -23.53
C ASP C 776 -30.70 -7.17 -24.07
N PHE C 777 -29.58 -7.43 -23.37
CA PHE C 777 -28.65 -8.47 -23.79
C PHE C 777 -29.39 -9.78 -24.09
N ASP C 778 -30.45 -10.06 -23.33
CA ASP C 778 -31.25 -11.24 -23.60
C ASP C 778 -31.77 -11.24 -25.04
N ASP C 779 -32.43 -10.15 -25.46
CA ASP C 779 -33.07 -10.19 -26.77
C ASP C 779 -32.05 -10.07 -27.90
N GLU C 780 -31.05 -9.18 -27.78
CA GLU C 780 -30.11 -9.10 -28.90
C GLU C 780 -29.13 -10.27 -28.90
N LEU C 781 -29.11 -11.07 -27.83
CA LEU C 781 -28.43 -12.37 -27.93
C LEU C 781 -29.35 -13.40 -28.58
N LEU C 782 -30.65 -13.31 -28.31
CA LEU C 782 -31.58 -14.26 -28.89
C LEU C 782 -31.64 -14.14 -30.40
N VAL C 783 -31.67 -12.90 -30.90
CA VAL C 783 -31.71 -12.72 -32.35
C VAL C 783 -30.36 -13.06 -32.97
N LEU C 784 -29.26 -12.76 -32.27
CA LEU C 784 -27.94 -12.92 -32.87
C LEU C 784 -27.61 -14.38 -33.13
N SER C 785 -27.97 -15.28 -32.22
CA SER C 785 -27.72 -16.69 -32.43
C SER C 785 -28.61 -17.23 -33.54
N GLY C 786 -28.07 -18.18 -34.31
CA GLY C 786 -28.81 -18.74 -35.43
C GLY C 786 -29.08 -20.22 -35.32
N THR C 787 -30.36 -20.59 -35.31
CA THR C 787 -30.81 -21.98 -35.20
C THR C 787 -31.76 -22.28 -36.33
N PRO C 788 -31.91 -23.55 -36.70
CA PRO C 788 -32.81 -23.88 -37.82
C PRO C 788 -34.22 -23.37 -37.63
N ASP C 789 -34.77 -23.44 -36.42
CA ASP C 789 -36.09 -22.87 -36.18
C ASP C 789 -36.06 -21.35 -36.34
N ASN C 790 -35.04 -20.71 -35.77
CA ASN C 790 -34.89 -19.27 -35.98
C ASN C 790 -34.73 -18.96 -37.46
N ALA C 791 -33.95 -19.77 -38.17
CA ALA C 791 -33.74 -19.52 -39.59
C ALA C 791 -35.05 -19.62 -40.38
N GLU C 792 -35.82 -20.67 -40.14
CA GLU C 792 -37.06 -20.84 -40.90
C GLU C 792 -38.06 -19.75 -40.53
N ILE C 793 -38.12 -19.36 -39.26
CA ILE C 793 -38.99 -18.27 -38.87
C ILE C 793 -38.57 -16.98 -39.58
N ALA C 794 -37.26 -16.73 -39.65
CA ALA C 794 -36.77 -15.51 -40.29
C ALA C 794 -37.15 -15.50 -41.77
N GLU C 795 -36.92 -16.61 -42.46
CA GLU C 795 -37.21 -16.63 -43.88
C GLU C 795 -38.70 -16.50 -44.14
N SER C 796 -39.53 -17.22 -43.37
CA SER C 796 -40.97 -17.14 -43.57
C SER C 796 -41.48 -15.73 -43.31
N ILE C 797 -41.02 -15.11 -42.22
CA ILE C 797 -41.49 -13.76 -41.90
C ILE C 797 -41.04 -12.77 -42.97
N ILE C 798 -39.80 -12.89 -43.46
CA ILE C 798 -39.31 -11.97 -44.48
C ILE C 798 -40.14 -12.09 -45.75
N ALA C 799 -40.40 -13.33 -46.17
CA ALA C 799 -41.15 -13.53 -47.41
C ALA C 799 -42.60 -13.09 -47.26
N GLU C 800 -43.17 -13.21 -46.05
CA GLU C 800 -44.61 -13.01 -45.91
C GLU C 800 -44.94 -11.55 -45.61
N VAL C 801 -44.02 -10.81 -44.97
CA VAL C 801 -44.35 -9.44 -44.58
C VAL C 801 -44.57 -8.55 -45.79
N GLY C 802 -43.68 -8.62 -46.77
CA GLY C 802 -43.72 -7.63 -47.83
C GLY C 802 -42.88 -6.42 -47.43
N ASP C 803 -43.54 -5.40 -46.89
CA ASP C 803 -42.85 -4.23 -46.37
C ASP C 803 -42.87 -4.28 -44.84
N ASP C 804 -41.69 -4.42 -44.24
CA ASP C 804 -41.57 -4.50 -42.80
C ASP C 804 -40.33 -3.74 -42.35
N PRO C 805 -40.49 -2.63 -41.63
CA PRO C 805 -39.32 -1.82 -41.24
C PRO C 805 -38.55 -2.48 -40.10
N ALA C 806 -37.99 -3.65 -40.41
CA ALA C 806 -37.34 -4.49 -39.41
C ALA C 806 -38.27 -4.77 -38.24
N VAL C 807 -39.58 -4.71 -38.49
CA VAL C 807 -40.57 -5.02 -37.46
C VAL C 807 -40.75 -6.52 -37.29
N TRP C 808 -40.11 -7.33 -38.13
CA TRP C 808 -40.16 -8.77 -37.92
C TRP C 808 -39.48 -9.16 -36.61
N LEU C 809 -38.46 -8.39 -36.20
CA LEU C 809 -37.78 -8.68 -34.95
C LEU C 809 -38.71 -8.56 -33.74
N PRO C 810 -39.54 -7.53 -33.58
CA PRO C 810 -40.56 -7.59 -32.53
C PRO C 810 -41.44 -8.81 -32.62
N ILE C 811 -41.83 -9.21 -33.84
CA ILE C 811 -42.50 -10.49 -34.02
C ILE C 811 -41.55 -11.62 -33.67
N PHE C 812 -40.30 -11.51 -34.11
CA PHE C 812 -39.31 -12.53 -33.78
C PHE C 812 -39.02 -12.56 -32.28
N LEU C 813 -39.31 -11.47 -31.57
CA LEU C 813 -38.92 -11.37 -30.16
C LEU C 813 -39.62 -12.43 -29.31
N ASP C 814 -40.94 -12.50 -29.39
CA ASP C 814 -41.71 -13.39 -28.54
C ASP C 814 -42.10 -14.69 -29.22
N ARG C 815 -42.14 -14.70 -30.55
CA ARG C 815 -42.54 -15.92 -31.26
C ARG C 815 -41.52 -17.03 -31.04
N VAL C 816 -40.30 -16.68 -30.65
CA VAL C 816 -39.26 -17.69 -30.44
C VAL C 816 -39.25 -18.18 -29.00
N LYS C 817 -39.18 -17.26 -28.03
CA LYS C 817 -38.99 -17.65 -26.64
C LYS C 817 -40.18 -18.46 -26.13
N ALA C 818 -41.35 -18.29 -26.76
CA ALA C 818 -42.50 -19.11 -26.39
C ALA C 818 -42.22 -20.58 -26.67
N GLU C 819 -41.62 -20.90 -27.82
CA GLU C 819 -41.32 -22.28 -28.16
C GLU C 819 -40.30 -22.88 -27.20
N ARG C 820 -39.24 -22.14 -26.88
CA ARG C 820 -38.24 -22.64 -25.96
C ARG C 820 -38.82 -22.84 -24.57
N SER C 821 -39.67 -21.91 -24.12
CA SER C 821 -40.32 -22.02 -22.82
C SER C 821 -41.31 -23.18 -22.81
N GLN D 13 38.26 9.84 -17.86
CA GLN D 13 39.04 10.25 -16.70
C GLN D 13 38.30 11.33 -15.91
N LEU D 14 37.01 11.10 -15.66
CA LEU D 14 36.24 12.02 -14.83
C LEU D 14 36.81 12.09 -13.43
N LYS D 15 37.13 10.93 -12.85
CA LYS D 15 37.84 10.80 -11.58
C LYS D 15 37.16 11.53 -10.42
N SER D 16 35.86 11.81 -10.52
CA SER D 16 35.17 12.50 -9.45
C SER D 16 33.67 12.34 -9.58
N TYR D 17 33.05 11.78 -8.56
CA TYR D 17 31.58 11.81 -8.47
C TYR D 17 31.08 13.24 -8.41
N TYR D 18 31.76 14.10 -7.64
CA TYR D 18 31.34 15.49 -7.53
C TYR D 18 31.44 16.19 -8.86
N GLU D 19 32.50 15.92 -9.64
CA GLU D 19 32.64 16.54 -10.94
C GLU D 19 31.50 16.14 -11.88
N GLU D 20 31.13 14.86 -11.88
CA GLU D 20 30.03 14.42 -12.73
C GLU D 20 28.71 15.04 -12.29
N SER D 21 28.47 15.10 -10.97
CA SER D 21 27.24 15.72 -10.49
C SER D 21 27.17 17.18 -10.90
N ARG D 22 28.27 17.92 -10.72
CA ARG D 22 28.27 19.33 -11.11
C ARG D 22 28.10 19.48 -12.61
N GLY D 23 28.73 18.62 -13.40
CA GLY D 23 28.59 18.70 -14.84
C GLY D 23 27.16 18.43 -15.29
N LEU D 24 26.47 17.53 -14.60
CA LEU D 24 25.06 17.31 -14.89
C LEU D 24 24.23 18.54 -14.54
N GLU D 25 24.39 19.05 -13.32
CA GLU D 25 23.49 20.11 -12.86
C GLU D 25 23.79 21.44 -13.55
N ARG D 26 25.06 21.69 -13.89
CA ARG D 26 25.44 23.00 -14.39
C ARG D 26 24.80 23.29 -15.74
N ASP D 27 24.36 24.53 -15.93
CA ASP D 27 23.82 25.00 -17.19
C ASP D 27 24.93 25.75 -17.93
N LEU D 28 25.25 25.29 -19.14
CA LEU D 28 26.39 25.84 -19.87
C LEU D 28 26.16 27.28 -20.26
N ILE D 29 25.02 27.58 -20.89
CA ILE D 29 24.77 28.93 -21.39
C ILE D 29 24.66 29.91 -20.23
N GLY D 30 23.95 29.53 -19.16
CA GLY D 30 23.89 30.38 -17.99
C GLY D 30 25.27 30.60 -17.38
N GLU D 31 26.12 29.56 -17.42
CA GLU D 31 27.49 29.71 -16.95
C GLU D 31 28.24 30.76 -17.76
N PHE D 32 28.07 30.74 -19.09
CA PHE D 32 28.73 31.74 -19.93
C PHE D 32 28.19 33.14 -19.65
N VAL D 33 26.88 33.26 -19.47
CA VAL D 33 26.28 34.56 -19.15
C VAL D 33 26.85 35.11 -17.85
N LYS D 34 26.93 34.26 -16.82
CA LYS D 34 27.47 34.70 -15.54
C LYS D 34 28.94 35.08 -15.67
N SER D 35 29.70 34.30 -16.45
CA SER D 35 31.11 34.62 -16.65
C SER D 35 31.28 35.99 -17.29
N ARG D 36 30.49 36.28 -18.33
CA ARG D 36 30.60 37.60 -18.97
C ARG D 36 30.15 38.71 -18.04
N LYS D 37 29.12 38.45 -17.23
CA LYS D 37 28.70 39.46 -16.26
C LYS D 37 29.81 39.77 -15.27
N THR D 38 30.50 38.73 -14.78
CA THR D 38 31.63 38.95 -13.89
C THR D 38 32.74 39.72 -14.60
N ALA D 39 32.99 39.39 -15.87
CA ALA D 39 34.03 40.10 -16.62
C ALA D 39 33.71 41.58 -16.70
N TRP D 40 32.47 41.93 -17.03
CA TRP D 40 32.12 43.34 -17.13
C TRP D 40 32.19 44.01 -15.77
N ARG D 41 31.80 43.30 -14.70
CA ARG D 41 31.89 43.89 -13.37
C ARG D 41 33.33 44.20 -12.99
N VAL D 42 34.24 43.27 -13.27
CA VAL D 42 35.65 43.50 -12.96
C VAL D 42 36.19 44.66 -13.80
N ALA D 43 35.78 44.74 -15.06
CA ALA D 43 36.20 45.88 -15.88
C ALA D 43 35.70 47.19 -15.29
N THR D 44 34.47 47.19 -14.77
CA THR D 44 33.94 48.40 -14.14
C THR D 44 34.75 48.78 -12.92
N ALA D 45 35.14 47.78 -12.11
CA ALA D 45 36.00 48.07 -10.97
C ALA D 45 37.33 48.68 -11.42
N SER D 46 37.88 48.16 -12.52
CA SER D 46 39.10 48.72 -13.07
C SER D 46 38.91 50.17 -13.47
N GLY D 47 37.79 50.48 -14.11
CA GLY D 47 37.50 51.85 -14.45
C GLY D 47 37.39 52.73 -13.23
N LEU D 48 36.84 52.17 -12.15
CA LEU D 48 36.77 52.91 -10.89
C LEU D 48 38.17 53.24 -10.38
N PHE D 49 39.06 52.26 -10.39
CA PHE D 49 40.44 52.52 -9.96
C PHE D 49 41.09 53.57 -10.83
N GLY D 50 40.84 53.52 -12.15
CA GLY D 50 41.42 54.51 -13.04
C GLY D 50 40.92 55.92 -12.75
N LEU D 51 39.61 56.06 -12.53
CA LEU D 51 39.07 57.37 -12.20
C LEU D 51 39.62 57.86 -10.88
N LEU D 52 39.79 56.96 -9.91
CA LEU D 52 40.39 57.35 -8.65
C LEU D 52 41.80 57.88 -8.87
N GLY D 53 42.57 57.21 -9.73
CA GLY D 53 43.90 57.70 -10.05
C GLY D 53 43.85 59.07 -10.70
N MET D 54 42.89 59.30 -11.58
CA MET D 54 42.75 60.61 -12.21
C MET D 54 42.48 61.69 -11.17
N VAL D 55 41.57 61.40 -10.24
CA VAL D 55 41.24 62.39 -9.20
C VAL D 55 42.45 62.65 -8.33
N CYS D 56 43.18 61.59 -7.96
CA CYS D 56 44.38 61.76 -7.13
C CYS D 56 45.42 62.60 -7.85
N GLY D 57 45.61 62.38 -9.15
CA GLY D 57 46.53 63.21 -9.89
C GLY D 57 46.10 64.66 -9.93
N ILE D 58 44.81 64.91 -10.19
CA ILE D 58 44.33 66.28 -10.25
C ILE D 58 44.52 66.97 -8.91
N VAL D 59 44.33 66.23 -7.82
CA VAL D 59 44.42 66.84 -6.50
C VAL D 59 45.88 67.10 -6.12
N GLY D 60 46.68 66.03 -6.04
CA GLY D 60 48.06 66.19 -5.61
C GLY D 60 48.88 67.07 -6.54
N PHE D 61 48.47 67.15 -7.81
CA PHE D 61 49.12 68.06 -8.75
C PHE D 61 49.12 69.48 -8.20
N SER D 62 48.00 69.90 -7.61
CA SER D 62 47.95 71.20 -6.96
C SER D 62 48.44 71.06 -5.53
N GLU E 12 8.05 23.35 -51.63
CA GLU E 12 7.84 23.19 -50.19
C GLU E 12 8.99 22.40 -49.55
N GLN E 13 10.20 22.95 -49.62
CA GLN E 13 11.38 22.30 -49.07
C GLN E 13 11.26 22.30 -47.55
N LEU E 14 10.74 21.20 -47.02
CA LEU E 14 10.45 21.12 -45.60
C LEU E 14 11.72 21.14 -44.76
N LYS E 15 12.76 20.42 -45.19
CA LYS E 15 13.95 20.27 -44.36
C LYS E 15 15.10 21.16 -44.80
N SER E 16 15.08 21.66 -46.03
CA SER E 16 16.08 22.65 -46.41
C SER E 16 15.97 23.90 -45.56
N TYR E 17 14.79 24.15 -44.98
CA TYR E 17 14.62 25.33 -44.13
C TYR E 17 15.27 25.11 -42.77
N TYR E 18 15.18 23.91 -42.23
CA TYR E 18 15.91 23.58 -41.02
C TYR E 18 17.20 22.83 -41.29
N GLU E 19 17.60 22.68 -42.55
CA GLU E 19 18.96 22.26 -42.84
C GLU E 19 19.96 23.31 -42.39
N GLU E 20 19.48 24.55 -42.18
CA GLU E 20 20.37 25.63 -41.76
C GLU E 20 20.29 25.87 -40.26
N SER E 21 19.24 25.38 -39.60
CA SER E 21 19.10 25.63 -38.17
C SER E 21 20.25 25.00 -37.38
N ARG E 22 20.74 23.87 -37.85
CA ARG E 22 21.89 23.22 -37.23
C ARG E 22 23.10 24.15 -37.24
N GLY E 23 23.46 24.66 -38.41
CA GLY E 23 24.56 25.59 -38.51
C GLY E 23 24.30 26.87 -37.74
N LEU E 24 23.02 27.26 -37.65
CA LEU E 24 22.67 28.43 -36.86
C LEU E 24 23.02 28.22 -35.39
N GLU E 25 22.67 27.05 -34.85
CA GLU E 25 23.03 26.75 -33.47
C GLU E 25 24.54 26.72 -33.28
N ARG E 26 25.26 26.11 -34.23
CA ARG E 26 26.71 26.11 -34.15
C ARG E 26 27.28 27.52 -34.15
N ASP E 27 26.74 28.38 -35.00
CA ASP E 27 27.24 29.75 -35.09
C ASP E 27 26.90 30.53 -33.82
N LEU E 28 25.75 30.24 -33.21
CA LEU E 28 25.45 30.85 -31.91
C LEU E 28 26.48 30.46 -30.87
N ILE E 29 26.81 29.17 -30.79
CA ILE E 29 27.80 28.73 -29.81
C ILE E 29 29.14 29.41 -30.09
N GLY E 30 29.54 29.45 -31.36
CA GLY E 30 30.82 30.04 -31.70
C GLY E 30 30.89 31.52 -31.37
N GLU E 31 29.86 32.27 -31.77
CA GLU E 31 29.82 33.69 -31.48
C GLU E 31 29.79 33.95 -29.98
N PHE E 32 29.12 33.09 -29.22
CA PHE E 32 28.97 33.34 -27.79
C PHE E 32 30.29 33.08 -27.06
N VAL E 33 30.99 32.01 -27.43
CA VAL E 33 32.28 31.77 -26.80
C VAL E 33 33.30 32.81 -27.24
N LYS E 34 33.25 33.25 -28.51
CA LYS E 34 34.13 34.32 -28.95
C LYS E 34 33.86 35.61 -28.19
N SER E 35 32.59 35.88 -27.91
CA SER E 35 32.25 37.06 -27.12
C SER E 35 32.80 36.96 -25.71
N ARG E 36 32.75 35.77 -25.11
CA ARG E 36 33.35 35.61 -23.78
C ARG E 36 34.85 35.88 -23.83
N LYS E 37 35.52 35.38 -24.87
CA LYS E 37 36.95 35.62 -25.00
C LYS E 37 37.25 37.11 -25.11
N THR E 38 36.53 37.82 -25.99
CA THR E 38 36.80 39.25 -26.13
C THR E 38 36.37 40.00 -24.88
N ALA E 39 35.43 39.44 -24.11
CA ALA E 39 35.02 40.07 -22.87
C ALA E 39 36.15 40.07 -21.85
N TRP E 40 36.78 38.91 -21.65
CA TRP E 40 37.98 38.91 -20.81
C TRP E 40 39.09 39.76 -21.41
N ARG E 41 39.23 39.78 -22.73
CA ARG E 41 40.29 40.58 -23.34
C ARG E 41 40.13 42.06 -22.97
N VAL E 42 38.94 42.60 -23.21
CA VAL E 42 38.69 44.01 -22.92
C VAL E 42 38.76 44.27 -21.42
N ALA E 43 38.22 43.35 -20.61
CA ALA E 43 38.24 43.55 -19.18
C ALA E 43 39.67 43.62 -18.64
N THR E 44 40.55 42.72 -19.09
CA THR E 44 41.91 42.72 -18.59
C THR E 44 42.69 43.93 -19.12
N ALA E 45 42.43 44.31 -20.38
CA ALA E 45 43.09 45.50 -20.89
C ALA E 45 42.72 46.72 -20.07
N SER E 46 41.43 46.86 -19.75
CA SER E 46 40.98 47.95 -18.91
C SER E 46 41.60 47.85 -17.52
N GLY E 47 41.74 46.64 -17.00
CA GLY E 47 42.33 46.47 -15.68
C GLY E 47 43.76 46.97 -15.63
N LEU E 48 44.57 46.57 -16.60
CA LEU E 48 45.97 47.00 -16.65
C LEU E 48 46.07 48.50 -16.88
N PHE E 49 45.26 49.04 -17.80
CA PHE E 49 45.40 50.45 -18.15
C PHE E 49 44.90 51.32 -17.00
N GLY E 50 43.86 50.86 -16.30
CA GLY E 50 43.41 51.55 -15.11
C GLY E 50 44.43 51.46 -13.99
N LEU E 51 45.16 50.35 -13.92
CA LEU E 51 46.27 50.27 -12.97
C LEU E 51 47.32 51.32 -13.29
N LEU E 52 47.62 51.50 -14.57
CA LEU E 52 48.52 52.58 -14.99
C LEU E 52 48.01 53.93 -14.49
N GLY E 53 46.73 54.21 -14.72
CA GLY E 53 46.18 55.48 -14.28
C GLY E 53 46.23 55.65 -12.78
N MET E 54 45.87 54.61 -12.03
CA MET E 54 45.80 54.69 -10.58
C MET E 54 47.19 54.88 -9.97
N VAL E 55 48.17 54.14 -10.48
CA VAL E 55 49.53 54.29 -9.97
C VAL E 55 50.08 55.65 -10.34
N CYS E 56 49.76 56.14 -11.54
CA CYS E 56 50.22 57.48 -11.92
C CYS E 56 49.65 58.53 -10.98
N GLY E 57 48.36 58.41 -10.66
CA GLY E 57 47.76 59.35 -9.72
C GLY E 57 48.36 59.25 -8.33
N ILE E 58 48.62 58.02 -7.88
CA ILE E 58 49.25 57.84 -6.58
C ILE E 58 50.60 58.52 -6.55
N VAL E 59 51.40 58.34 -7.61
CA VAL E 59 52.70 58.97 -7.66
C VAL E 59 52.57 60.48 -7.67
N GLY E 60 51.67 61.00 -8.47
CA GLY E 60 51.53 62.44 -8.56
C GLY E 60 50.94 63.10 -7.35
N PHE E 61 50.26 62.34 -6.49
CA PHE E 61 49.60 62.94 -5.33
C PHE E 61 50.59 63.64 -4.43
N SER E 62 51.85 63.21 -4.44
CA SER E 62 52.88 63.89 -3.68
C SER E 62 53.66 64.83 -4.59
N ARG F 22 12.98 35.47 -36.19
CA ARG F 22 12.34 34.80 -35.06
C ARG F 22 13.18 33.61 -34.62
N GLY F 23 12.84 33.06 -33.46
CA GLY F 23 13.51 31.84 -33.01
C GLY F 23 14.95 32.12 -32.61
N LEU F 24 15.78 31.08 -32.69
CA LEU F 24 17.18 31.21 -32.28
C LEU F 24 17.94 32.18 -33.18
N GLU F 25 17.58 32.23 -34.46
CA GLU F 25 18.27 33.13 -35.39
C GLU F 25 18.08 34.59 -34.97
N ARG F 26 16.86 34.97 -34.59
CA ARG F 26 16.65 36.33 -34.11
C ARG F 26 17.42 36.59 -32.82
N ASP F 27 17.71 35.54 -32.07
CA ASP F 27 18.62 35.70 -30.94
C ASP F 27 20.06 35.79 -31.42
N LEU F 28 20.39 35.08 -32.50
CA LEU F 28 21.76 35.07 -32.99
C LEU F 28 22.18 36.45 -33.48
N ILE F 29 21.40 37.06 -34.37
CA ILE F 29 21.70 38.41 -34.82
C ILE F 29 21.53 39.39 -33.65
N GLY F 30 20.56 39.11 -32.78
CA GLY F 30 20.32 39.99 -31.65
C GLY F 30 21.56 40.19 -30.82
N GLU F 31 22.19 39.09 -30.40
CA GLU F 31 23.47 39.21 -29.70
C GLU F 31 24.57 39.68 -30.66
N PHE F 32 24.50 39.24 -31.92
CA PHE F 32 25.57 39.51 -32.87
C PHE F 32 25.82 41.00 -33.05
N VAL F 33 24.78 41.82 -32.83
CA VAL F 33 24.95 43.26 -32.85
C VAL F 33 24.73 43.92 -31.49
N LYS F 34 24.06 43.24 -30.55
CA LYS F 34 23.98 43.78 -29.20
C LYS F 34 25.37 43.84 -28.58
N SER F 35 26.15 42.77 -28.72
CA SER F 35 27.53 42.83 -28.28
C SER F 35 28.35 43.84 -29.09
N ARG F 36 27.98 44.10 -30.33
CA ARG F 36 28.56 45.23 -31.05
C ARG F 36 28.37 46.50 -30.25
N LYS F 37 27.15 46.74 -29.78
CA LYS F 37 26.88 47.94 -29.02
C LYS F 37 27.81 48.06 -27.83
N THR F 38 27.95 46.98 -27.06
CA THR F 38 28.74 47.02 -25.83
C THR F 38 30.22 47.16 -26.14
N ALA F 39 30.72 46.44 -27.14
CA ALA F 39 32.11 46.59 -27.52
C ALA F 39 32.40 48.01 -27.98
N TRP F 40 31.49 48.59 -28.77
CA TRP F 40 31.66 49.97 -29.21
C TRP F 40 31.64 50.92 -28.03
N ARG F 41 30.75 50.68 -27.07
CA ARG F 41 30.67 51.57 -25.92
C ARG F 41 31.95 51.51 -25.08
N VAL F 42 32.49 50.31 -24.88
CA VAL F 42 33.74 50.19 -24.15
C VAL F 42 34.87 50.85 -24.92
N ALA F 43 34.90 50.68 -26.24
CA ALA F 43 35.96 51.31 -27.04
C ALA F 43 35.87 52.83 -26.97
N THR F 44 34.65 53.36 -27.01
CA THR F 44 34.48 54.80 -26.90
C THR F 44 34.87 55.29 -25.51
N ALA F 45 34.54 54.52 -24.48
CA ALA F 45 34.92 54.92 -23.12
C ALA F 45 36.43 54.93 -22.97
N SER F 46 37.12 53.92 -23.51
CA SER F 46 38.57 53.89 -23.46
C SER F 46 39.16 55.05 -24.26
N GLY F 47 38.60 55.33 -25.44
CA GLY F 47 39.07 56.46 -26.22
C GLY F 47 38.88 57.78 -25.49
N LEU F 48 37.72 57.96 -24.86
CA LEU F 48 37.46 59.18 -24.11
C LEU F 48 38.41 59.32 -22.94
N PHE F 49 38.61 58.24 -22.18
CA PHE F 49 39.52 58.30 -21.05
C PHE F 49 40.94 58.61 -21.50
N GLY F 50 41.37 57.97 -22.58
CA GLY F 50 42.73 58.19 -23.05
C GLY F 50 42.95 59.60 -23.54
N LEU F 51 42.00 60.14 -24.33
CA LEU F 51 42.13 61.52 -24.78
C LEU F 51 42.03 62.49 -23.61
N LEU F 52 41.24 62.15 -22.59
CA LEU F 52 41.21 62.96 -21.38
C LEU F 52 42.58 63.01 -20.73
N GLY F 53 43.19 61.85 -20.54
CA GLY F 53 44.52 61.83 -19.96
C GLY F 53 45.51 62.62 -20.78
N MET F 54 45.48 62.42 -22.11
CA MET F 54 46.43 63.12 -22.97
C MET F 54 46.25 64.63 -22.88
N VAL F 55 45.01 65.08 -22.97
CA VAL F 55 44.76 66.52 -22.98
C VAL F 55 45.12 67.14 -21.63
N CYS F 56 44.69 66.50 -20.53
CA CYS F 56 44.99 67.06 -19.23
C CYS F 56 46.49 67.09 -18.98
N GLY F 57 47.19 66.02 -19.31
CA GLY F 57 48.63 66.02 -19.13
C GLY F 57 49.32 67.09 -19.95
N ILE F 58 48.98 67.15 -21.25
CA ILE F 58 49.61 68.13 -22.13
C ILE F 58 49.31 69.55 -21.65
N VAL F 59 48.16 69.74 -21.01
CA VAL F 59 47.92 70.99 -20.31
C VAL F 59 48.87 71.10 -19.13
N GLY F 60 49.21 69.97 -18.52
CA GLY F 60 50.12 69.99 -17.39
C GLY F 60 51.53 70.38 -17.79
N PHE F 61 51.95 70.01 -19.00
CA PHE F 61 53.35 70.16 -19.38
C PHE F 61 53.80 71.60 -19.25
N SER F 62 52.98 72.53 -19.73
CA SER F 62 53.31 73.94 -19.61
C SER F 62 53.02 74.45 -18.20
#